data_7TXZ
#
_entry.id   7TXZ
#
loop_
_entity.id
_entity.type
_entity.pdbx_description
1 polymer 'Glycoprotein G'
2 polymer 'nAH1.3 Fab heavy chain'
3 polymer 'nAH1.3 Fab light chain'
4 branched 2-acetamido-2-deoxy-beta-D-glucopyranose-(1-4)-2-acetamido-2-deoxy-beta-D-glucopyranose
5 branched 2-acetamido-2-deoxy-beta-D-glucopyranose-(1-4)-[alpha-L-fucopyranose-(1-6)]2-acetamido-2-deoxy-beta-D-glucopyranose
6 non-polymer 2-acetamido-2-deoxy-beta-D-glucopyranose
#
loop_
_entity_poly.entity_id
_entity_poly.type
_entity_poly.pdbx_seq_one_letter_code
_entity_poly.pdbx_strand_id
1 'polypeptide(L)'
;HHHHHHIQNYTRSTDNQAVIKDALQGIQQQIKGLADKIGTEIGPKVSLIDTSSTITIPANIGLLGSKISQSTASINENVN
EKCKFTLPPLKIHECNISCPNPLPFREYRPQTEGVSNLVGLPNNICLQKTSNQILKPKLISYTLPVVGQSGTCITDPLLA
MDEGYFAYSHLERIGSCSRGVSKQRIIGVGEVLDRGDEVPSLFMTNVWTPPNPNTVYHCSAVYNNEFYYVLCAVSTVGDP
ILNSTYWSGSLMMTRLAVKPKSNGGGYNQHQLALRSIEKGRYDKVMPYGPSGIKQGDTLYFPAVGFLVRTEFKYNDSNCP
ITKCQYSKPENCRLSMGIRPNSHYILRSGLLKYNLSDGENPKVVFIEISDQRLSIGSPSKIYDSLGQPVFYQASFSWDTM
IKFGDVLTVNPLVVNWRNNTVISRPGQSQCPRFNTCPEICWEGVYNDAFLIDRINWISAGVFLDSNQTAENPVFTVFKDN
EILYRAQLASEDTNAQKTITNCFLLKNKIWCISLVEIYDTGDNVIRPKLFAVKIPEQCY
;
A,B,D,C
2 'polypeptide(L)'
;EVKLEESGGGLVQPGGSMKLSCVASGFSFSYYWMNWVRQSPEKGLEWVAEIRLKSNNYGTHYAESVKGRFTISRDDSKSS
VYLQMNNLRPEDTGIYYCTRVITTVFAYWGQGTLVTVSAAKTTPPSVYPLAPGSAAQTNSMVTLGCLVKGYFPEPVTVTW
NSGSLSSGVHTFPAVLQSDLYTLSSSVTVPSSTWPSETVTCNVAHPASSTKVDKKIVPRDCGCKPCICTVPEVSSVFIFP
PKPKDVLTITLTPKVTCVVVDISKDDPEVQFSWFVDDVEVHTAQTQPREEQFNSTFRSVSELPIMHQDWLNGKEFKCRVN
SAAFPAPIEKTISKTKGRPKAPQVYTIPPPKEQMAKDKVSLTCMITDFFPEDITVEWQWNGQPAENYKNTQPIMDTDGSY
FVYSKLNVQKSNWEAGNTFTCSVLHEGLHNHHTEKSLSHSPGKGGSGGGSWSHPQFEK
;
E,H
3 'polypeptide(L)'
;DIVLTQSPASLAVSLGQRATISCRASESVHDYGISFMNWFQQKPGQPPKLLIYSASNQGSGVPARFSGSGSGTDFSLNIH
PMEEDDIAMYFCQQSKEVPYTFGGGTKLEIKRADAAPTVSIFPPSSEQLTSGGASVVCFLNNFYPKDINVKWKIDGSERQ
NGVLNSWTDQDSKDSTYSMSSTLTLTKDEYERHNSYTCEATHKTSTSPIVKSFNRNEC
;
F,L
#
# COMPACT_ATOMS: atom_id res chain seq x y z
N ILE A 68 10.41 73.38 0.17
CA ILE A 68 11.31 72.23 0.16
C ILE A 68 10.76 71.10 1.05
N SER A 69 10.29 71.45 2.26
CA SER A 69 9.79 70.48 3.25
C SER A 69 8.54 69.76 2.78
N GLN A 70 7.75 70.42 1.93
CA GLN A 70 6.57 69.78 1.39
C GLN A 70 6.97 68.77 0.33
N SER A 71 8.04 69.07 -0.41
CA SER A 71 8.54 68.19 -1.45
C SER A 71 9.21 67.00 -0.79
N THR A 72 9.86 67.27 0.33
CA THR A 72 10.50 66.24 1.10
C THR A 72 9.48 65.23 1.56
N ALA A 73 8.39 65.73 2.12
CA ALA A 73 7.32 64.88 2.60
C ALA A 73 6.71 64.09 1.47
N SER A 74 6.58 64.70 0.29
CA SER A 74 6.01 64.02 -0.85
C SER A 74 6.83 62.81 -1.22
N ILE A 75 8.15 62.97 -1.26
CA ILE A 75 9.04 61.86 -1.58
C ILE A 75 8.96 60.77 -0.52
N ASN A 76 8.95 61.17 0.74
CA ASN A 76 8.89 60.19 1.82
C ASN A 76 7.66 59.33 1.68
N GLU A 77 6.51 59.97 1.46
CA GLU A 77 5.25 59.25 1.28
C GLU A 77 5.31 58.41 0.02
N ASN A 78 5.86 59.00 -1.05
CA ASN A 78 5.90 58.33 -2.32
C ASN A 78 6.57 56.98 -2.21
N VAL A 79 7.74 56.94 -1.60
CA VAL A 79 8.44 55.67 -1.58
C VAL A 79 7.81 54.64 -0.66
N ASN A 80 7.33 55.00 0.53
CA ASN A 80 6.81 53.93 1.35
C ASN A 80 5.45 53.47 0.86
N GLU A 81 4.71 54.36 0.19
CA GLU A 81 3.42 53.98 -0.35
C GLU A 81 3.58 53.11 -1.58
N LYS A 82 4.54 53.44 -2.45
CA LYS A 82 4.73 52.71 -3.69
C LYS A 82 5.36 51.32 -3.54
N CYS A 83 6.34 51.16 -2.62
CA CYS A 83 7.06 49.89 -2.50
C CYS A 83 6.57 49.09 -1.27
N LYS A 84 5.34 49.32 -0.86
CA LYS A 84 4.82 48.48 0.19
C LYS A 84 4.48 47.15 -0.46
N PHE A 85 5.29 46.13 -0.20
CA PHE A 85 5.15 44.85 -0.88
C PHE A 85 5.11 43.62 0.00
N THR A 86 4.30 43.61 1.05
CA THR A 86 4.23 42.40 1.83
C THR A 86 3.50 41.35 0.99
N LEU A 87 3.74 40.08 1.28
CA LEU A 87 3.10 39.03 0.50
C LEU A 87 2.94 37.74 1.31
N PRO A 88 1.96 36.88 0.95
CA PRO A 88 1.68 35.57 1.53
C PRO A 88 2.78 34.58 1.20
N PRO A 89 2.91 33.50 1.97
CA PRO A 89 3.89 32.45 1.82
C PRO A 89 3.76 31.78 0.47
N LEU A 90 4.88 31.40 -0.11
CA LEU A 90 4.88 30.76 -1.40
C LEU A 90 4.49 29.30 -1.28
N LYS A 91 3.72 28.83 -2.24
CA LYS A 91 3.34 27.43 -2.28
C LYS A 91 4.21 26.68 -3.25
N ILE A 92 5.22 26.00 -2.73
CA ILE A 92 6.17 25.29 -3.58
C ILE A 92 5.48 24.19 -4.37
N HIS A 93 4.44 23.61 -3.78
CA HIS A 93 3.66 22.56 -4.40
C HIS A 93 2.73 23.06 -5.51
N GLU A 94 2.56 24.36 -5.61
CA GLU A 94 1.77 24.97 -6.67
C GLU A 94 2.68 25.97 -7.38
N CYS A 95 3.81 25.46 -7.88
CA CYS A 95 4.91 26.24 -8.44
C CYS A 95 5.72 25.34 -9.37
N ASN A 96 6.68 25.93 -10.08
CA ASN A 96 7.53 25.14 -10.97
C ASN A 96 8.91 24.91 -10.35
N ILE A 97 9.21 23.63 -9.99
CA ILE A 97 10.50 23.28 -9.40
C ILE A 97 11.34 22.48 -10.39
N SER A 98 12.55 22.96 -10.65
CA SER A 98 13.45 22.33 -11.60
C SER A 98 14.77 21.94 -10.90
N CYS A 99 15.01 20.63 -10.79
CA CYS A 99 16.15 20.03 -10.10
C CYS A 99 16.95 19.18 -11.08
N PRO A 100 18.21 18.87 -10.79
CA PRO A 100 19.02 17.91 -11.51
C PRO A 100 18.33 16.56 -11.50
N ASN A 101 18.42 15.82 -12.59
CA ASN A 101 17.75 14.51 -12.68
C ASN A 101 16.29 14.57 -12.23
N PRO A 102 15.47 15.45 -12.81
CA PRO A 102 14.11 15.74 -12.43
C PRO A 102 13.13 14.63 -12.76
N LEU A 103 11.99 14.64 -12.09
CA LEU A 103 10.89 13.76 -12.41
C LEU A 103 9.99 14.50 -13.38
N PRO A 104 9.20 13.82 -14.22
CA PRO A 104 8.25 14.41 -15.12
C PRO A 104 7.34 15.36 -14.36
N PHE A 105 7.16 16.56 -14.89
CA PHE A 105 6.34 17.58 -14.24
C PHE A 105 4.87 17.23 -14.27
N ARG A 106 4.39 16.80 -15.44
CA ARG A 106 2.99 16.48 -15.63
C ARG A 106 2.12 17.67 -15.22
N GLU A 107 1.19 17.46 -14.30
CA GLU A 107 0.30 18.54 -13.86
C GLU A 107 -0.14 18.30 -12.43
N TYR A 108 -0.06 19.34 -11.59
CA TYR A 108 -0.51 19.18 -10.21
C TYR A 108 -1.99 19.46 -10.08
N ARG A 109 -2.73 18.40 -9.81
CA ARG A 109 -4.17 18.47 -9.68
C ARG A 109 -4.63 17.59 -8.52
N PRO A 110 -4.54 18.10 -7.29
CA PRO A 110 -4.68 17.37 -6.05
C PRO A 110 -6.10 16.90 -5.89
N GLN A 111 -6.29 15.90 -5.04
CA GLN A 111 -7.59 15.31 -4.74
C GLN A 111 -8.13 14.45 -5.88
N THR A 112 -7.30 14.17 -6.88
CA THR A 112 -7.67 13.24 -7.95
C THR A 112 -6.63 12.13 -7.98
N GLU A 113 -5.54 12.39 -7.29
CA GLU A 113 -4.36 11.53 -7.22
C GLU A 113 -4.57 10.27 -6.39
N GLY A 114 -5.55 10.29 -5.51
CA GLY A 114 -5.87 9.15 -4.65
C GLY A 114 -7.23 8.58 -5.03
N VAL A 115 -7.98 8.15 -4.04
CA VAL A 115 -9.30 7.60 -4.26
C VAL A 115 -10.35 8.69 -4.29
N SER A 116 -11.22 8.65 -5.29
CA SER A 116 -12.27 9.64 -5.45
C SER A 116 -13.56 9.00 -5.92
N ASN A 117 -14.65 9.76 -5.89
CA ASN A 117 -15.94 9.27 -6.32
C ASN A 117 -16.04 9.11 -7.81
N LEU A 118 -16.96 8.25 -8.27
CA LEU A 118 -17.15 8.08 -9.70
C LEU A 118 -17.98 9.22 -10.24
N VAL A 119 -17.36 10.38 -10.42
CA VAL A 119 -18.12 11.51 -10.93
C VAL A 119 -17.42 12.24 -12.07
N GLY A 120 -18.14 12.43 -13.16
CA GLY A 120 -17.67 13.28 -14.26
C GLY A 120 -16.88 12.61 -15.38
N LEU A 121 -16.47 11.36 -15.23
CA LEU A 121 -15.70 10.74 -16.31
C LEU A 121 -16.40 9.57 -16.96
N PRO A 122 -16.37 9.48 -18.29
CA PRO A 122 -16.87 8.39 -19.11
C PRO A 122 -15.85 7.28 -19.13
N ASN A 123 -15.66 6.64 -17.99
CA ASN A 123 -14.63 5.62 -17.86
C ASN A 123 -14.86 4.47 -18.81
N ASN A 124 -13.78 3.83 -19.24
CA ASN A 124 -13.88 2.67 -20.09
C ASN A 124 -14.00 1.39 -19.29
N ILE A 125 -15.10 0.70 -19.51
CA ILE A 125 -15.38 -0.60 -18.92
C ILE A 125 -15.89 -1.48 -20.04
N CYS A 126 -15.82 -2.80 -19.90
CA CYS A 126 -16.43 -3.69 -20.89
C CYS A 126 -17.95 -3.66 -20.77
N LEU A 127 -18.61 -3.45 -21.88
CA LEU A 127 -20.06 -3.35 -21.94
C LEU A 127 -20.70 -4.50 -22.70
N GLN A 128 -19.96 -5.58 -22.87
CA GLN A 128 -20.46 -6.72 -23.61
C GLN A 128 -20.54 -7.93 -22.72
N LYS A 129 -21.44 -8.85 -23.04
CA LYS A 129 -21.55 -10.07 -22.28
C LYS A 129 -20.41 -11.01 -22.63
N THR A 130 -19.83 -11.64 -21.63
CA THR A 130 -18.76 -12.59 -21.88
C THR A 130 -18.69 -13.70 -20.85
N SER A 131 -18.12 -14.82 -21.25
CA SER A 131 -17.85 -15.93 -20.34
C SER A 131 -16.40 -15.90 -19.86
N ASN A 132 -15.64 -14.92 -20.33
CA ASN A 132 -14.23 -14.81 -19.98
C ASN A 132 -14.06 -14.39 -18.53
N GLN A 133 -13.07 -14.97 -17.86
CA GLN A 133 -12.83 -14.63 -16.47
C GLN A 133 -12.03 -13.35 -16.39
N ILE A 134 -12.73 -12.23 -16.55
CA ILE A 134 -12.09 -10.93 -16.62
C ILE A 134 -12.14 -10.18 -15.30
N LEU A 135 -13.04 -10.58 -14.43
CA LEU A 135 -13.10 -10.03 -13.09
C LEU A 135 -12.25 -10.90 -12.19
N LYS A 136 -11.30 -10.30 -11.49
CA LYS A 136 -10.39 -11.06 -10.65
C LYS A 136 -10.24 -10.45 -9.27
N PRO A 137 -11.17 -10.71 -8.35
CA PRO A 137 -11.28 -10.13 -7.03
C PRO A 137 -10.05 -10.38 -6.18
N LYS A 138 -9.63 -9.35 -5.46
CA LYS A 138 -8.51 -9.46 -4.55
C LYS A 138 -9.06 -9.48 -3.14
N LEU A 139 -8.54 -10.32 -2.28
CA LEU A 139 -9.06 -10.36 -0.93
C LEU A 139 -8.27 -9.45 -0.01
N ILE A 140 -8.95 -8.47 0.56
CA ILE A 140 -8.35 -7.46 1.43
C ILE A 140 -9.01 -7.44 2.79
N SER A 141 -9.48 -8.60 3.23
CA SER A 141 -10.19 -8.68 4.51
C SER A 141 -9.32 -8.29 5.68
N TYR A 142 -8.02 -8.34 5.49
CA TYR A 142 -7.05 -8.02 6.54
C TYR A 142 -6.96 -6.54 6.84
N THR A 143 -7.64 -5.72 6.05
CA THR A 143 -7.58 -4.28 6.25
C THR A 143 -8.52 -3.81 7.36
N LEU A 144 -9.52 -4.60 7.70
CA LEU A 144 -10.43 -4.24 8.77
C LEU A 144 -10.27 -5.20 9.94
N PRO A 145 -10.60 -4.78 11.17
CA PRO A 145 -10.49 -5.57 12.37
C PRO A 145 -11.58 -6.61 12.47
N VAL A 146 -11.59 -7.53 11.50
CA VAL A 146 -12.59 -8.59 11.45
C VAL A 146 -11.94 -9.93 11.63
N VAL A 147 -10.70 -9.92 12.10
CA VAL A 147 -9.98 -11.14 12.35
C VAL A 147 -10.50 -11.79 13.62
N GLY A 148 -10.64 -10.97 14.66
CA GLY A 148 -11.23 -11.44 15.91
C GLY A 148 -10.48 -12.65 16.45
N GLN A 149 -11.26 -13.69 16.73
CA GLN A 149 -10.77 -14.94 17.28
C GLN A 149 -11.76 -16.05 16.96
N SER A 150 -11.35 -17.30 17.15
CA SER A 150 -12.21 -18.44 16.85
C SER A 150 -13.46 -18.50 17.72
N GLY A 151 -13.44 -17.79 18.84
CA GLY A 151 -14.56 -17.81 19.78
C GLY A 151 -15.60 -16.71 19.52
N THR A 152 -15.43 -15.91 18.48
CA THR A 152 -16.37 -14.82 18.24
C THR A 152 -17.00 -14.82 16.84
N CYS A 153 -18.15 -14.13 16.74
CA CYS A 153 -18.94 -13.95 15.53
C CYS A 153 -19.23 -12.47 15.34
N ILE A 154 -19.12 -12.02 14.09
CA ILE A 154 -19.32 -10.61 13.77
C ILE A 154 -20.62 -10.34 13.05
N THR A 155 -21.45 -9.49 13.63
CA THR A 155 -22.75 -9.20 13.04
C THR A 155 -22.98 -7.72 12.80
N ASP A 156 -24.04 -7.45 12.04
CA ASP A 156 -24.45 -6.10 11.70
C ASP A 156 -23.32 -5.23 11.20
N PRO A 157 -22.61 -5.62 10.14
CA PRO A 157 -21.56 -4.86 9.53
C PRO A 157 -22.13 -3.66 8.80
N LEU A 158 -21.34 -2.61 8.76
CA LEU A 158 -21.61 -1.42 8.00
C LEU A 158 -20.37 -1.01 7.28
N LEU A 159 -20.50 -0.62 6.02
CA LEU A 159 -19.38 -0.03 5.33
C LEU A 159 -19.85 1.04 4.37
N ALA A 160 -19.38 2.24 4.61
CA ALA A 160 -19.76 3.40 3.82
C ALA A 160 -18.52 4.00 3.21
N MET A 161 -18.64 4.52 2.00
CA MET A 161 -17.51 5.20 1.40
C MET A 161 -17.94 6.48 0.72
N ASP A 162 -17.09 7.50 0.82
CA ASP A 162 -17.33 8.77 0.15
C ASP A 162 -16.05 9.61 0.06
N GLU A 163 -15.69 10.00 -1.15
CA GLU A 163 -14.53 10.87 -1.41
C GLU A 163 -13.23 10.38 -0.79
N GLY A 164 -12.98 9.09 -0.86
CA GLY A 164 -11.71 8.55 -0.38
C GLY A 164 -11.72 8.20 1.10
N TYR A 165 -12.84 8.36 1.77
CA TYR A 165 -12.93 8.04 3.17
C TYR A 165 -13.95 6.97 3.40
N PHE A 166 -13.84 6.24 4.49
CA PHE A 166 -14.84 5.23 4.77
C PHE A 166 -15.23 5.22 6.22
N ALA A 167 -16.39 4.65 6.48
CA ALA A 167 -16.84 4.40 7.83
C ALA A 167 -17.21 2.96 7.94
N TYR A 168 -16.80 2.33 9.02
CA TYR A 168 -17.05 0.92 9.19
C TYR A 168 -17.47 0.61 10.60
N SER A 169 -18.41 -0.30 10.72
CA SER A 169 -18.86 -0.70 12.03
C SER A 169 -19.28 -2.15 12.08
N HIS A 170 -19.10 -2.76 13.24
CA HIS A 170 -19.64 -4.10 13.46
C HIS A 170 -19.83 -4.37 14.93
N LEU A 171 -20.64 -5.36 15.24
CA LEU A 171 -20.81 -5.76 16.62
C LEU A 171 -20.21 -7.14 16.86
N GLU A 172 -19.30 -7.21 17.81
CA GLU A 172 -18.66 -8.47 18.14
C GLU A 172 -19.36 -9.16 19.28
N ARG A 173 -19.84 -10.37 19.02
CA ARG A 173 -20.54 -11.15 20.04
C ARG A 173 -19.79 -12.41 20.39
N ILE A 174 -19.84 -12.77 21.65
CA ILE A 174 -19.16 -13.94 22.18
C ILE A 174 -20.04 -15.17 22.04
N GLY A 175 -19.47 -16.22 21.47
CA GLY A 175 -20.23 -17.44 21.22
C GLY A 175 -21.02 -17.24 19.95
N SER A 176 -22.02 -18.08 19.72
CA SER A 176 -22.79 -17.96 18.50
C SER A 176 -23.62 -16.69 18.60
N CYS A 177 -23.33 -15.71 17.74
CA CYS A 177 -23.90 -14.35 17.75
C CYS A 177 -25.41 -14.27 17.74
N SER A 178 -26.09 -15.18 17.08
CA SER A 178 -27.54 -15.13 17.06
C SER A 178 -28.11 -15.12 18.49
N ARG A 179 -27.44 -15.84 19.39
CA ARG A 179 -27.85 -15.95 20.78
C ARG A 179 -26.67 -15.60 21.68
N GLY A 180 -25.72 -14.83 21.13
CA GLY A 180 -24.48 -14.54 21.82
C GLY A 180 -24.56 -13.29 22.66
N VAL A 181 -23.43 -12.95 23.27
CA VAL A 181 -23.36 -11.78 24.14
C VAL A 181 -22.41 -10.73 23.62
N SER A 182 -22.93 -9.52 23.45
CA SER A 182 -22.13 -8.45 22.91
C SER A 182 -20.95 -8.12 23.80
N LYS A 183 -19.79 -7.96 23.18
CA LYS A 183 -18.59 -7.55 23.87
C LYS A 183 -18.22 -6.13 23.49
N GLN A 184 -18.27 -5.84 22.20
CA GLN A 184 -17.89 -4.53 21.75
C GLN A 184 -18.60 -4.08 20.49
N ARG A 185 -19.12 -2.87 20.52
CA ARG A 185 -19.68 -2.25 19.33
C ARG A 185 -18.64 -1.30 18.81
N ILE A 186 -18.11 -1.57 17.64
CA ILE A 186 -17.04 -0.73 17.13
C ILE A 186 -17.48 0.11 15.96
N ILE A 187 -17.27 1.42 16.06
CA ILE A 187 -17.55 2.32 14.97
C ILE A 187 -16.30 3.12 14.66
N GLY A 188 -15.83 3.08 13.42
CA GLY A 188 -14.63 3.85 13.16
C GLY A 188 -14.55 4.33 11.73
N VAL A 189 -13.60 5.20 11.50
CA VAL A 189 -13.40 5.79 10.19
C VAL A 189 -11.95 5.75 9.77
N GLY A 190 -11.75 5.94 8.48
CA GLY A 190 -10.40 5.98 7.95
C GLY A 190 -10.40 6.31 6.48
N GLU A 191 -9.28 6.04 5.84
CA GLU A 191 -9.08 6.38 4.45
C GLU A 191 -9.09 5.15 3.55
N VAL A 192 -9.50 5.32 2.32
CA VAL A 192 -9.40 4.26 1.31
C VAL A 192 -8.28 4.68 0.39
N LEU A 193 -7.29 3.82 0.22
CA LEU A 193 -6.14 4.22 -0.57
C LEU A 193 -5.31 3.05 -1.06
N ASP A 194 -4.44 3.33 -2.01
CA ASP A 194 -3.43 2.37 -2.42
C ASP A 194 -2.31 2.43 -1.39
N ARG A 195 -2.18 1.40 -0.58
CA ARG A 195 -1.23 1.45 0.50
C ARG A 195 0.12 0.93 0.09
N GLY A 196 0.28 0.62 -1.19
CA GLY A 196 1.55 0.13 -1.70
C GLY A 196 1.45 -1.24 -2.32
N ASP A 197 0.26 -1.83 -2.30
CA ASP A 197 0.06 -3.13 -2.90
C ASP A 197 -0.75 -3.07 -4.20
N GLU A 198 -1.04 -1.86 -4.68
CA GLU A 198 -1.79 -1.60 -5.91
C GLU A 198 -3.23 -2.08 -5.85
N VAL A 199 -3.74 -2.26 -4.63
CA VAL A 199 -5.13 -2.61 -4.40
C VAL A 199 -5.68 -1.64 -3.35
N PRO A 200 -6.81 -0.98 -3.57
CA PRO A 200 -7.36 -0.05 -2.62
C PRO A 200 -7.66 -0.80 -1.34
N SER A 201 -7.15 -0.29 -0.25
CA SER A 201 -7.30 -0.89 1.06
C SER A 201 -7.86 0.10 2.02
N LEU A 202 -8.39 -0.39 3.12
CA LEU A 202 -8.97 0.47 4.12
C LEU A 202 -8.03 0.67 5.29
N PHE A 203 -7.73 1.92 5.60
CA PHE A 203 -6.82 2.26 6.69
C PHE A 203 -7.56 2.93 7.85
N MET A 204 -7.90 2.15 8.87
CA MET A 204 -8.70 2.66 9.98
C MET A 204 -7.86 3.23 11.10
N THR A 205 -8.15 4.47 11.46
CA THR A 205 -7.38 5.15 12.50
C THR A 205 -8.21 5.69 13.65
N ASN A 206 -9.49 5.94 13.41
CA ASN A 206 -10.31 6.59 14.44
C ASN A 206 -11.44 5.71 14.89
N VAL A 207 -11.31 5.16 16.08
CA VAL A 207 -12.30 4.21 16.57
C VAL A 207 -13.00 4.63 17.85
N TRP A 208 -14.32 4.64 17.80
CA TRP A 208 -15.16 4.95 18.94
C TRP A 208 -15.89 3.72 19.44
N THR A 209 -15.99 3.58 20.75
CA THR A 209 -16.72 2.47 21.36
C THR A 209 -17.70 3.04 22.40
N PRO A 210 -18.98 2.66 22.38
CA PRO A 210 -19.99 3.08 23.32
C PRO A 210 -19.76 2.43 24.66
N PRO A 211 -20.28 3.01 25.75
CA PRO A 211 -20.26 2.49 27.10
C PRO A 211 -21.13 1.25 27.25
N ASN A 212 -22.03 1.04 26.31
CA ASN A 212 -22.94 -0.10 26.36
C ASN A 212 -23.26 -0.59 24.95
N PRO A 213 -22.67 -1.70 24.49
CA PRO A 213 -22.77 -2.23 23.16
C PRO A 213 -24.15 -2.79 22.86
N ASN A 214 -24.98 -2.93 23.89
CA ASN A 214 -26.29 -3.52 23.72
C ASN A 214 -27.36 -2.49 23.40
N THR A 215 -26.98 -1.23 23.27
CA THR A 215 -27.98 -0.21 22.98
C THR A 215 -27.87 0.38 21.58
N VAL A 216 -26.76 0.17 20.89
CA VAL A 216 -26.56 0.79 19.59
C VAL A 216 -27.01 -0.11 18.44
N TYR A 217 -28.03 0.35 17.70
CA TYR A 217 -28.63 -0.41 16.61
C TYR A 217 -28.78 0.35 15.30
N HIS A 218 -28.71 -0.39 14.20
CA HIS A 218 -29.05 0.16 12.88
C HIS A 218 -28.39 1.48 12.55
N CYS A 219 -27.06 1.52 12.60
CA CYS A 219 -26.27 2.72 12.31
C CYS A 219 -26.23 3.00 10.82
N SER A 220 -26.17 4.28 10.47
CA SER A 220 -26.06 4.72 9.09
C SER A 220 -25.08 5.88 8.97
N ALA A 221 -24.15 5.82 8.01
CA ALA A 221 -23.11 6.84 7.95
C ALA A 221 -23.16 7.76 6.73
N VAL A 222 -22.90 9.06 6.96
CA VAL A 222 -22.77 10.07 5.92
C VAL A 222 -21.51 10.92 6.09
N TYR A 223 -20.72 11.05 5.05
CA TYR A 223 -19.52 11.87 5.10
C TYR A 223 -19.82 13.33 4.83
N ASN A 224 -19.22 14.24 5.60
CA ASN A 224 -19.36 15.66 5.32
C ASN A 224 -18.27 16.51 5.98
N ASN A 225 -17.55 17.28 5.17
CA ASN A 225 -16.54 18.22 5.68
C ASN A 225 -15.52 17.64 6.65
N GLU A 226 -14.90 16.53 6.26
CA GLU A 226 -13.85 15.87 7.03
C GLU A 226 -14.34 15.16 8.28
N PHE A 227 -15.64 15.01 8.42
CA PHE A 227 -16.21 14.22 9.49
C PHE A 227 -17.12 13.16 8.91
N TYR A 228 -17.27 12.06 9.63
CA TYR A 228 -18.16 11.04 9.14
C TYR A 228 -19.26 10.88 10.17
N TYR A 229 -20.46 11.32 9.83
CA TYR A 229 -21.55 11.35 10.77
C TYR A 229 -22.26 10.02 10.80
N VAL A 230 -22.38 9.43 11.96
CA VAL A 230 -23.03 8.14 12.07
C VAL A 230 -24.26 8.26 12.95
N LEU A 231 -25.41 8.02 12.37
CA LEU A 231 -26.68 8.13 13.08
C LEU A 231 -27.14 6.74 13.47
N CYS A 232 -27.29 6.49 14.78
CA CYS A 232 -27.65 5.17 15.33
C CYS A 232 -28.90 5.29 16.17
N ALA A 233 -29.64 4.21 16.27
CA ALA A 233 -30.79 4.14 17.14
C ALA A 233 -30.33 3.73 18.51
N VAL A 234 -30.98 4.24 19.54
CA VAL A 234 -30.67 3.78 20.89
C VAL A 234 -31.83 3.00 21.45
N SER A 235 -31.58 1.77 21.84
CA SER A 235 -32.65 0.94 22.34
C SER A 235 -32.28 0.09 23.53
N THR A 236 -33.13 0.12 24.54
CA THR A 236 -32.95 -0.68 25.73
C THR A 236 -33.92 -1.85 25.70
N VAL A 237 -34.59 -2.03 24.57
CA VAL A 237 -35.55 -3.11 24.38
C VAL A 237 -35.12 -4.04 23.26
N GLY A 238 -33.85 -3.97 22.88
CA GLY A 238 -33.33 -4.82 21.83
C GLY A 238 -33.60 -4.25 20.45
N ASP A 239 -33.59 -5.11 19.43
CA ASP A 239 -33.74 -4.62 18.09
C ASP A 239 -35.06 -3.85 17.99
N PRO A 240 -35.02 -2.54 17.69
CA PRO A 240 -36.15 -1.63 17.68
C PRO A 240 -37.18 -1.97 16.61
N ILE A 241 -36.81 -2.82 15.65
CA ILE A 241 -37.80 -3.22 14.65
C ILE A 241 -38.65 -4.35 15.16
N LEU A 242 -38.01 -5.31 15.81
CA LEU A 242 -38.71 -6.47 16.32
C LEU A 242 -39.57 -6.12 17.55
N ASN A 243 -39.12 -5.15 18.36
CA ASN A 243 -39.81 -4.68 19.58
C ASN A 243 -40.18 -3.20 19.45
N SER A 244 -40.69 -2.79 18.29
CA SER A 244 -41.02 -1.41 17.92
C SER A 244 -42.11 -0.78 18.76
N THR A 245 -42.89 -1.59 19.44
CA THR A 245 -43.97 -1.09 20.26
C THR A 245 -43.47 -0.66 21.64
N TYR A 246 -42.23 -1.01 21.97
CA TYR A 246 -41.66 -0.64 23.26
C TYR A 246 -40.45 0.26 23.10
N TRP A 247 -40.12 0.60 21.87
CA TRP A 247 -38.96 1.43 21.59
C TRP A 247 -39.25 2.88 21.90
N SER A 248 -38.29 3.56 22.52
CA SER A 248 -38.43 4.95 22.91
C SER A 248 -38.39 5.92 21.72
N GLY A 249 -37.75 5.51 20.65
CA GLY A 249 -37.63 6.37 19.48
C GLY A 249 -36.41 7.29 19.55
N SER A 250 -35.59 7.13 20.58
CA SER A 250 -34.41 7.97 20.75
C SER A 250 -33.29 7.62 19.80
N LEU A 251 -32.74 8.64 19.16
CA LEU A 251 -31.60 8.49 18.24
C LEU A 251 -30.37 9.18 18.81
N MET A 252 -29.19 8.77 18.38
CA MET A 252 -27.95 9.44 18.77
C MET A 252 -27.06 9.70 17.56
N MET A 253 -26.34 10.81 17.56
CA MET A 253 -25.46 11.11 16.45
C MET A 253 -23.99 11.15 16.85
N THR A 254 -23.17 10.39 16.17
CA THR A 254 -21.73 10.36 16.45
C THR A 254 -20.96 11.02 15.31
N ARG A 255 -20.05 11.91 15.64
CA ARG A 255 -19.26 12.57 14.61
C ARG A 255 -17.79 12.23 14.74
N LEU A 256 -17.25 11.47 13.79
CA LEU A 256 -15.85 11.09 13.88
C LEU A 256 -15.01 11.79 12.82
N ALA A 257 -13.86 12.31 13.21
CA ALA A 257 -12.96 12.93 12.22
C ALA A 257 -12.34 11.86 11.34
N VAL A 258 -12.27 12.10 10.04
CA VAL A 258 -11.64 11.11 9.17
C VAL A 258 -10.13 11.24 9.23
N LYS A 259 -9.64 12.44 9.54
CA LYS A 259 -8.21 12.68 9.76
C LYS A 259 -8.00 13.30 11.13
N PRO A 260 -7.93 12.49 12.19
CA PRO A 260 -7.85 12.86 13.58
C PRO A 260 -6.60 13.65 13.87
N LYS A 261 -6.65 14.47 14.91
CA LYS A 261 -5.49 15.21 15.36
C LYS A 261 -5.03 14.67 16.69
N SER A 262 -3.75 14.76 16.98
CA SER A 262 -3.33 14.36 18.30
C SER A 262 -3.95 15.32 19.28
N ASN A 263 -4.42 14.79 20.41
CA ASN A 263 -5.05 15.61 21.43
C ASN A 263 -6.19 16.45 20.83
N GLY A 264 -6.95 15.85 19.92
CA GLY A 264 -8.05 16.55 19.26
C GLY A 264 -9.28 16.75 20.15
N GLY A 265 -9.47 15.86 21.11
CA GLY A 265 -10.64 15.96 21.97
C GLY A 265 -11.91 15.82 21.15
N GLY A 266 -12.80 16.81 21.25
CA GLY A 266 -14.07 16.82 20.56
C GLY A 266 -13.90 16.90 19.04
N TYR A 267 -12.71 17.26 18.60
CA TYR A 267 -12.44 17.27 17.17
C TYR A 267 -12.47 15.86 16.64
N ASN A 268 -11.93 14.92 17.40
CA ASN A 268 -11.81 13.56 16.92
C ASN A 268 -13.09 12.76 17.13
N GLN A 269 -13.67 12.89 18.31
CA GLN A 269 -14.88 12.12 18.61
C GLN A 269 -15.88 12.95 19.37
N HIS A 270 -17.02 13.24 18.74
CA HIS A 270 -18.01 14.06 19.40
C HIS A 270 -19.40 13.46 19.38
N GLN A 271 -20.09 13.56 20.51
CA GLN A 271 -21.47 13.10 20.61
C GLN A 271 -22.43 14.25 20.45
N LEU A 272 -23.36 14.09 19.53
CA LEU A 272 -24.35 15.11 19.26
C LEU A 272 -25.71 14.63 19.73
N ALA A 273 -26.38 15.44 20.53
CA ALA A 273 -27.69 15.06 21.02
C ALA A 273 -28.74 15.37 19.97
N LEU A 274 -29.70 14.47 19.82
CA LEU A 274 -30.80 14.70 18.92
C LEU A 274 -32.08 14.80 19.72
N ARG A 275 -32.44 16.02 20.10
CA ARG A 275 -33.57 16.21 20.99
C ARG A 275 -34.83 16.69 20.27
N SER A 276 -34.73 16.88 18.97
CA SER A 276 -35.88 17.34 18.21
C SER A 276 -36.02 16.55 16.92
N ILE A 277 -37.02 15.69 16.88
CA ILE A 277 -37.23 14.84 15.71
C ILE A 277 -38.57 15.20 15.09
N GLU A 278 -38.54 15.56 13.81
CA GLU A 278 -39.75 15.87 13.05
C GLU A 278 -40.17 14.64 12.29
N LYS A 279 -41.18 13.98 12.81
CA LYS A 279 -41.60 12.69 12.29
C LYS A 279 -42.78 12.79 11.35
N GLY A 280 -43.36 13.96 11.23
CA GLY A 280 -44.57 14.08 10.46
C GLY A 280 -45.67 13.26 11.12
N ARG A 281 -46.25 12.32 10.38
CA ARG A 281 -47.33 11.50 10.91
C ARG A 281 -46.84 10.17 11.52
N TYR A 282 -45.53 9.97 11.52
CA TYR A 282 -44.96 8.72 12.02
C TYR A 282 -44.78 8.79 13.54
N ASP A 283 -44.93 7.66 14.22
CA ASP A 283 -44.76 7.65 15.67
C ASP A 283 -43.29 7.67 16.02
N LYS A 284 -42.51 6.89 15.29
CA LYS A 284 -41.08 6.82 15.51
C LYS A 284 -40.35 6.71 14.20
N VAL A 285 -39.13 7.21 14.14
CA VAL A 285 -38.34 7.04 12.93
C VAL A 285 -36.99 6.50 13.29
N MET A 286 -36.35 5.79 12.37
CA MET A 286 -35.07 5.19 12.66
C MET A 286 -34.15 5.17 11.44
N PRO A 287 -32.84 5.34 11.59
CA PRO A 287 -31.85 5.15 10.54
C PRO A 287 -31.88 3.68 10.16
N TYR A 288 -31.77 3.38 8.88
CA TYR A 288 -31.83 1.98 8.48
C TYR A 288 -31.17 1.75 7.13
N GLY A 289 -29.85 1.66 7.13
CA GLY A 289 -29.12 1.49 5.88
C GLY A 289 -27.65 1.90 6.02
N PRO A 290 -26.71 1.21 5.37
CA PRO A 290 -25.28 1.44 5.45
C PRO A 290 -24.83 2.89 5.31
N SER A 291 -25.39 3.61 4.35
CA SER A 291 -24.88 4.95 4.11
C SER A 291 -25.85 5.88 3.43
N GLY A 292 -25.50 7.15 3.45
CA GLY A 292 -26.29 8.17 2.80
C GLY A 292 -25.48 9.13 1.95
N ILE A 293 -26.07 10.28 1.68
CA ILE A 293 -25.48 11.30 0.81
C ILE A 293 -25.40 12.65 1.49
N LYS A 294 -24.63 13.54 0.89
CA LYS A 294 -24.57 14.89 1.39
C LYS A 294 -24.88 15.84 0.26
N GLN A 295 -25.63 16.88 0.57
CA GLN A 295 -25.90 17.92 -0.39
C GLN A 295 -25.60 19.25 0.26
N GLY A 296 -24.38 19.73 0.06
CA GLY A 296 -23.96 20.93 0.74
C GLY A 296 -23.92 20.69 2.25
N ASP A 297 -24.71 21.46 2.97
CA ASP A 297 -24.77 21.42 4.42
C ASP A 297 -25.75 20.39 4.99
N THR A 298 -26.41 19.63 4.12
CA THR A 298 -27.42 18.69 4.60
C THR A 298 -27.13 17.23 4.33
N LEU A 299 -27.26 16.42 5.38
CA LEU A 299 -27.00 15.00 5.29
C LEU A 299 -28.31 14.23 5.14
N TYR A 300 -28.34 13.25 4.24
CA TYR A 300 -29.52 12.42 4.11
C TYR A 300 -29.20 10.97 4.41
N PHE A 301 -29.76 10.47 5.50
CA PHE A 301 -29.50 9.10 5.91
C PHE A 301 -30.66 8.23 5.45
N PRO A 302 -30.45 6.98 5.04
CA PRO A 302 -31.49 6.03 4.74
C PRO A 302 -32.22 5.75 6.02
N ALA A 303 -33.53 5.64 5.96
CA ALA A 303 -34.31 5.46 7.17
C ALA A 303 -35.65 4.80 6.94
N VAL A 304 -36.25 4.36 8.03
CA VAL A 304 -37.60 3.80 8.01
C VAL A 304 -38.48 4.46 9.04
N GLY A 305 -39.69 4.79 8.65
CA GLY A 305 -40.65 5.36 9.58
C GLY A 305 -41.61 4.30 10.08
N PHE A 306 -42.00 4.42 11.33
CA PHE A 306 -42.94 3.50 11.97
C PHE A 306 -44.28 4.18 12.14
N LEU A 307 -45.21 3.84 11.26
CA LEU A 307 -46.53 4.45 11.25
C LEU A 307 -47.47 3.51 11.93
N VAL A 308 -48.49 4.03 12.58
CA VAL A 308 -49.44 3.11 13.15
C VAL A 308 -50.20 2.48 12.00
N ARG A 309 -50.29 1.15 12.00
CA ARG A 309 -50.89 0.43 10.90
C ARG A 309 -52.25 0.95 10.48
N THR A 310 -53.08 1.30 11.45
CA THR A 310 -54.45 1.71 11.18
C THR A 310 -54.54 3.09 10.53
N GLU A 311 -53.44 3.81 10.48
CA GLU A 311 -53.38 5.13 9.89
C GLU A 311 -52.90 5.05 8.43
N PHE A 312 -52.42 3.88 8.04
CA PHE A 312 -51.86 3.73 6.71
C PHE A 312 -52.93 3.80 5.67
N LYS A 313 -52.75 4.68 4.69
CA LYS A 313 -53.72 4.84 3.63
C LYS A 313 -53.26 4.10 2.39
N TYR A 314 -54.02 3.10 1.99
CA TYR A 314 -53.66 2.30 0.84
C TYR A 314 -54.92 1.69 0.20
N ASN A 315 -55.03 1.80 -1.12
CA ASN A 315 -56.12 1.23 -1.89
C ASN A 315 -55.71 -0.13 -2.48
N ASP A 316 -56.33 -1.21 -1.99
CA ASP A 316 -56.01 -2.59 -2.38
C ASP A 316 -56.28 -2.83 -3.87
N SER A 317 -57.09 -1.96 -4.48
CA SER A 317 -57.42 -2.09 -5.89
C SER A 317 -56.22 -1.80 -6.76
N ASN A 318 -55.19 -1.19 -6.17
CA ASN A 318 -53.95 -0.90 -6.90
C ASN A 318 -52.85 -1.98 -6.70
N CYS A 319 -53.21 -3.12 -6.08
CA CYS A 319 -52.34 -4.23 -5.80
C CYS A 319 -52.15 -5.08 -7.07
N PRO A 320 -50.91 -5.38 -7.48
CA PRO A 320 -50.58 -6.08 -8.71
C PRO A 320 -50.90 -7.56 -8.65
N ILE A 321 -52.19 -7.88 -8.68
CA ILE A 321 -52.69 -9.25 -8.62
C ILE A 321 -52.87 -9.79 -10.04
N THR A 322 -52.72 -8.91 -11.01
CA THR A 322 -52.87 -9.27 -12.40
C THR A 322 -51.93 -10.39 -12.78
N LYS A 323 -52.49 -11.41 -13.41
CA LYS A 323 -51.79 -12.61 -13.85
C LYS A 323 -51.14 -13.45 -12.75
N CYS A 324 -51.78 -13.52 -11.56
CA CYS A 324 -51.39 -14.41 -10.47
C CYS A 324 -52.63 -14.90 -9.75
N GLN A 325 -52.88 -16.20 -9.84
CA GLN A 325 -54.12 -16.80 -9.34
C GLN A 325 -54.00 -17.28 -7.91
N TYR A 326 -52.87 -17.02 -7.30
CA TYR A 326 -52.60 -17.52 -5.97
C TYR A 326 -52.43 -16.40 -4.96
N SER A 327 -53.06 -15.27 -5.19
CA SER A 327 -52.88 -14.12 -4.30
C SER A 327 -54.15 -13.30 -4.11
N LYS A 328 -54.11 -12.46 -3.09
CA LYS A 328 -55.20 -11.57 -2.76
C LYS A 328 -54.73 -10.12 -2.86
N PRO A 329 -55.62 -9.16 -3.17
CA PRO A 329 -55.41 -7.72 -3.17
C PRO A 329 -54.89 -7.19 -1.84
N GLU A 330 -55.08 -7.97 -0.80
CA GLU A 330 -54.66 -7.60 0.54
C GLU A 330 -53.19 -7.89 0.80
N ASN A 331 -52.61 -8.85 0.09
CA ASN A 331 -51.27 -9.30 0.47
C ASN A 331 -50.20 -8.22 0.42
N CYS A 332 -50.26 -7.32 -0.57
CA CYS A 332 -49.27 -6.27 -0.77
C CYS A 332 -49.40 -5.16 0.28
N ARG A 333 -50.53 -5.11 0.98
CA ARG A 333 -50.70 -4.15 2.06
C ARG A 333 -50.29 -4.78 3.38
N LEU A 334 -50.68 -6.03 3.58
CA LEU A 334 -50.41 -6.71 4.83
C LEU A 334 -48.92 -6.90 5.02
N SER A 335 -48.22 -7.15 3.91
CA SER A 335 -46.78 -7.39 3.89
C SER A 335 -45.96 -6.18 4.29
N MET A 336 -46.61 -5.02 4.41
CA MET A 336 -45.92 -3.79 4.81
C MET A 336 -45.47 -3.83 6.27
N GLY A 337 -46.00 -4.76 7.06
CA GLY A 337 -45.56 -4.91 8.44
C GLY A 337 -44.64 -6.11 8.51
N ILE A 338 -44.20 -6.49 9.70
CA ILE A 338 -43.30 -7.64 9.76
C ILE A 338 -44.08 -8.90 10.11
N ARG A 339 -45.39 -8.74 10.10
CA ARG A 339 -46.39 -9.77 10.33
C ARG A 339 -47.76 -9.15 10.03
N PRO A 340 -48.79 -9.94 9.66
CA PRO A 340 -50.13 -9.51 9.27
C PRO A 340 -50.83 -8.61 10.29
N ASN A 341 -50.44 -8.71 11.54
CA ASN A 341 -51.07 -7.92 12.58
C ASN A 341 -50.08 -7.02 13.32
N SER A 342 -48.97 -6.67 12.68
CA SER A 342 -48.00 -5.79 13.32
C SER A 342 -48.63 -4.46 13.65
N HIS A 343 -48.40 -3.96 14.86
CA HIS A 343 -48.97 -2.68 15.27
C HIS A 343 -48.47 -1.58 14.38
N TYR A 344 -47.17 -1.61 14.11
CA TYR A 344 -46.54 -0.62 13.27
C TYR A 344 -46.31 -1.12 11.86
N ILE A 345 -46.42 -0.21 10.93
CA ILE A 345 -46.19 -0.53 9.52
C ILE A 345 -44.96 0.26 9.10
N LEU A 346 -44.06 -0.38 8.38
CA LEU A 346 -42.77 0.23 8.08
C LEU A 346 -42.66 0.76 6.67
N ARG A 347 -42.26 2.01 6.53
CA ARG A 347 -42.08 2.62 5.22
C ARG A 347 -40.74 3.32 5.10
N SER A 348 -40.04 3.09 3.99
CA SER A 348 -38.72 3.69 3.79
C SER A 348 -38.78 5.17 3.52
N GLY A 349 -37.64 5.81 3.69
CA GLY A 349 -37.48 7.23 3.47
C GLY A 349 -36.08 7.65 3.91
N LEU A 350 -35.91 8.93 4.15
CA LEU A 350 -34.65 9.52 4.56
C LEU A 350 -34.78 10.32 5.85
N LEU A 351 -33.71 10.39 6.62
CA LEU A 351 -33.64 11.32 7.74
C LEU A 351 -32.70 12.43 7.39
N LYS A 352 -33.24 13.62 7.26
CA LYS A 352 -32.51 14.80 6.87
C LYS A 352 -31.95 15.52 8.08
N TYR A 353 -30.64 15.73 8.09
CA TYR A 353 -30.00 16.42 9.19
C TYR A 353 -29.24 17.61 8.62
N ASN A 354 -29.71 18.83 8.91
CA ASN A 354 -29.15 20.06 8.37
C ASN A 354 -28.15 20.67 9.36
N LEU A 355 -26.87 20.62 9.00
CA LEU A 355 -25.74 20.98 9.87
C LEU A 355 -25.63 22.47 10.09
N SER A 356 -26.35 23.25 9.30
CA SER A 356 -26.31 24.70 9.47
C SER A 356 -27.61 25.24 10.06
N ASP A 357 -28.54 24.37 10.45
CA ASP A 357 -29.81 24.87 10.97
C ASP A 357 -29.73 25.15 12.46
N GLY A 358 -28.90 26.13 12.81
CA GLY A 358 -28.67 26.54 14.19
C GLY A 358 -27.86 25.48 14.92
N GLU A 359 -27.95 25.51 16.24
CA GLU A 359 -27.24 24.54 17.08
C GLU A 359 -28.19 23.43 17.41
N ASN A 360 -27.66 22.24 17.69
CA ASN A 360 -28.51 21.11 18.02
C ASN A 360 -29.66 20.99 17.01
N PRO A 361 -29.36 20.91 15.70
CA PRO A 361 -30.31 20.93 14.62
C PRO A 361 -31.22 19.71 14.67
N LYS A 362 -32.40 19.88 14.13
CA LYS A 362 -33.43 18.84 14.13
C LYS A 362 -33.26 17.82 13.02
N VAL A 363 -33.84 16.65 13.26
CA VAL A 363 -33.86 15.56 12.28
C VAL A 363 -35.22 15.51 11.62
N VAL A 364 -35.27 15.50 10.29
CA VAL A 364 -36.55 15.50 9.58
C VAL A 364 -36.77 14.25 8.73
N PHE A 365 -37.85 13.53 8.96
CA PHE A 365 -38.12 12.34 8.18
C PHE A 365 -38.89 12.63 6.90
N ILE A 366 -38.35 12.14 5.80
CA ILE A 366 -38.91 12.26 4.46
C ILE A 366 -39.36 10.89 3.95
N GLU A 367 -40.65 10.66 3.81
CA GLU A 367 -41.08 9.33 3.38
C GLU A 367 -40.92 9.15 1.88
N ILE A 368 -40.71 7.92 1.45
CA ILE A 368 -40.61 7.57 0.03
C ILE A 368 -41.99 7.47 -0.58
N SER A 369 -42.12 7.96 -1.82
CA SER A 369 -43.38 7.92 -2.55
C SER A 369 -43.85 6.50 -2.86
N ASP A 370 -45.14 6.36 -3.12
CA ASP A 370 -45.76 5.05 -3.31
C ASP A 370 -45.70 4.50 -4.72
N GLN A 371 -44.50 4.24 -5.17
CA GLN A 371 -44.23 3.61 -6.45
C GLN A 371 -43.53 2.31 -6.14
N ARG A 372 -44.15 1.17 -6.48
CA ARG A 372 -43.60 -0.12 -6.09
C ARG A 372 -43.33 -0.11 -4.58
N LEU A 373 -44.31 0.34 -3.82
CA LEU A 373 -44.16 0.44 -2.39
C LEU A 373 -44.00 -0.95 -1.77
N SER A 374 -43.03 -1.08 -0.89
CA SER A 374 -42.78 -2.34 -0.18
C SER A 374 -42.32 -2.01 1.22
N ILE A 375 -42.17 -3.04 2.05
CA ILE A 375 -41.84 -2.79 3.44
C ILE A 375 -40.55 -2.07 3.61
N GLY A 376 -40.51 -1.14 4.56
CA GLY A 376 -39.28 -0.47 4.85
C GLY A 376 -38.23 -1.52 5.13
N SER A 377 -37.08 -1.34 4.54
CA SER A 377 -36.00 -2.30 4.58
C SER A 377 -34.72 -1.52 4.53
N PRO A 378 -33.56 -2.11 4.80
CA PRO A 378 -32.30 -1.44 4.72
C PRO A 378 -32.22 -0.88 3.33
N SER A 379 -31.82 0.36 3.25
CA SER A 379 -31.74 1.03 1.97
C SER A 379 -30.47 1.83 1.92
N LYS A 380 -30.09 2.29 0.76
CA LYS A 380 -28.91 3.10 0.67
C LYS A 380 -29.12 4.21 -0.31
N ILE A 381 -28.64 5.39 -0.01
CA ILE A 381 -28.71 6.43 -0.99
C ILE A 381 -27.28 6.86 -1.23
N TYR A 382 -26.86 6.91 -2.47
CA TYR A 382 -25.47 7.24 -2.75
C TYR A 382 -25.31 8.11 -3.97
N ASP A 383 -24.22 8.86 -4.01
CA ASP A 383 -23.93 9.73 -5.14
C ASP A 383 -23.12 9.00 -6.19
N SER A 384 -23.67 8.91 -7.39
CA SER A 384 -22.97 8.24 -8.46
C SER A 384 -23.11 8.95 -9.79
N LEU A 385 -21.97 9.27 -10.38
CA LEU A 385 -21.92 9.87 -11.70
C LEU A 385 -22.79 11.12 -11.82
N GLY A 386 -22.81 11.94 -10.77
CA GLY A 386 -23.51 13.22 -10.81
C GLY A 386 -24.90 13.27 -10.17
N GLN A 387 -25.49 12.13 -9.86
CA GLN A 387 -26.82 12.14 -9.27
C GLN A 387 -27.01 11.03 -8.22
N PRO A 388 -27.72 11.29 -7.11
CA PRO A 388 -28.12 10.32 -6.12
C PRO A 388 -28.91 9.16 -6.70
N VAL A 389 -28.58 7.97 -6.26
CA VAL A 389 -29.24 6.73 -6.64
C VAL A 389 -29.73 6.05 -5.39
N PHE A 390 -30.96 5.59 -5.40
CA PHE A 390 -31.50 4.97 -4.21
C PHE A 390 -31.61 3.47 -4.41
N TYR A 391 -31.22 2.73 -3.40
CA TYR A 391 -31.33 1.28 -3.38
C TYR A 391 -32.19 0.84 -2.23
N GLN A 392 -33.11 -0.07 -2.48
CA GLN A 392 -33.90 -0.61 -1.39
C GLN A 392 -33.88 -2.12 -1.43
N ALA A 393 -33.52 -2.75 -0.31
CA ALA A 393 -33.52 -4.20 -0.25
C ALA A 393 -34.93 -4.71 -0.33
N SER A 394 -35.14 -5.88 -0.91
CA SER A 394 -36.49 -6.41 -0.91
C SER A 394 -36.72 -7.46 0.14
N PHE A 395 -37.48 -7.11 1.17
CA PHE A 395 -37.80 -8.07 2.20
C PHE A 395 -39.25 -8.50 2.02
N SER A 396 -39.83 -8.04 0.93
CA SER A 396 -41.21 -8.32 0.59
C SER A 396 -41.30 -9.25 -0.61
N TRP A 397 -42.52 -9.43 -1.06
CA TRP A 397 -42.90 -10.26 -2.18
C TRP A 397 -42.34 -9.79 -3.53
N ASP A 398 -41.97 -8.52 -3.63
CA ASP A 398 -41.44 -7.93 -4.86
C ASP A 398 -39.94 -8.11 -4.87
N THR A 399 -39.47 -9.26 -5.36
CA THR A 399 -38.08 -9.66 -5.14
C THR A 399 -37.11 -9.21 -6.21
N MET A 400 -37.59 -8.55 -7.25
CA MET A 400 -36.65 -8.07 -8.27
C MET A 400 -35.86 -6.93 -7.66
N ILE A 401 -34.61 -6.77 -8.04
CA ILE A 401 -33.82 -5.73 -7.43
C ILE A 401 -34.50 -4.39 -7.61
N LYS A 402 -34.57 -3.64 -6.53
CA LYS A 402 -35.25 -2.37 -6.51
C LYS A 402 -34.32 -1.21 -6.28
N PHE A 403 -33.92 -0.54 -7.35
CA PHE A 403 -33.03 0.59 -7.22
C PHE A 403 -33.23 1.48 -8.41
N GLY A 404 -32.77 2.72 -8.32
CA GLY A 404 -32.88 3.63 -9.44
C GLY A 404 -32.61 5.06 -9.05
N ASP A 405 -32.65 5.94 -10.03
CA ASP A 405 -32.38 7.34 -9.81
C ASP A 405 -33.34 8.04 -8.89
N VAL A 406 -32.81 8.94 -8.10
CA VAL A 406 -33.65 9.77 -7.27
C VAL A 406 -34.07 10.99 -8.06
N LEU A 407 -35.36 11.14 -8.29
CA LEU A 407 -35.85 12.25 -9.08
C LEU A 407 -35.98 13.46 -8.19
N THR A 408 -36.37 13.21 -6.96
CA THR A 408 -36.51 14.25 -5.98
C THR A 408 -36.00 13.71 -4.65
N VAL A 409 -35.25 14.51 -3.92
CA VAL A 409 -34.75 14.06 -2.62
C VAL A 409 -35.77 14.33 -1.52
N ASN A 410 -36.46 15.46 -1.63
CA ASN A 410 -37.46 15.84 -0.63
C ASN A 410 -38.67 16.48 -1.32
N PRO A 411 -39.76 15.72 -1.50
CA PRO A 411 -40.06 14.35 -1.09
C PRO A 411 -39.21 13.36 -1.85
N LEU A 412 -39.04 12.17 -1.31
CA LEU A 412 -38.22 11.20 -2.01
C LEU A 412 -39.02 10.43 -3.04
N VAL A 413 -38.63 10.61 -4.29
CA VAL A 413 -39.25 9.97 -5.43
C VAL A 413 -38.19 9.25 -6.23
N VAL A 414 -38.35 7.94 -6.42
CA VAL A 414 -37.32 7.18 -7.11
C VAL A 414 -37.84 6.53 -8.39
N ASN A 415 -37.10 6.72 -9.47
CA ASN A 415 -37.44 6.17 -10.78
C ASN A 415 -36.89 4.76 -10.88
N TRP A 416 -37.55 3.83 -10.23
CA TRP A 416 -37.02 2.47 -10.11
C TRP A 416 -36.75 1.88 -11.49
N ARG A 417 -35.60 1.24 -11.64
CA ARG A 417 -35.20 0.58 -12.89
C ARG A 417 -36.02 -0.67 -13.11
N ASN A 418 -36.33 -0.98 -14.37
CA ASN A 418 -37.06 -2.20 -14.74
C ASN A 418 -36.11 -3.35 -14.96
N ASN A 419 -35.46 -3.78 -13.87
CA ASN A 419 -34.44 -4.81 -13.86
C ASN A 419 -35.04 -6.19 -13.68
N THR A 420 -34.88 -7.02 -14.68
CA THR A 420 -35.49 -8.33 -14.68
C THR A 420 -34.50 -9.49 -14.57
N VAL A 421 -33.24 -9.19 -14.30
CA VAL A 421 -32.25 -10.26 -14.23
C VAL A 421 -31.64 -10.43 -12.84
N ILE A 422 -31.68 -9.39 -12.03
CA ILE A 422 -31.12 -9.47 -10.69
C ILE A 422 -32.22 -9.57 -9.65
N SER A 423 -32.07 -10.54 -8.78
CA SER A 423 -32.99 -10.79 -7.67
C SER A 423 -32.20 -11.30 -6.50
N ARG A 424 -32.87 -11.90 -5.53
CA ARG A 424 -32.17 -12.38 -4.35
C ARG A 424 -32.92 -13.59 -3.80
N PRO A 425 -32.25 -14.47 -3.06
CA PRO A 425 -32.84 -15.65 -2.47
C PRO A 425 -33.82 -15.28 -1.39
N GLY A 426 -34.82 -16.12 -1.24
CA GLY A 426 -35.82 -15.98 -0.19
C GLY A 426 -35.91 -17.31 0.49
N GLN A 427 -36.97 -17.53 1.25
CA GLN A 427 -37.17 -18.80 1.91
C GLN A 427 -38.40 -19.49 1.34
N SER A 428 -39.30 -19.96 2.20
CA SER A 428 -40.39 -20.77 1.71
C SER A 428 -41.50 -19.96 1.03
N GLN A 429 -41.65 -18.69 1.38
CA GLN A 429 -42.79 -17.93 0.85
C GLN A 429 -42.52 -16.98 -0.33
N CYS A 430 -41.38 -16.23 -0.30
CA CYS A 430 -41.05 -15.23 -1.30
C CYS A 430 -39.65 -15.50 -1.90
N PRO A 431 -39.54 -16.55 -2.73
CA PRO A 431 -38.33 -17.08 -3.33
C PRO A 431 -37.81 -16.17 -4.43
N ARG A 432 -36.56 -16.41 -4.84
CA ARG A 432 -35.96 -15.59 -5.88
C ARG A 432 -36.82 -15.50 -7.15
N PHE A 433 -36.89 -14.29 -7.69
CA PHE A 433 -37.66 -13.92 -8.87
C PHE A 433 -39.17 -13.89 -8.68
N ASN A 434 -39.65 -14.00 -7.45
CA ASN A 434 -41.07 -13.83 -7.20
C ASN A 434 -41.51 -12.39 -7.41
N THR A 435 -42.59 -12.21 -8.17
CA THR A 435 -43.20 -10.90 -8.38
C THR A 435 -44.69 -10.79 -7.96
N CYS A 436 -45.24 -11.85 -7.32
CA CYS A 436 -46.64 -11.95 -6.89
C CYS A 436 -46.78 -11.68 -5.38
N PRO A 437 -47.66 -10.77 -4.96
CA PRO A 437 -47.94 -10.42 -3.57
C PRO A 437 -48.21 -11.63 -2.70
N GLU A 438 -47.50 -11.67 -1.57
CA GLU A 438 -47.56 -12.73 -0.58
C GLU A 438 -47.32 -12.16 0.79
N ILE A 439 -47.42 -12.99 1.81
CA ILE A 439 -47.16 -12.52 3.16
C ILE A 439 -45.83 -13.04 3.66
N CYS A 440 -44.82 -12.16 3.73
CA CYS A 440 -43.47 -12.53 4.13
C CYS A 440 -42.71 -11.34 4.66
N TRP A 441 -41.60 -11.63 5.31
CA TRP A 441 -40.62 -10.66 5.74
C TRP A 441 -39.31 -11.37 5.74
N GLU A 442 -38.72 -11.43 4.57
CA GLU A 442 -37.56 -12.27 4.37
C GLU A 442 -36.74 -11.77 3.20
N GLY A 443 -35.45 -11.97 3.28
CA GLY A 443 -34.55 -11.55 2.21
C GLY A 443 -33.33 -10.94 2.84
N VAL A 444 -32.32 -10.66 2.04
CA VAL A 444 -31.09 -10.08 2.53
C VAL A 444 -30.77 -8.82 1.75
N TYR A 445 -29.89 -8.01 2.28
CA TYR A 445 -29.47 -6.81 1.60
C TYR A 445 -28.35 -7.14 0.63
N ASN A 446 -28.67 -7.13 -0.66
CA ASN A 446 -27.69 -7.41 -1.70
C ASN A 446 -27.58 -6.18 -2.56
N ASP A 447 -26.57 -5.39 -2.29
CA ASP A 447 -26.46 -4.06 -2.84
C ASP A 447 -26.12 -4.03 -4.32
N ALA A 448 -26.08 -2.83 -4.86
CA ALA A 448 -25.71 -2.59 -6.24
C ALA A 448 -25.20 -1.17 -6.35
N PHE A 449 -24.16 -0.97 -7.12
CA PHE A 449 -23.61 0.35 -7.26
C PHE A 449 -23.53 0.68 -8.74
N LEU A 450 -23.99 1.86 -9.10
CA LEU A 450 -23.94 2.29 -10.50
C LEU A 450 -22.53 2.69 -10.93
N ILE A 451 -22.05 2.11 -12.04
CA ILE A 451 -20.72 2.46 -12.54
C ILE A 451 -20.74 3.13 -13.92
N ASP A 452 -21.88 3.07 -14.62
CA ASP A 452 -22.05 3.76 -15.90
C ASP A 452 -23.47 4.23 -16.17
N ARG A 453 -23.68 5.53 -16.37
CA ARG A 453 -25.01 6.05 -16.63
C ARG A 453 -25.52 5.92 -18.04
N ILE A 454 -24.64 5.86 -19.01
CA ILE A 454 -25.16 5.81 -20.36
C ILE A 454 -25.79 4.45 -20.63
N ASN A 455 -25.11 3.38 -20.22
CA ASN A 455 -25.65 2.04 -20.38
C ASN A 455 -26.30 1.50 -19.10
N TRP A 456 -26.39 2.34 -18.08
CA TRP A 456 -26.89 1.93 -16.77
C TRP A 456 -26.32 0.61 -16.31
N ILE A 457 -25.00 0.59 -16.20
CA ILE A 457 -24.29 -0.59 -15.75
C ILE A 457 -24.09 -0.50 -14.26
N SER A 458 -24.53 -1.53 -13.57
CA SER A 458 -24.38 -1.58 -12.13
C SER A 458 -23.54 -2.78 -11.76
N ALA A 459 -22.94 -2.75 -10.58
CA ALA A 459 -22.14 -3.85 -10.12
C ALA A 459 -22.46 -4.17 -8.67
N GLY A 460 -22.29 -5.42 -8.29
CA GLY A 460 -22.50 -5.76 -6.90
C GLY A 460 -22.42 -7.24 -6.65
N VAL A 461 -22.55 -7.64 -5.40
CA VAL A 461 -22.48 -9.05 -5.06
C VAL A 461 -23.84 -9.58 -4.72
N PHE A 462 -24.26 -10.59 -5.44
CA PHE A 462 -25.58 -11.14 -5.24
C PHE A 462 -25.42 -12.59 -4.88
N LEU A 463 -26.42 -13.14 -4.24
CA LEU A 463 -26.33 -14.54 -3.88
C LEU A 463 -27.04 -15.35 -4.95
N ASP A 464 -26.27 -16.12 -5.71
CA ASP A 464 -26.83 -16.85 -6.84
C ASP A 464 -27.41 -18.17 -6.35
N SER A 465 -28.58 -18.03 -5.74
CA SER A 465 -29.31 -19.09 -5.05
C SER A 465 -30.82 -18.81 -5.11
N ASN A 466 -31.66 -19.75 -4.60
CA ASN A 466 -33.14 -19.64 -4.69
C ASN A 466 -33.81 -19.63 -3.31
N GLN A 467 -33.59 -20.72 -2.53
CA GLN A 467 -34.21 -21.00 -1.22
C GLN A 467 -33.34 -20.65 -0.01
N THR A 468 -32.02 -20.59 -0.21
CA THR A 468 -31.10 -20.31 0.88
C THR A 468 -30.16 -19.20 0.49
N ALA A 469 -29.54 -18.54 1.46
CA ALA A 469 -28.61 -17.46 1.16
C ALA A 469 -27.19 -17.98 1.05
N GLU A 470 -26.72 -18.18 -0.19
CA GLU A 470 -25.42 -18.80 -0.44
C GLU A 470 -24.87 -18.39 -1.79
N ASN A 471 -23.60 -18.73 -2.04
CA ASN A 471 -22.97 -18.52 -3.34
C ASN A 471 -22.89 -17.07 -3.78
N PRO A 472 -22.14 -16.22 -3.08
CA PRO A 472 -21.92 -14.83 -3.43
C PRO A 472 -21.10 -14.73 -4.70
N VAL A 473 -21.64 -13.97 -5.64
CA VAL A 473 -21.02 -13.74 -6.94
C VAL A 473 -20.97 -12.25 -7.26
N PHE A 474 -19.82 -11.77 -7.67
CA PHE A 474 -19.71 -10.37 -8.03
C PHE A 474 -20.06 -10.26 -9.49
N THR A 475 -21.01 -9.40 -9.82
CA THR A 475 -21.41 -9.30 -11.21
C THR A 475 -21.65 -7.89 -11.67
N VAL A 476 -21.53 -7.72 -12.98
CA VAL A 476 -21.78 -6.47 -13.66
C VAL A 476 -22.97 -6.66 -14.60
N PHE A 477 -23.97 -5.78 -14.49
CA PHE A 477 -25.20 -5.98 -15.23
C PHE A 477 -25.95 -4.74 -15.71
N LYS A 478 -26.83 -5.00 -16.69
CA LYS A 478 -27.80 -4.09 -17.28
C LYS A 478 -29.19 -4.51 -16.83
N ASP A 479 -30.18 -3.66 -17.06
CA ASP A 479 -31.54 -3.98 -16.67
C ASP A 479 -32.02 -5.34 -17.20
N ASN A 480 -31.64 -5.67 -18.43
CA ASN A 480 -32.12 -6.91 -19.03
C ASN A 480 -31.03 -7.92 -19.34
N GLU A 481 -29.86 -7.75 -18.74
CA GLU A 481 -28.75 -8.63 -19.08
C GLU A 481 -27.66 -8.66 -18.03
N ILE A 482 -27.08 -9.83 -17.79
CA ILE A 482 -25.91 -9.90 -16.92
C ILE A 482 -24.70 -10.05 -17.82
N LEU A 483 -23.75 -9.12 -17.71
CA LEU A 483 -22.66 -9.09 -18.67
C LEU A 483 -21.52 -10.01 -18.28
N TYR A 484 -21.10 -9.94 -17.03
CA TYR A 484 -20.02 -10.80 -16.59
C TYR A 484 -19.95 -10.96 -15.09
N ARG A 485 -19.31 -12.04 -14.66
CA ARG A 485 -19.28 -12.35 -13.25
C ARG A 485 -18.01 -13.05 -12.79
N ALA A 486 -17.79 -12.99 -11.47
CA ALA A 486 -16.75 -13.75 -10.81
C ALA A 486 -17.28 -14.29 -9.50
N GLN A 487 -17.07 -15.57 -9.27
CA GLN A 487 -17.52 -16.19 -8.04
C GLN A 487 -16.57 -15.84 -6.91
N LEU A 488 -17.11 -15.46 -5.76
CA LEU A 488 -16.25 -15.07 -4.64
C LEU A 488 -16.02 -16.22 -3.69
N ALA A 489 -16.97 -17.14 -3.66
CA ALA A 489 -16.92 -18.29 -2.77
C ALA A 489 -17.65 -19.43 -3.43
N SER A 490 -17.36 -20.65 -3.02
CA SER A 490 -17.95 -21.82 -3.66
C SER A 490 -19.47 -21.86 -3.50
N GLU A 491 -20.12 -22.67 -4.34
CA GLU A 491 -21.57 -22.74 -4.39
C GLU A 491 -22.21 -23.06 -3.05
N ASP A 492 -21.56 -23.91 -2.27
CA ASP A 492 -22.09 -24.34 -1.00
C ASP A 492 -21.62 -23.49 0.17
N THR A 493 -21.03 -22.34 -0.11
CA THR A 493 -20.64 -21.43 0.94
C THR A 493 -21.75 -20.44 1.23
N ASN A 494 -22.21 -20.47 2.47
CA ASN A 494 -23.30 -19.63 2.95
C ASN A 494 -22.84 -18.18 3.02
N ALA A 495 -23.75 -17.25 2.71
CA ALA A 495 -23.43 -15.82 2.80
C ALA A 495 -24.69 -15.01 3.02
N GLN A 496 -24.54 -13.79 3.55
CA GLN A 496 -25.72 -12.93 3.76
C GLN A 496 -25.57 -11.50 3.22
N LYS A 497 -25.37 -10.54 4.12
CA LYS A 497 -25.38 -9.12 3.73
C LYS A 497 -24.19 -8.75 2.88
N THR A 498 -24.43 -8.01 1.79
CA THR A 498 -23.32 -7.56 0.96
C THR A 498 -23.42 -6.07 0.69
N ILE A 499 -22.34 -5.34 0.91
CA ILE A 499 -22.33 -3.91 0.68
C ILE A 499 -21.32 -3.56 -0.40
N THR A 500 -21.74 -2.83 -1.44
CA THR A 500 -20.81 -2.50 -2.53
C THR A 500 -20.59 -1.00 -2.69
N ASN A 501 -19.33 -0.61 -2.73
CA ASN A 501 -18.95 0.79 -2.92
C ASN A 501 -17.89 0.89 -4.02
N CYS A 502 -18.18 1.62 -5.11
CA CYS A 502 -17.26 1.78 -6.24
C CYS A 502 -16.68 3.19 -6.26
N PHE A 503 -15.46 3.28 -6.73
CA PHE A 503 -14.70 4.52 -6.75
C PHE A 503 -13.59 4.48 -7.78
N LEU A 504 -12.98 5.63 -8.05
CA LEU A 504 -11.83 5.62 -8.92
C LEU A 504 -10.53 5.60 -8.15
N LEU A 505 -9.60 4.82 -8.65
CA LEU A 505 -8.23 4.79 -8.16
C LEU A 505 -7.31 4.83 -9.36
N LYS A 506 -6.48 5.85 -9.45
CA LYS A 506 -5.61 6.02 -10.62
C LYS A 506 -6.44 6.04 -11.90
N ASN A 507 -7.60 6.67 -11.84
CA ASN A 507 -8.54 6.78 -12.97
C ASN A 507 -9.14 5.45 -13.44
N LYS A 508 -9.07 4.40 -12.62
CA LYS A 508 -9.69 3.13 -12.97
C LYS A 508 -10.82 2.83 -12.00
N ILE A 509 -11.83 2.10 -12.44
CA ILE A 509 -12.91 1.80 -11.51
C ILE A 509 -12.67 0.55 -10.71
N TRP A 510 -12.68 0.73 -9.40
CA TRP A 510 -12.56 -0.35 -8.44
C TRP A 510 -13.81 -0.38 -7.60
N CYS A 511 -14.23 -1.58 -7.20
CA CYS A 511 -15.37 -1.76 -6.30
C CYS A 511 -14.95 -2.62 -5.13
N ILE A 512 -15.28 -2.16 -3.93
CA ILE A 512 -15.02 -2.96 -2.75
C ILE A 512 -16.30 -3.51 -2.19
N SER A 513 -16.36 -4.82 -2.11
CA SER A 513 -17.55 -5.50 -1.63
C SER A 513 -17.33 -6.13 -0.28
N LEU A 514 -18.14 -5.74 0.69
CA LEU A 514 -18.05 -6.33 2.02
C LEU A 514 -19.09 -7.41 2.09
N VAL A 515 -18.66 -8.65 2.21
CA VAL A 515 -19.59 -9.76 2.14
C VAL A 515 -19.54 -10.61 3.39
N GLU A 516 -20.69 -10.86 4.01
CA GLU A 516 -20.71 -11.77 5.16
C GLU A 516 -20.65 -13.19 4.67
N ILE A 517 -19.54 -13.87 4.97
CA ILE A 517 -19.35 -15.23 4.51
C ILE A 517 -19.15 -16.17 5.67
N TYR A 518 -19.82 -17.31 5.64
CA TYR A 518 -19.73 -18.30 6.71
C TYR A 518 -18.42 -19.10 6.67
N ASP A 519 -17.73 -19.19 7.83
CA ASP A 519 -16.49 -19.95 8.03
C ASP A 519 -16.80 -21.20 8.86
N ASP A 522 -14.82 -22.56 12.19
CA ASP A 522 -15.22 -21.68 13.29
C ASP A 522 -16.74 -21.65 13.54
N ASN A 523 -17.53 -22.01 12.51
CA ASN A 523 -19.00 -22.01 12.43
C ASN A 523 -19.61 -20.67 12.84
N VAL A 524 -19.05 -19.61 12.28
CA VAL A 524 -19.49 -18.23 12.49
C VAL A 524 -19.54 -17.48 11.17
N ILE A 525 -20.21 -16.35 11.16
CA ILE A 525 -20.13 -15.48 9.99
C ILE A 525 -19.11 -14.39 10.23
N ARG A 526 -18.27 -14.18 9.23
CA ARG A 526 -17.22 -13.19 9.29
C ARG A 526 -17.16 -12.43 7.96
N PRO A 527 -17.20 -11.10 7.96
CA PRO A 527 -17.09 -10.26 6.79
C PRO A 527 -15.76 -10.43 6.08
N LYS A 528 -15.81 -10.41 4.75
CA LYS A 528 -14.63 -10.42 3.91
C LYS A 528 -14.73 -9.30 2.91
N LEU A 529 -13.61 -8.70 2.54
CA LEU A 529 -13.66 -7.60 1.62
C LEU A 529 -12.97 -7.91 0.32
N PHE A 530 -13.68 -7.74 -0.77
CA PHE A 530 -13.12 -8.04 -2.07
C PHE A 530 -12.95 -6.80 -2.89
N ALA A 531 -11.72 -6.54 -3.32
CA ALA A 531 -11.44 -5.39 -4.16
C ALA A 531 -11.41 -5.83 -5.60
N VAL A 532 -12.39 -5.40 -6.37
CA VAL A 532 -12.53 -5.87 -7.73
C VAL A 532 -12.32 -4.75 -8.71
N LYS A 533 -11.41 -4.95 -9.65
CA LYS A 533 -11.18 -3.95 -10.68
C LYS A 533 -12.13 -4.22 -11.83
N ILE A 534 -12.80 -3.19 -12.32
CA ILE A 534 -13.71 -3.38 -13.44
C ILE A 534 -12.93 -3.20 -14.75
N PRO A 535 -12.82 -4.25 -15.58
CA PRO A 535 -12.01 -4.32 -16.77
C PRO A 535 -12.48 -3.42 -17.89
N GLU A 536 -11.53 -2.85 -18.64
CA GLU A 536 -11.79 -2.01 -19.80
C GLU A 536 -12.33 -2.81 -20.98
N GLN A 537 -11.87 -4.05 -21.09
CA GLN A 537 -12.24 -4.88 -22.22
C GLN A 537 -12.35 -6.34 -21.79
N CYS A 538 -13.23 -7.11 -22.45
CA CYS A 538 -13.52 -8.52 -22.09
C CYS A 538 -12.51 -9.51 -22.68
N TYR A 539 -11.27 -9.36 -22.23
CA TYR A 539 -10.17 -10.23 -22.66
C TYR A 539 -9.48 -10.85 -21.46
N SER B 69 22.38 70.04 -5.09
CA SER B 69 22.15 69.13 -6.22
C SER B 69 22.75 67.74 -5.95
N GLN B 70 23.93 67.69 -5.33
CA GLN B 70 24.65 66.44 -5.05
C GLN B 70 23.84 65.54 -4.13
N SER B 71 23.06 66.14 -3.24
CA SER B 71 22.25 65.40 -2.32
C SER B 71 21.11 64.67 -3.04
N THR B 72 20.73 65.15 -4.21
CA THR B 72 19.68 64.52 -4.97
C THR B 72 20.25 63.29 -5.62
N ALA B 73 21.47 63.44 -6.14
CA ALA B 73 22.14 62.32 -6.77
C ALA B 73 22.34 61.21 -5.75
N SER B 74 22.68 61.60 -4.52
CA SER B 74 22.89 60.63 -3.45
C SER B 74 21.64 59.82 -3.18
N ILE B 75 20.49 60.50 -3.11
CA ILE B 75 19.25 59.81 -2.87
C ILE B 75 18.93 58.84 -3.99
N ASN B 76 19.11 59.26 -5.25
CA ASN B 76 18.79 58.37 -6.35
C ASN B 76 19.68 57.13 -6.33
N GLU B 77 20.95 57.32 -6.00
CA GLU B 77 21.87 56.19 -5.95
C GLU B 77 21.48 55.23 -4.84
N ASN B 78 21.10 55.77 -3.68
CA ASN B 78 20.72 54.94 -2.55
C ASN B 78 19.47 54.14 -2.86
N VAL B 79 18.54 54.75 -3.59
CA VAL B 79 17.34 54.04 -3.97
C VAL B 79 17.70 52.88 -4.88
N ASN B 80 18.50 53.14 -5.89
CA ASN B 80 18.79 52.10 -6.84
C ASN B 80 19.60 50.95 -6.25
N GLU B 81 20.47 51.26 -5.29
CA GLU B 81 21.27 50.24 -4.65
C GLU B 81 20.50 49.43 -3.59
N LYS B 82 19.58 50.08 -2.87
CA LYS B 82 18.89 49.39 -1.78
C LYS B 82 17.43 48.99 -2.06
N CYS B 83 16.67 49.76 -2.86
CA CYS B 83 15.27 49.53 -3.16
C CYS B 83 15.10 48.33 -4.09
N LYS B 84 15.96 48.31 -5.13
CA LYS B 84 15.97 47.20 -6.05
C LYS B 84 16.47 45.98 -5.29
N PHE B 85 15.84 44.83 -5.48
CA PHE B 85 16.30 43.69 -4.71
C PHE B 85 16.26 42.38 -5.44
N THR B 86 17.06 41.48 -4.91
CA THR B 86 17.11 40.06 -5.23
C THR B 86 17.13 39.40 -3.88
N LEU B 87 17.14 38.08 -3.82
CA LEU B 87 17.25 37.45 -2.52
C LEU B 87 18.42 36.48 -2.55
N PRO B 88 19.07 36.21 -1.39
CA PRO B 88 20.10 35.21 -1.21
C PRO B 88 19.53 33.84 -1.50
N PRO B 89 20.37 32.87 -1.85
CA PRO B 89 20.01 31.50 -2.03
C PRO B 89 19.57 31.00 -0.68
N LEU B 90 18.57 30.15 -0.67
CA LEU B 90 18.06 29.64 0.59
C LEU B 90 18.94 28.50 1.06
N LYS B 91 19.17 28.46 2.35
CA LYS B 91 19.97 27.40 2.95
C LYS B 91 19.15 26.65 3.97
N ILE B 92 18.79 25.42 3.63
CA ILE B 92 17.88 24.74 4.50
C ILE B 92 18.59 23.84 5.48
N HIS B 93 19.89 23.70 5.35
CA HIS B 93 20.62 22.95 6.36
C HIS B 93 20.64 23.72 7.68
N GLU B 94 20.25 24.99 7.63
CA GLU B 94 20.09 25.82 8.83
C GLU B 94 18.58 26.07 9.17
N CYS B 95 17.72 26.15 8.13
CA CYS B 95 16.27 26.44 8.26
C CYS B 95 15.49 25.18 8.67
N ASN B 96 14.56 25.37 9.62
CA ASN B 96 13.74 24.26 10.11
C ASN B 96 12.54 24.02 9.20
N ILE B 97 12.05 22.77 9.14
CA ILE B 97 10.82 22.41 8.44
C ILE B 97 9.92 21.59 9.37
N SER B 98 8.68 22.03 9.54
CA SER B 98 7.76 21.36 10.45
C SER B 98 6.47 20.89 9.76
N CYS B 99 6.31 19.56 9.64
CA CYS B 99 5.17 18.91 9.00
C CYS B 99 4.22 18.38 10.08
N PRO B 100 2.94 18.17 9.75
CA PRO B 100 1.93 17.58 10.62
C PRO B 100 2.38 16.22 11.07
N ASN B 101 1.98 15.84 12.28
CA ASN B 101 2.36 14.54 12.78
C ASN B 101 1.99 13.49 11.74
N PRO B 102 2.96 12.73 11.19
CA PRO B 102 2.77 11.75 10.15
C PRO B 102 1.95 10.55 10.62
N LEU B 103 1.83 10.38 11.92
CA LEU B 103 1.08 9.27 12.47
C LEU B 103 0.54 9.60 13.87
N PRO B 104 -0.51 10.42 13.99
CA PRO B 104 -1.05 10.86 15.25
C PRO B 104 -1.67 9.70 16.01
N PHE B 105 -2.10 8.68 15.28
CA PHE B 105 -2.68 7.48 15.86
C PHE B 105 -2.17 6.22 15.21
N ARG B 106 -1.99 5.19 16.01
CA ARG B 106 -1.58 3.88 15.54
C ARG B 106 -2.75 3.21 14.82
N GLU B 107 -2.48 2.54 13.71
CA GLU B 107 -3.51 1.84 12.95
C GLU B 107 -4.23 0.86 13.84
N TYR B 108 -5.55 0.87 13.81
CA TYR B 108 -6.30 0.00 14.68
C TYR B 108 -6.17 -1.47 14.27
N ARG B 109 -5.81 -2.32 15.24
CA ARG B 109 -5.69 -3.76 15.03
C ARG B 109 -6.02 -4.50 16.33
N PRO B 110 -6.79 -5.59 16.27
CA PRO B 110 -7.29 -6.37 17.38
C PRO B 110 -6.29 -7.33 18.04
N GLN B 111 -5.18 -6.81 18.52
CA GLN B 111 -4.22 -7.61 19.29
C GLN B 111 -3.80 -8.93 18.65
N THR B 112 -3.29 -8.90 17.42
CA THR B 112 -2.89 -10.14 16.77
C THR B 112 -1.47 -10.53 17.14
N GLU B 113 -1.01 -11.70 16.65
CA GLU B 113 0.32 -12.20 16.98
C GLU B 113 1.40 -11.60 16.11
N GLY B 114 2.63 -11.62 16.62
CA GLY B 114 3.78 -11.08 15.91
C GLY B 114 4.68 -12.15 15.36
N VAL B 115 5.96 -11.80 15.19
CA VAL B 115 6.93 -12.70 14.62
C VAL B 115 8.12 -12.81 15.54
N SER B 116 8.90 -13.87 15.38
CA SER B 116 10.11 -14.05 16.17
C SER B 116 11.35 -13.98 15.32
N ASN B 117 12.50 -13.86 15.96
CA ASN B 117 13.74 -13.88 15.23
C ASN B 117 13.99 -15.22 14.63
N LEU B 118 14.71 -15.24 13.53
CA LEU B 118 15.06 -16.48 12.89
C LEU B 118 16.27 -17.07 13.60
N VAL B 119 16.02 -17.55 14.81
CA VAL B 119 17.04 -18.15 15.66
C VAL B 119 16.59 -19.43 16.34
N GLY B 120 17.43 -20.46 16.29
CA GLY B 120 17.24 -21.68 17.07
C GLY B 120 16.49 -22.84 16.41
N LEU B 121 15.84 -22.63 15.28
CA LEU B 121 15.12 -23.75 14.69
C LEU B 121 15.67 -24.16 13.33
N PRO B 122 15.79 -25.47 13.08
CA PRO B 122 16.18 -26.07 11.83
C PRO B 122 15.00 -26.12 10.88
N ASN B 123 14.58 -24.96 10.42
CA ASN B 123 13.41 -24.87 9.58
C ASN B 123 13.60 -25.62 8.28
N ASN B 124 12.49 -26.12 7.74
CA ASN B 124 12.54 -26.76 6.44
C ASN B 124 12.44 -25.74 5.35
N ILE B 125 13.36 -25.81 4.40
CA ILE B 125 13.34 -24.98 3.22
C ILE B 125 13.64 -25.87 2.04
N CYS B 126 13.29 -25.42 0.83
CA CYS B 126 13.78 -26.04 -0.40
C CYS B 126 15.24 -25.64 -0.59
N LEU B 127 16.11 -26.63 -0.65
CA LEU B 127 17.52 -26.36 -0.81
C LEU B 127 18.11 -27.05 -2.01
N GLN B 128 17.23 -27.42 -2.94
CA GLN B 128 17.64 -28.04 -4.19
C GLN B 128 17.54 -27.02 -5.29
N LYS B 129 18.33 -27.19 -6.33
CA LYS B 129 18.21 -26.29 -7.46
C LYS B 129 16.96 -26.64 -8.24
N THR B 130 16.22 -25.63 -8.64
CA THR B 130 15.02 -25.87 -9.42
C THR B 130 14.70 -24.72 -10.37
N SER B 131 14.04 -25.06 -11.47
CA SER B 131 13.61 -24.08 -12.45
C SER B 131 12.14 -23.73 -12.26
N ASN B 132 11.52 -24.32 -11.26
CA ASN B 132 10.11 -24.11 -11.01
C ASN B 132 9.86 -22.73 -10.44
N GLN B 133 8.67 -22.20 -10.66
CA GLN B 133 8.33 -20.92 -10.06
C GLN B 133 7.84 -21.20 -8.66
N ILE B 134 8.82 -21.50 -7.82
CA ILE B 134 8.63 -21.94 -6.46
C ILE B 134 8.34 -20.78 -5.52
N LEU B 135 9.00 -19.65 -5.75
CA LEU B 135 8.81 -18.45 -4.96
C LEU B 135 7.65 -17.67 -5.54
N LYS B 136 6.78 -17.19 -4.67
CA LYS B 136 5.63 -16.40 -5.11
C LYS B 136 5.51 -15.14 -4.26
N PRO B 137 6.31 -14.11 -4.54
CA PRO B 137 6.41 -12.88 -3.78
C PRO B 137 5.09 -12.17 -3.69
N LYS B 138 4.77 -11.67 -2.51
CA LYS B 138 3.56 -10.89 -2.33
C LYS B 138 3.97 -9.45 -2.17
N LEU B 139 3.13 -8.55 -2.61
CA LEU B 139 3.42 -7.15 -2.38
C LEU B 139 2.57 -6.70 -1.21
N ILE B 140 3.18 -6.10 -0.21
CA ILE B 140 2.48 -5.71 1.01
C ILE B 140 2.47 -4.21 1.17
N SER B 141 1.71 -3.74 2.15
CA SER B 141 1.58 -2.31 2.35
C SER B 141 2.89 -1.67 2.76
N TYR B 142 2.99 -0.40 2.45
CA TYR B 142 4.11 0.45 2.77
C TYR B 142 4.10 0.70 4.27
N THR B 143 5.28 0.78 4.87
CA THR B 143 5.41 0.92 6.30
C THR B 143 4.55 2.06 6.85
N LEU B 144 4.56 3.19 6.17
CA LEU B 144 3.76 4.34 6.56
C LEU B 144 2.76 4.64 5.44
N PRO B 145 1.58 4.04 5.46
CA PRO B 145 0.59 3.97 4.39
C PRO B 145 -0.21 5.24 4.24
N VAL B 146 0.43 6.29 3.77
CA VAL B 146 -0.27 7.54 3.56
C VAL B 146 -0.16 7.91 2.11
N VAL B 147 -1.03 8.79 1.63
CA VAL B 147 -1.00 9.14 0.23
C VAL B 147 0.12 10.13 -0.06
N GLY B 148 1.00 9.76 -0.98
CA GLY B 148 2.10 10.62 -1.38
C GLY B 148 1.53 11.68 -2.29
N GLN B 149 2.16 12.84 -2.32
CA GLN B 149 1.67 13.91 -3.18
C GLN B 149 2.32 13.85 -4.54
N SER B 150 1.58 14.18 -5.58
CA SER B 150 2.24 14.22 -6.87
C SER B 150 3.41 15.19 -6.81
N GLY B 151 4.54 14.78 -7.37
CA GLY B 151 5.73 15.63 -7.41
C GLY B 151 6.76 15.29 -6.34
N THR B 152 6.39 14.44 -5.37
CA THR B 152 7.34 14.05 -4.34
C THR B 152 8.02 12.74 -4.73
N CYS B 153 9.04 12.34 -3.95
CA CYS B 153 9.79 11.10 -4.11
C CYS B 153 10.37 10.65 -2.77
N ILE B 154 10.25 9.37 -2.46
CA ILE B 154 10.83 8.86 -1.24
C ILE B 154 12.11 8.08 -1.49
N THR B 155 13.18 8.53 -0.84
CA THR B 155 14.51 8.01 -1.06
C THR B 155 15.25 7.65 0.21
N ASP B 156 16.39 6.99 0.02
CA ASP B 156 17.31 6.61 1.10
C ASP B 156 16.60 5.92 2.26
N PRO B 157 15.90 4.81 2.03
CA PRO B 157 15.17 4.05 3.01
C PRO B 157 16.07 3.25 3.94
N LEU B 158 15.54 2.99 5.10
CA LEU B 158 16.11 2.11 6.11
C LEU B 158 15.05 1.15 6.58
N LEU B 159 15.41 -0.11 6.75
CA LEU B 159 14.50 -1.05 7.36
C LEU B 159 15.30 -2.04 8.18
N ALA B 160 14.99 -2.09 9.46
CA ALA B 160 15.68 -2.95 10.40
C ALA B 160 14.68 -3.79 11.14
N MET B 161 15.04 -5.02 11.48
CA MET B 161 14.11 -5.83 12.28
C MET B 161 14.82 -6.58 13.38
N ASP B 162 14.16 -6.70 14.52
CA ASP B 162 14.67 -7.49 15.63
C ASP B 162 13.59 -7.74 16.69
N GLU B 163 13.40 -9.00 17.04
CA GLU B 163 12.45 -9.44 18.07
C GLU B 163 11.03 -8.99 17.83
N GLY B 164 10.60 -9.00 16.59
CA GLY B 164 9.22 -8.67 16.28
C GLY B 164 8.98 -7.19 16.06
N TYR B 165 10.02 -6.39 16.19
CA TYR B 165 9.88 -4.95 16.01
C TYR B 165 10.69 -4.51 14.83
N PHE B 166 10.29 -3.40 14.23
CA PHE B 166 11.10 -2.88 13.14
C PHE B 166 11.38 -1.42 13.33
N ALA B 167 12.43 -0.96 12.69
CA ALA B 167 12.73 0.45 12.62
C ALA B 167 12.79 0.81 11.18
N TYR B 168 12.27 1.96 10.87
CA TYR B 168 12.16 2.35 9.50
C TYR B 168 12.36 3.83 9.33
N SER B 169 13.03 4.21 8.26
CA SER B 169 13.13 5.62 7.98
C SER B 169 13.23 5.91 6.52
N HIS B 170 12.84 7.11 6.14
CA HIS B 170 12.99 7.56 4.77
C HIS B 170 13.04 9.06 4.65
N LEU B 171 13.63 9.53 3.56
CA LEU B 171 13.67 10.96 3.30
C LEU B 171 12.73 11.32 2.18
N GLU B 172 11.86 12.28 2.42
CA GLU B 172 10.88 12.68 1.42
C GLU B 172 11.26 13.99 0.76
N ARG B 173 11.49 13.93 -0.55
CA ARG B 173 11.97 15.07 -1.34
C ARG B 173 10.99 15.55 -2.40
N ILE B 174 11.13 16.82 -2.76
CA ILE B 174 10.32 17.46 -3.79
C ILE B 174 11.16 17.74 -5.03
N GLY B 175 10.63 17.38 -6.19
CA GLY B 175 11.38 17.57 -7.43
C GLY B 175 12.09 16.29 -7.78
N SER B 176 13.39 16.35 -7.93
CA SER B 176 14.15 15.15 -8.25
C SER B 176 14.22 14.26 -7.02
N CYS B 177 14.53 12.97 -7.24
CA CYS B 177 14.68 12.00 -6.15
C CYS B 177 16.02 12.14 -5.45
N SER B 178 17.10 12.02 -6.21
CA SER B 178 18.43 12.00 -5.61
C SER B 178 19.00 13.37 -5.24
N ARG B 179 18.54 14.43 -5.89
CA ARG B 179 19.09 15.76 -5.65
C ARG B 179 18.03 16.84 -5.46
N GLY B 180 16.88 16.46 -4.94
CA GLY B 180 15.77 17.41 -4.77
C GLY B 180 15.80 18.11 -3.42
N VAL B 181 14.68 18.76 -3.09
CA VAL B 181 14.57 19.51 -1.85
C VAL B 181 13.83 18.69 -0.79
N SER B 182 14.50 18.40 0.31
CA SER B 182 13.86 17.57 1.33
C SER B 182 12.80 18.37 2.07
N LYS B 183 11.66 17.76 2.38
CA LYS B 183 10.71 18.47 3.21
C LYS B 183 10.63 17.81 4.57
N GLN B 184 10.87 16.51 4.63
CA GLN B 184 10.84 15.86 5.94
C GLN B 184 11.56 14.55 5.94
N ARG B 185 11.95 14.13 7.13
CA ARG B 185 12.52 12.81 7.29
C ARG B 185 11.73 12.07 8.32
N ILE B 186 11.36 10.86 7.99
CA ILE B 186 10.59 10.02 8.89
C ILE B 186 11.47 9.01 9.53
N ILE B 187 11.49 8.97 10.85
CA ILE B 187 12.16 7.91 11.58
C ILE B 187 11.17 7.31 12.54
N GLY B 188 10.91 6.04 12.44
CA GLY B 188 9.93 5.48 13.35
C GLY B 188 10.09 4.01 13.55
N VAL B 189 9.30 3.49 14.45
CA VAL B 189 9.33 2.10 14.80
C VAL B 189 7.96 1.51 14.80
N GLY B 190 7.90 0.21 14.83
CA GLY B 190 6.62 -0.46 14.88
C GLY B 190 6.76 -1.94 15.12
N GLU B 191 5.68 -2.65 14.84
CA GLU B 191 5.60 -4.06 15.08
C GLU B 191 5.49 -4.82 13.78
N VAL B 192 6.09 -5.99 13.71
CA VAL B 192 5.92 -6.83 12.54
C VAL B 192 4.90 -7.87 12.94
N LEU B 193 3.74 -7.82 12.29
CA LEU B 193 2.62 -8.64 12.71
C LEU B 193 2.00 -9.44 11.60
N ASP B 194 1.28 -10.48 11.99
CA ASP B 194 0.42 -11.20 11.05
C ASP B 194 -0.69 -10.23 10.67
N ARG B 195 -0.81 -9.89 9.41
CA ARG B 195 -1.81 -8.90 9.05
C ARG B 195 -3.23 -9.49 9.10
N GLY B 196 -3.34 -10.81 9.20
CA GLY B 196 -4.65 -11.46 9.25
C GLY B 196 -4.78 -12.68 8.35
N ASP B 197 -3.97 -12.78 7.30
CA ASP B 197 -4.00 -13.93 6.40
C ASP B 197 -2.71 -14.74 6.37
N GLU B 198 -1.96 -14.74 7.48
CA GLU B 198 -0.68 -15.44 7.59
C GLU B 198 0.35 -14.88 6.61
N VAL B 199 0.33 -13.58 6.48
CA VAL B 199 1.29 -12.82 5.72
C VAL B 199 1.71 -11.69 6.63
N PRO B 200 3.00 -11.48 6.88
CA PRO B 200 3.49 -10.46 7.77
C PRO B 200 3.36 -9.10 7.13
N SER B 201 3.20 -8.08 7.96
CA SER B 201 3.23 -6.71 7.48
C SER B 201 3.77 -5.80 8.56
N LEU B 202 4.10 -4.59 8.16
CA LEU B 202 4.72 -3.63 9.06
C LEU B 202 3.73 -2.60 9.55
N PHE B 203 3.51 -2.57 10.86
CA PHE B 203 2.58 -1.64 11.47
C PHE B 203 3.34 -0.59 12.26
N MET B 204 3.25 0.65 11.82
CA MET B 204 3.99 1.73 12.45
C MET B 204 3.30 2.12 13.76
N THR B 205 4.05 2.27 14.84
CA THR B 205 3.43 2.66 16.10
C THR B 205 3.93 3.98 16.65
N ASN B 206 5.14 4.37 16.24
CA ASN B 206 5.77 5.55 16.82
C ASN B 206 6.67 6.28 15.84
N VAL B 207 6.26 7.46 15.40
CA VAL B 207 7.05 8.18 14.41
C VAL B 207 7.58 9.49 14.95
N TRP B 208 8.88 9.67 14.84
CA TRP B 208 9.58 10.87 15.22
C TRP B 208 10.12 11.56 13.99
N THR B 209 10.11 12.87 14.00
CA THR B 209 10.75 13.58 12.91
C THR B 209 11.72 14.59 13.49
N PRO B 210 12.87 14.80 12.88
CA PRO B 210 13.83 15.80 13.24
C PRO B 210 13.21 17.09 12.75
N PRO B 211 13.54 18.23 13.35
CA PRO B 211 13.14 19.55 12.94
C PRO B 211 13.85 20.07 11.68
N ASN B 212 14.86 19.33 11.25
CA ASN B 212 15.60 19.74 10.08
C ASN B 212 16.05 18.51 9.27
N PRO B 213 15.35 18.16 8.20
CA PRO B 213 15.56 16.97 7.40
C PRO B 213 16.83 17.04 6.56
N ASN B 214 17.43 18.20 6.48
CA ASN B 214 18.62 18.37 5.65
C ASN B 214 19.89 18.25 6.47
N THR B 215 19.75 17.86 7.73
CA THR B 215 20.93 17.67 8.57
C THR B 215 21.09 16.23 9.03
N VAL B 216 20.12 15.36 8.75
CA VAL B 216 20.19 13.99 9.21
C VAL B 216 20.55 13.02 8.10
N TYR B 217 21.69 12.35 8.24
CA TYR B 217 22.18 11.45 7.21
C TYR B 217 22.61 10.08 7.71
N HIS B 218 22.49 9.07 6.83
CA HIS B 218 23.05 7.75 7.09
C HIS B 218 22.71 7.15 8.44
N CYS B 219 21.41 7.03 8.74
CA CYS B 219 20.94 6.46 10.00
C CYS B 219 21.08 4.95 10.00
N SER B 220 21.30 4.40 11.18
CA SER B 220 21.36 2.96 11.40
C SER B 220 20.62 2.64 12.69
N ALA B 221 20.02 1.46 12.81
CA ALA B 221 19.28 1.22 14.04
C ALA B 221 19.58 -0.12 14.71
N VAL B 222 19.53 -0.10 16.05
CA VAL B 222 19.67 -1.29 16.88
C VAL B 222 18.57 -1.39 17.93
N TYR B 223 17.88 -2.52 17.98
CA TYR B 223 16.84 -2.72 18.99
C TYR B 223 17.42 -3.22 20.28
N ASN B 224 16.98 -2.64 21.40
CA ASN B 224 17.42 -3.12 22.71
C ASN B 224 16.46 -2.76 23.83
N ASN B 225 15.96 -3.77 24.53
CA ASN B 225 15.13 -3.58 25.73
C ASN B 225 13.93 -2.66 25.55
N GLU B 226 13.12 -2.93 24.53
CA GLU B 226 11.90 -2.19 24.21
C GLU B 226 12.12 -0.78 23.68
N PHE B 227 13.34 -0.44 23.34
CA PHE B 227 13.64 0.81 22.68
C PHE B 227 14.37 0.52 21.39
N TYR B 228 14.21 1.36 20.41
CA TYR B 228 14.92 1.13 19.18
C TYR B 228 15.84 2.31 18.96
N TYR B 229 17.13 2.10 19.11
CA TYR B 229 18.09 3.18 19.08
C TYR B 229 18.53 3.46 17.66
N VAL B 230 18.39 4.71 17.23
CA VAL B 230 18.77 5.06 15.89
C VAL B 230 19.92 6.04 15.89
N LEU B 231 21.03 5.65 15.31
CA LEU B 231 22.22 6.47 15.28
C LEU B 231 22.37 7.11 13.92
N CYS B 232 22.39 8.45 13.87
CA CYS B 232 22.45 9.23 12.63
C CYS B 232 23.64 10.17 12.65
N ALA B 233 24.14 10.51 11.47
CA ALA B 233 25.17 11.51 11.35
C ALA B 233 24.51 12.87 11.23
N VAL B 234 25.07 13.89 11.86
CA VAL B 234 24.52 15.22 11.74
C VAL B 234 25.42 16.06 10.88
N SER B 235 24.89 16.65 9.82
CA SER B 235 25.73 17.40 8.93
C SER B 235 25.12 18.66 8.37
N THR B 236 25.88 19.73 8.43
CA THR B 236 25.46 21.00 7.87
C THR B 236 26.19 21.24 6.55
N VAL B 237 26.90 20.22 6.07
CA VAL B 237 27.63 20.30 4.82
C VAL B 237 27.10 19.31 3.80
N GLY B 238 25.96 18.72 4.07
CA GLY B 238 25.38 17.74 3.17
C GLY B 238 25.92 16.35 3.45
N ASP B 239 25.82 15.46 2.46
CA ASP B 239 26.17 14.07 2.66
C ASP B 239 27.63 13.96 3.14
N PRO B 240 27.87 13.49 4.38
CA PRO B 240 29.16 13.35 5.04
C PRO B 240 30.14 12.52 4.26
N ILE B 241 29.63 11.65 3.40
CA ILE B 241 30.46 10.77 2.62
C ILE B 241 31.16 11.56 1.53
N LEU B 242 30.44 12.48 0.92
CA LEU B 242 30.99 13.21 -0.22
C LEU B 242 31.76 14.47 0.19
N ASN B 243 31.27 15.21 1.20
CA ASN B 243 31.93 16.42 1.71
C ASN B 243 32.61 16.12 3.05
N SER B 244 33.36 15.00 3.09
CA SER B 244 33.99 14.44 4.29
C SER B 244 35.06 15.32 4.93
N THR B 245 35.65 16.21 4.16
CA THR B 245 36.70 17.07 4.68
C THR B 245 36.15 18.30 5.37
N TYR B 246 34.85 18.55 5.22
CA TYR B 246 34.23 19.69 5.87
C TYR B 246 33.18 19.26 6.88
N TRP B 247 33.02 17.96 7.04
CA TRP B 247 32.02 17.45 7.95
C TRP B 247 32.48 17.62 9.40
N SER B 248 31.57 18.08 10.24
CA SER B 248 31.88 18.34 11.65
C SER B 248 32.22 17.09 12.44
N GLY B 249 31.67 15.96 12.04
CA GLY B 249 31.92 14.71 12.75
C GLY B 249 30.90 14.45 13.86
N SER B 250 29.90 15.31 13.97
CA SER B 250 28.89 15.17 15.01
C SER B 250 27.89 14.05 14.75
N LEU B 251 27.58 13.27 15.78
CA LEU B 251 26.58 12.21 15.72
C LEU B 251 25.46 12.46 16.71
N MET B 252 24.28 11.90 16.44
CA MET B 252 23.17 11.99 17.39
C MET B 252 22.45 10.65 17.49
N MET B 253 21.83 10.36 18.63
CA MET B 253 21.09 9.12 18.73
C MET B 253 19.67 9.34 19.23
N THR B 254 18.73 8.67 18.58
CA THR B 254 17.32 8.79 18.97
C THR B 254 16.83 7.48 19.57
N ARG B 255 16.19 7.54 20.71
CA ARG B 255 15.68 6.35 21.37
C ARG B 255 14.16 6.32 21.34
N LEU B 256 13.59 5.52 20.45
CA LEU B 256 12.14 5.48 20.34
C LEU B 256 11.57 4.27 21.05
N ALA B 257 10.50 4.46 21.79
CA ALA B 257 9.84 3.32 22.42
C ALA B 257 9.11 2.54 21.36
N VAL B 258 9.12 1.21 21.48
CA VAL B 258 8.38 0.42 20.51
C VAL B 258 7.00 0.08 21.04
N LYS B 259 6.77 0.43 22.29
CA LYS B 259 5.48 0.30 22.97
C LYS B 259 5.18 1.60 23.70
N PRO B 260 4.77 2.66 22.98
CA PRO B 260 4.60 4.00 23.47
C PRO B 260 3.54 4.10 24.55
N LYS B 261 3.72 5.08 25.42
CA LYS B 261 2.76 5.40 26.47
C LYS B 261 1.92 6.58 26.05
N SER B 262 0.83 6.83 26.76
CA SER B 262 -0.05 7.96 26.43
C SER B 262 0.64 9.31 26.60
N ASN B 263 1.72 9.32 27.38
CA ASN B 263 2.50 10.53 27.60
C ASN B 263 3.93 10.18 28.01
N GLY B 264 4.75 11.19 28.21
CA GLY B 264 6.12 11.01 28.65
C GLY B 264 7.11 11.27 27.52
N GLY B 265 7.59 12.51 27.46
CA GLY B 265 8.50 12.93 26.40
C GLY B 265 9.80 12.15 26.42
N GLY B 266 10.24 11.76 27.62
CA GLY B 266 11.51 11.05 27.77
C GLY B 266 11.37 9.55 27.56
N TYR B 267 10.15 9.09 27.30
CA TYR B 267 9.96 7.68 27.09
C TYR B 267 9.67 7.40 25.64
N ASN B 268 8.70 8.10 25.08
CA ASN B 268 8.30 7.79 23.72
C ASN B 268 9.33 8.21 22.68
N GLN B 269 9.94 9.37 22.86
CA GLN B 269 10.85 9.87 21.85
C GLN B 269 12.00 10.65 22.47
N HIS B 270 12.98 9.95 23.01
CA HIS B 270 14.06 10.59 23.74
C HIS B 270 15.28 10.79 22.87
N GLN B 271 15.84 11.99 22.88
CA GLN B 271 17.02 12.24 22.07
C GLN B 271 18.26 12.32 22.94
N LEU B 272 19.30 11.64 22.51
CA LEU B 272 20.55 11.58 23.24
C LEU B 272 21.65 12.32 22.50
N ALA B 273 22.49 13.01 23.24
CA ALA B 273 23.64 13.65 22.64
C ALA B 273 24.84 12.74 22.81
N LEU B 274 25.64 12.63 21.77
CA LEU B 274 26.83 11.81 21.86
C LEU B 274 28.02 12.74 21.98
N ARG B 275 28.47 12.91 23.21
CA ARG B 275 29.49 13.90 23.52
C ARG B 275 30.88 13.32 23.44
N SER B 276 31.00 12.02 23.66
CA SER B 276 32.30 11.40 23.69
C SER B 276 32.39 10.28 22.67
N ILE B 277 33.28 10.46 21.70
CA ILE B 277 33.46 9.48 20.66
C ILE B 277 34.93 9.07 20.61
N GLU B 278 35.18 7.78 20.73
CA GLU B 278 36.52 7.23 20.70
C GLU B 278 36.79 6.71 19.30
N LYS B 279 37.55 7.48 18.55
CA LYS B 279 37.78 7.19 17.15
C LYS B 279 39.06 6.42 16.94
N GLY B 280 39.82 6.22 18.00
CA GLY B 280 41.13 5.62 17.82
C GLY B 280 41.96 6.58 16.98
N ARG B 281 42.49 6.10 15.87
CA ARG B 281 43.30 6.95 15.01
C ARG B 281 42.51 7.52 13.84
N TYR B 282 41.21 7.30 13.83
CA TYR B 282 40.37 7.80 12.75
C TYR B 282 40.04 9.24 13.01
N ASP B 283 39.92 10.01 11.94
CA ASP B 283 39.61 11.42 12.09
C ASP B 283 38.14 11.61 12.37
N LYS B 284 37.31 10.83 11.69
CA LYS B 284 35.87 10.94 11.85
C LYS B 284 35.23 9.57 11.78
N VAL B 285 34.14 9.36 12.49
CA VAL B 285 33.42 8.10 12.36
C VAL B 285 31.94 8.37 12.19
N MET B 286 31.24 7.46 11.53
CA MET B 286 29.80 7.64 11.37
C MET B 286 29.09 6.32 11.12
N PRO B 287 27.80 6.23 11.43
CA PRO B 287 26.95 5.11 11.11
C PRO B 287 26.86 5.00 9.62
N TYR B 288 26.85 3.78 9.11
CA TYR B 288 26.76 3.60 7.68
C TYR B 288 26.21 2.23 7.34
N GLY B 289 24.90 2.07 7.48
CA GLY B 289 24.26 0.79 7.25
C GLY B 289 22.90 0.72 7.94
N PRO B 290 21.90 0.05 7.36
CA PRO B 290 20.55 -0.07 7.88
C PRO B 290 20.42 -0.48 9.34
N SER B 291 21.23 -1.42 9.79
CA SER B 291 21.01 -1.92 11.13
C SER B 291 22.19 -2.59 11.77
N GLY B 292 22.08 -2.78 13.07
CA GLY B 292 23.09 -3.46 13.83
C GLY B 292 22.52 -4.53 14.74
N ILE B 293 23.34 -4.90 15.72
CA ILE B 293 23.00 -5.95 16.68
C ILE B 293 23.20 -5.47 18.09
N LYS B 294 22.69 -6.25 19.02
CA LYS B 294 22.99 -5.98 20.41
C LYS B 294 23.62 -7.21 21.01
N GLN B 295 24.47 -6.99 21.99
CA GLN B 295 25.01 -8.07 22.78
C GLN B 295 24.87 -7.68 24.24
N GLY B 296 23.84 -8.19 24.88
CA GLY B 296 23.53 -7.73 26.22
C GLY B 296 23.06 -6.28 26.15
N ASP B 297 23.76 -5.41 26.85
CA ASP B 297 23.46 -3.99 26.92
C ASP B 297 24.31 -3.16 25.99
N THR B 298 25.04 -3.80 25.08
CA THR B 298 25.90 -3.08 24.15
C THR B 298 25.37 -3.10 22.73
N LEU B 299 25.28 -1.93 22.12
CA LEU B 299 24.77 -1.82 20.76
C LEU B 299 25.91 -1.70 19.77
N TYR B 300 25.87 -2.45 18.68
CA TYR B 300 26.88 -2.33 17.64
C TYR B 300 26.27 -1.90 16.33
N PHE B 301 26.56 -0.67 15.93
CA PHE B 301 26.00 -0.12 14.71
C PHE B 301 27.00 -0.30 13.60
N PRO B 302 26.60 -0.52 12.34
CA PRO B 302 27.45 -0.58 11.19
C PRO B 302 28.01 0.81 11.01
N ALA B 303 29.28 0.92 10.67
CA ALA B 303 29.90 2.23 10.57
C ALA B 303 31.09 2.28 9.65
N VAL B 304 31.48 3.50 9.30
CA VAL B 304 32.67 3.72 8.51
C VAL B 304 33.56 4.76 9.17
N GLY B 305 34.85 4.49 9.20
CA GLY B 305 35.81 5.44 9.73
C GLY B 305 36.53 6.15 8.62
N PHE B 306 36.88 7.41 8.84
CA PHE B 306 37.61 8.21 7.88
C PHE B 306 39.03 8.41 8.33
N LEU B 307 39.95 7.76 7.63
CA LEU B 307 41.35 7.83 7.96
C LEU B 307 42.04 8.72 6.95
N VAL B 308 42.97 9.54 7.38
CA VAL B 308 43.67 10.35 6.39
C VAL B 308 44.42 9.40 5.48
N ARG B 309 44.29 9.57 4.18
CA ARG B 309 44.91 8.65 3.23
C ARG B 309 46.38 8.42 3.49
N THR B 310 47.11 9.47 3.88
CA THR B 310 48.55 9.37 4.07
C THR B 310 48.92 8.60 5.33
N GLU B 311 47.94 8.32 6.18
CA GLU B 311 48.15 7.56 7.41
C GLU B 311 47.73 6.12 7.21
N PHE B 312 47.37 5.78 5.98
CA PHE B 312 46.95 4.44 5.67
C PHE B 312 48.16 3.59 5.37
N LYS B 313 48.33 2.55 6.16
CA LYS B 313 49.47 1.67 6.01
C LYS B 313 49.06 0.45 5.26
N TYR B 314 49.48 0.37 4.01
CA TYR B 314 49.07 -0.72 3.15
C TYR B 314 50.19 -1.11 2.19
N ASN B 315 50.42 -2.42 2.08
CA ASN B 315 51.43 -3.00 1.18
C ASN B 315 50.78 -3.42 -0.14
N ASP B 316 51.18 -2.74 -1.24
CA ASP B 316 50.62 -2.97 -2.58
C ASP B 316 50.92 -4.38 -3.10
N SER B 317 51.91 -5.03 -2.48
CA SER B 317 52.29 -6.38 -2.89
C SER B 317 51.20 -7.38 -2.52
N ASN B 318 50.28 -6.97 -1.66
CA ASN B 318 49.18 -7.82 -1.24
C ASN B 318 47.88 -7.64 -2.05
N CYS B 319 47.95 -6.84 -3.14
CA CYS B 319 46.80 -6.61 -4.03
C CYS B 319 46.75 -7.75 -5.06
N PRO B 320 45.64 -8.51 -5.10
CA PRO B 320 45.47 -9.70 -5.91
C PRO B 320 45.32 -9.36 -7.37
N ILE B 321 46.43 -8.99 -7.99
CA ILE B 321 46.45 -8.60 -9.39
C ILE B 321 46.93 -9.75 -10.27
N THR B 322 46.89 -10.96 -9.71
CA THR B 322 47.22 -12.13 -10.48
C THR B 322 46.02 -12.45 -11.36
N LYS B 323 46.26 -13.20 -12.43
CA LYS B 323 45.19 -13.51 -13.39
C LYS B 323 44.49 -12.24 -13.91
N CYS B 324 45.28 -11.17 -14.17
CA CYS B 324 44.82 -9.89 -14.68
C CYS B 324 45.78 -9.38 -15.74
N GLN B 325 45.25 -8.79 -16.80
CA GLN B 325 46.09 -8.22 -17.83
C GLN B 325 46.20 -6.70 -17.71
N TYR B 326 45.17 -6.08 -17.13
CA TYR B 326 45.07 -4.63 -17.12
C TYR B 326 45.28 -4.02 -15.73
N SER B 327 45.71 -4.82 -14.78
CA SER B 327 45.87 -4.35 -13.40
C SER B 327 47.18 -3.69 -13.06
N LYS B 328 47.14 -2.91 -11.99
CA LYS B 328 48.30 -2.31 -11.38
C LYS B 328 48.19 -2.65 -9.89
N PRO B 329 49.29 -2.85 -9.17
CA PRO B 329 49.34 -3.18 -7.76
C PRO B 329 48.78 -2.06 -6.89
N GLU B 330 48.74 -0.85 -7.43
CA GLU B 330 48.24 0.30 -6.69
C GLU B 330 46.73 0.36 -6.64
N ASN B 331 46.05 -0.39 -7.49
CA ASN B 331 44.60 -0.23 -7.61
C ASN B 331 43.84 -0.49 -6.31
N CYS B 332 44.30 -1.45 -5.48
CA CYS B 332 43.64 -1.84 -4.23
C CYS B 332 43.71 -0.76 -3.17
N ARG B 333 44.67 0.13 -3.29
CA ARG B 333 44.81 1.20 -2.33
C ARG B 333 44.04 2.42 -2.78
N LEU B 334 44.19 2.76 -4.05
CA LEU B 334 43.57 3.96 -4.57
C LEU B 334 42.05 3.83 -4.60
N SER B 335 41.59 2.61 -4.86
CA SER B 335 40.18 2.30 -4.95
C SER B 335 39.45 2.39 -3.61
N MET B 336 40.19 2.53 -2.51
CA MET B 336 39.54 2.63 -1.22
C MET B 336 39.07 4.03 -0.87
N GLY B 337 39.31 4.97 -1.75
CA GLY B 337 38.76 6.29 -1.52
C GLY B 337 37.60 6.48 -2.47
N ILE B 338 36.87 7.55 -2.28
CA ILE B 338 35.79 7.90 -3.19
C ILE B 338 36.38 8.27 -4.53
N ARG B 339 37.48 8.98 -4.45
CA ARG B 339 38.19 9.47 -5.61
C ARG B 339 39.63 8.97 -5.47
N PRO B 340 40.34 8.64 -6.56
CA PRO B 340 41.70 8.14 -6.57
C PRO B 340 42.67 8.97 -5.72
N ASN B 341 42.44 10.27 -5.64
CA ASN B 341 43.31 11.14 -4.87
C ASN B 341 42.57 11.84 -3.75
N SER B 342 41.55 11.19 -3.20
CA SER B 342 40.79 11.80 -2.11
C SER B 342 41.62 11.95 -0.86
N HIS B 343 41.21 12.87 0.00
CA HIS B 343 41.90 13.10 1.26
C HIS B 343 41.72 11.95 2.22
N TYR B 344 40.48 11.49 2.37
CA TYR B 344 40.21 10.41 3.30
C TYR B 344 40.02 9.09 2.60
N ILE B 345 40.37 8.04 3.31
CA ILE B 345 40.17 6.67 2.87
C ILE B 345 39.14 6.06 3.82
N LEU B 346 38.19 5.30 3.28
CA LEU B 346 37.09 4.80 4.10
C LEU B 346 37.24 3.36 4.55
N ARG B 347 37.12 3.13 5.85
CA ARG B 347 37.26 1.80 6.43
C ARG B 347 35.99 1.33 7.10
N SER B 348 35.52 0.15 6.74
CA SER B 348 34.33 -0.42 7.37
C SER B 348 34.59 -0.80 8.82
N GLY B 349 33.56 -0.74 9.65
CA GLY B 349 33.67 -1.13 11.05
C GLY B 349 32.35 -0.99 11.78
N LEU B 350 32.42 -0.97 13.11
CA LEU B 350 31.26 -0.86 13.98
C LEU B 350 31.40 0.29 14.98
N LEU B 351 30.28 0.85 15.41
CA LEU B 351 30.28 1.81 16.50
C LEU B 351 29.60 1.22 17.70
N LYS B 352 30.36 1.00 18.74
CA LYS B 352 29.92 0.39 19.97
C LYS B 352 29.39 1.39 20.96
N TYR B 353 28.17 1.19 21.42
CA TYR B 353 27.55 2.07 22.40
C TYR B 353 27.07 1.24 23.59
N ASN B 354 27.79 1.33 24.72
CA ASN B 354 27.49 0.52 25.92
C ASN B 354 26.52 1.28 26.83
N LEU B 355 25.29 0.72 26.98
CA LEU B 355 24.20 1.37 27.70
C LEU B 355 24.40 1.38 29.21
N SER B 356 25.43 0.68 29.69
CA SER B 356 25.74 0.66 31.11
C SER B 356 26.99 1.47 31.47
N ASP B 357 27.55 2.23 30.52
CA ASP B 357 28.74 3.04 30.83
C ASP B 357 28.48 4.04 31.94
N GLY B 358 27.28 4.62 31.96
CA GLY B 358 26.95 5.66 32.92
C GLY B 358 25.89 6.57 32.35
N GLU B 359 25.79 7.78 32.90
CA GLU B 359 24.79 8.75 32.47
C GLU B 359 25.02 9.22 31.04
N ASN B 360 26.29 9.29 30.64
CA ASN B 360 26.66 9.72 29.30
C ASN B 360 27.66 8.76 28.67
N PRO B 361 27.20 7.65 28.06
CA PRO B 361 27.97 6.59 27.46
C PRO B 361 28.79 7.09 26.29
N LYS B 362 29.85 6.37 25.98
CA LYS B 362 30.70 6.75 24.86
C LYS B 362 30.50 5.86 23.66
N VAL B 363 30.82 6.39 22.49
CA VAL B 363 30.76 5.62 21.25
C VAL B 363 32.16 5.20 20.84
N VAL B 364 32.39 3.90 20.66
CA VAL B 364 33.73 3.42 20.33
C VAL B 364 33.80 2.80 18.94
N PHE B 365 34.70 3.28 18.11
CA PHE B 365 34.81 2.72 16.76
C PHE B 365 35.74 1.52 16.70
N ILE B 366 35.21 0.45 16.13
CA ILE B 366 35.92 -0.79 15.94
C ILE B 366 36.19 -1.03 14.47
N GLU B 367 37.45 -0.97 14.07
CA GLU B 367 37.79 -1.15 12.66
C GLU B 367 37.66 -2.60 12.26
N ILE B 368 37.28 -2.83 11.00
CA ILE B 368 37.25 -4.18 10.45
C ILE B 368 38.65 -4.59 10.05
N SER B 369 38.99 -5.86 10.25
CA SER B 369 40.29 -6.39 9.88
C SER B 369 40.48 -6.37 8.37
N ASP B 370 41.72 -6.54 7.92
CA ASP B 370 42.06 -6.37 6.51
C ASP B 370 41.91 -7.57 5.60
N GLN B 371 41.37 -8.67 6.11
CA GLN B 371 41.13 -9.79 5.23
C GLN B 371 40.21 -9.31 4.11
N ARG B 372 40.63 -9.49 2.86
CA ARG B 372 39.91 -8.95 1.71
C ARG B 372 39.49 -7.49 1.94
N LEU B 373 40.43 -6.66 2.33
CA LEU B 373 40.12 -5.27 2.62
C LEU B 373 39.65 -4.55 1.38
N SER B 374 38.59 -3.76 1.54
CA SER B 374 38.08 -2.92 0.46
C SER B 374 37.51 -1.65 1.05
N ILE B 375 36.85 -0.87 0.22
CA ILE B 375 36.34 0.43 0.63
C ILE B 375 35.21 0.30 1.61
N GLY B 376 35.20 1.18 2.61
CA GLY B 376 34.09 1.21 3.53
C GLY B 376 32.85 1.48 2.71
N SER B 377 31.77 0.84 3.08
CA SER B 377 30.56 0.90 2.29
C SER B 377 29.41 0.64 3.22
N PRO B 378 28.17 0.89 2.81
CA PRO B 378 27.02 0.60 3.60
C PRO B 378 27.15 -0.85 3.99
N SER B 379 26.93 -1.13 5.24
CA SER B 379 27.11 -2.46 5.75
C SER B 379 26.00 -2.84 6.68
N LYS B 380 25.97 -4.07 7.11
CA LYS B 380 24.95 -4.50 8.03
C LYS B 380 25.45 -5.60 8.91
N ILE B 381 25.13 -5.52 10.18
CA ILE B 381 25.45 -6.66 11.03
C ILE B 381 24.15 -7.13 11.62
N TYR B 382 23.86 -8.40 11.47
CA TYR B 382 22.61 -8.93 11.97
C TYR B 382 22.79 -10.27 12.65
N ASP B 383 21.91 -10.59 13.57
CA ASP B 383 21.94 -11.85 14.28
C ASP B 383 21.05 -12.87 13.61
N SER B 384 21.66 -13.93 13.08
CA SER B 384 20.90 -14.94 12.36
C SER B 384 21.30 -16.35 12.75
N LEU B 385 20.32 -17.13 13.16
CA LEU B 385 20.53 -18.50 13.55
C LEU B 385 21.64 -18.70 14.58
N GLY B 386 21.71 -17.82 15.56
CA GLY B 386 22.64 -17.98 16.69
C GLY B 386 23.94 -17.19 16.62
N GLN B 387 24.27 -16.60 15.48
CA GLN B 387 25.51 -15.86 15.40
C GLN B 387 25.39 -14.63 14.50
N PRO B 388 26.00 -13.49 14.85
CA PRO B 388 26.12 -12.32 14.02
C PRO B 388 26.77 -12.61 12.67
N VAL B 389 26.20 -12.02 11.64
CA VAL B 389 26.64 -12.12 10.26
C VAL B 389 26.88 -10.73 9.74
N PHE B 390 28.02 -10.50 9.11
CA PHE B 390 28.32 -9.17 8.64
C PHE B 390 28.23 -9.11 7.13
N TYR B 391 27.59 -8.08 6.62
CA TYR B 391 27.48 -7.83 5.20
C TYR B 391 28.10 -6.50 4.83
N GLN B 392 28.94 -6.49 3.80
CA GLN B 392 29.52 -5.24 3.34
C GLN B 392 29.20 -5.06 1.88
N ALA B 393 28.60 -3.94 1.53
CA ALA B 393 28.25 -3.72 0.15
C ALA B 393 29.47 -3.63 -0.75
N SER B 394 29.36 -4.23 -1.92
CA SER B 394 30.44 -4.25 -2.89
C SER B 394 30.52 -2.95 -3.69
N PHE B 395 31.03 -1.90 -3.08
CA PHE B 395 31.13 -0.59 -3.74
C PHE B 395 32.46 -0.31 -4.44
N SER B 396 33.27 -1.33 -4.62
CA SER B 396 34.55 -1.14 -5.29
C SER B 396 34.79 -2.23 -6.34
N TRP B 397 36.05 -2.47 -6.66
CA TRP B 397 36.43 -3.39 -7.71
C TRP B 397 36.01 -4.85 -7.50
N ASP B 398 35.87 -5.29 -6.24
CA ASP B 398 35.46 -6.67 -6.02
C ASP B 398 33.95 -6.71 -5.95
N THR B 399 33.34 -7.20 -7.01
CA THR B 399 31.90 -7.13 -7.15
C THR B 399 31.15 -8.31 -6.56
N MET B 400 31.87 -9.32 -6.09
CA MET B 400 31.21 -10.50 -5.54
C MET B 400 30.60 -10.17 -4.20
N ILE B 401 29.46 -10.77 -3.89
CA ILE B 401 28.82 -10.46 -2.63
C ILE B 401 29.79 -10.75 -1.51
N LYS B 402 29.94 -9.78 -0.62
CA LYS B 402 30.90 -9.88 0.45
C LYS B 402 30.26 -9.92 1.82
N PHE B 403 30.07 -11.11 2.36
CA PHE B 403 29.44 -11.26 3.66
C PHE B 403 29.87 -12.55 4.29
N GLY B 404 29.69 -12.67 5.59
CA GLY B 404 30.00 -13.91 6.26
C GLY B 404 29.92 -13.81 7.77
N ASP B 405 30.17 -14.92 8.42
CA ASP B 405 30.09 -15.02 9.87
C ASP B 405 31.07 -14.11 10.56
N VAL B 406 30.63 -13.49 11.64
CA VAL B 406 31.52 -12.67 12.44
C VAL B 406 32.22 -13.52 13.46
N LEU B 407 33.54 -13.61 13.36
CA LEU B 407 34.29 -14.47 14.26
C LEU B 407 34.54 -13.75 15.57
N THR B 408 34.78 -12.46 15.45
CA THR B 408 35.02 -11.61 16.60
C THR B 408 34.31 -10.31 16.34
N VAL B 409 33.67 -9.75 17.36
CA VAL B 409 32.99 -8.46 17.20
C VAL B 409 33.96 -7.31 17.46
N ASN B 410 34.87 -7.50 18.42
CA ASN B 410 35.83 -6.48 18.79
C ASN B 410 37.19 -7.10 19.09
N PRO B 411 38.13 -7.05 18.14
CA PRO B 411 38.13 -6.44 16.83
C PRO B 411 37.19 -7.15 15.89
N LEU B 412 36.71 -6.47 14.87
CA LEU B 412 35.79 -7.12 13.96
C LEU B 412 36.52 -7.94 12.91
N VAL B 413 36.30 -9.24 12.97
CA VAL B 413 36.92 -10.21 12.05
C VAL B 413 35.82 -11.02 11.40
N VAL B 414 35.79 -11.06 10.08
CA VAL B 414 34.70 -11.71 9.37
C VAL B 414 35.17 -12.82 8.44
N ASN B 415 34.56 -13.98 8.57
CA ASN B 415 34.90 -15.14 7.78
C ASN B 415 34.13 -15.08 6.47
N TRP B 416 34.60 -14.21 5.58
CA TRP B 416 33.86 -13.93 4.36
C TRP B 416 33.63 -15.19 3.57
N ARG B 417 32.41 -15.36 3.06
CA ARG B 417 32.04 -16.51 2.26
C ARG B 417 32.63 -16.40 0.85
N ASN B 418 33.16 -17.51 0.31
CA ASN B 418 33.72 -17.53 -1.03
C ASN B 418 32.63 -17.80 -2.07
N ASN B 419 31.75 -16.80 -2.22
CA ASN B 419 30.60 -16.79 -3.11
C ASN B 419 31.01 -16.40 -4.52
N THR B 420 30.63 -17.21 -5.50
CA THR B 420 30.98 -16.94 -6.89
C THR B 420 29.79 -16.75 -7.81
N VAL B 421 28.58 -16.68 -7.26
CA VAL B 421 27.40 -16.58 -8.11
C VAL B 421 26.60 -15.29 -7.94
N ILE B 422 26.72 -14.64 -6.79
CA ILE B 422 26.00 -13.39 -6.58
C ILE B 422 26.95 -12.22 -6.69
N SER B 423 26.59 -11.27 -7.55
CA SER B 423 27.43 -10.11 -7.81
C SER B 423 26.57 -8.91 -8.19
N ARG B 424 27.00 -7.72 -7.78
CA ARG B 424 26.23 -6.52 -8.09
C ARG B 424 26.53 -6.00 -9.50
N PRO B 425 25.60 -5.28 -10.13
CA PRO B 425 25.78 -4.53 -11.36
C PRO B 425 26.60 -3.30 -11.13
N GLY B 426 27.25 -2.81 -12.18
CA GLY B 426 27.98 -1.56 -12.07
C GLY B 426 28.05 -0.83 -13.41
N GLN B 427 29.19 -0.23 -13.66
CA GLN B 427 29.49 0.47 -14.90
C GLN B 427 30.38 -0.47 -15.70
N SER B 428 30.80 -0.06 -16.89
CA SER B 428 31.70 -0.88 -17.68
C SER B 428 33.09 -0.97 -17.03
N GLN B 429 33.36 -0.04 -16.11
CA GLN B 429 34.62 0.03 -15.37
C GLN B 429 34.81 -1.14 -14.39
N CYS B 430 33.75 -1.45 -13.62
CA CYS B 430 33.70 -2.54 -12.65
C CYS B 430 32.35 -3.28 -12.76
N PRO B 431 32.17 -4.03 -13.86
CA PRO B 431 30.93 -4.68 -14.24
C PRO B 431 30.65 -5.89 -13.37
N ARG B 432 29.40 -6.34 -13.36
CA ARG B 432 29.06 -7.51 -12.59
C ARG B 432 29.98 -8.67 -12.88
N PHE B 433 30.35 -9.38 -11.82
CA PHE B 433 31.26 -10.53 -11.80
C PHE B 433 32.73 -10.15 -11.98
N ASN B 434 33.04 -8.86 -11.92
CA ASN B 434 34.44 -8.45 -11.92
C ASN B 434 35.12 -8.77 -10.59
N THR B 435 36.23 -9.49 -10.66
CA THR B 435 37.02 -9.79 -9.47
C THR B 435 38.48 -9.31 -9.54
N CYS B 436 38.80 -8.47 -10.53
CA CYS B 436 40.14 -7.94 -10.82
C CYS B 436 40.25 -6.49 -10.31
N PRO B 437 41.31 -6.13 -9.54
CA PRO B 437 41.56 -4.81 -9.01
C PRO B 437 41.48 -3.73 -10.06
N GLU B 438 40.72 -2.70 -9.75
CA GLU B 438 40.45 -1.58 -10.63
C GLU B 438 40.13 -0.38 -9.78
N ILE B 439 40.27 0.82 -10.31
CA ILE B 439 39.90 1.97 -9.51
C ILE B 439 38.53 2.49 -9.93
N CYS B 440 37.55 2.39 -9.01
CA CYS B 440 36.17 2.82 -9.21
C CYS B 440 35.49 3.00 -7.87
N TRP B 441 34.35 3.67 -7.88
CA TRP B 441 33.49 3.78 -6.71
C TRP B 441 32.08 3.73 -7.21
N GLU B 442 31.44 2.60 -7.00
CA GLU B 442 30.15 2.35 -7.57
C GLU B 442 29.62 1.02 -7.12
N GLY B 443 28.32 0.94 -6.96
CA GLY B 443 27.66 -0.30 -6.62
C GLY B 443 26.37 0.02 -5.90
N VAL B 444 25.67 -1.02 -5.51
CA VAL B 444 24.42 -0.86 -4.81
C VAL B 444 24.44 -1.70 -3.55
N TYR B 445 23.58 -1.34 -2.62
CA TYR B 445 23.45 -2.14 -1.43
C TYR B 445 22.35 -3.15 -1.61
N ASN B 446 22.73 -4.41 -1.79
CA ASN B 446 21.82 -5.52 -2.01
C ASN B 446 22.21 -6.65 -1.09
N ASP B 447 21.62 -6.70 0.10
CA ASP B 447 22.12 -7.65 1.07
C ASP B 447 21.50 -9.02 0.95
N ALA B 448 21.95 -9.91 1.83
CA ALA B 448 21.47 -11.27 1.86
C ALA B 448 21.35 -11.69 3.30
N PHE B 449 20.23 -12.29 3.63
CA PHE B 449 19.99 -12.69 4.99
C PHE B 449 20.17 -14.19 5.08
N LEU B 450 20.92 -14.65 6.07
CA LEU B 450 21.11 -16.09 6.23
C LEU B 450 19.82 -16.76 6.69
N ILE B 451 19.39 -17.81 5.99
CA ILE B 451 18.18 -18.53 6.41
C ILE B 451 18.46 -19.99 6.78
N ASP B 452 19.64 -20.49 6.44
CA ASP B 452 20.06 -21.84 6.79
C ASP B 452 21.55 -21.90 7.15
N ARG B 453 21.86 -22.08 8.42
CA ARG B 453 23.24 -22.02 8.88
C ARG B 453 24.03 -23.31 8.70
N ILE B 454 23.37 -24.37 8.28
CA ILE B 454 24.07 -25.63 8.09
C ILE B 454 24.55 -25.72 6.67
N ASN B 455 23.70 -25.30 5.74
CA ASN B 455 24.04 -25.31 4.33
C ASN B 455 24.47 -23.94 3.85
N TRP B 456 24.56 -23.00 4.79
CA TRP B 456 24.85 -21.61 4.48
C TRP B 456 24.08 -21.12 3.26
N ILE B 457 22.77 -21.15 3.38
CA ILE B 457 21.87 -20.66 2.35
C ILE B 457 21.33 -19.34 2.79
N SER B 458 21.42 -18.36 1.91
CA SER B 458 20.97 -17.03 2.23
C SER B 458 20.03 -16.54 1.17
N ALA B 459 19.27 -15.50 1.47
CA ALA B 459 18.32 -14.99 0.52
C ALA B 459 18.26 -13.49 0.51
N GLY B 460 17.98 -12.93 -0.65
CA GLY B 460 17.84 -11.49 -0.75
C GLY B 460 17.48 -11.08 -2.15
N VAL B 461 17.36 -9.78 -2.37
CA VAL B 461 16.98 -9.28 -3.68
C VAL B 461 18.16 -8.68 -4.37
N PHE B 462 18.46 -9.16 -5.56
CA PHE B 462 19.61 -8.67 -6.28
C PHE B 462 19.17 -8.14 -7.61
N LEU B 463 19.91 -7.19 -8.12
CA LEU B 463 19.59 -6.70 -9.44
C LEU B 463 20.20 -7.70 -10.40
N ASP B 464 19.55 -7.95 -11.52
CA ASP B 464 20.05 -8.97 -12.42
C ASP B 464 20.36 -8.42 -13.81
N SER B 465 21.48 -7.72 -13.89
CA SER B 465 21.99 -7.11 -15.11
C SER B 465 23.48 -6.84 -14.91
N ASN B 466 24.22 -6.52 -16.00
CA ASN B 466 25.68 -6.35 -15.92
C ASN B 466 26.13 -4.90 -15.69
N GLN B 467 25.68 -3.96 -16.56
CA GLN B 467 26.09 -2.55 -16.54
C GLN B 467 24.95 -1.60 -16.19
N THR B 468 23.85 -2.14 -15.73
CA THR B 468 22.66 -1.34 -15.40
C THR B 468 22.12 -1.68 -14.02
N ALA B 469 21.23 -0.86 -13.51
CA ALA B 469 20.63 -1.15 -12.21
C ALA B 469 19.15 -1.41 -12.36
N GLU B 470 18.80 -2.64 -12.69
CA GLU B 470 17.44 -3.01 -13.03
C GLU B 470 17.17 -4.48 -12.81
N ASN B 471 15.91 -4.87 -12.96
CA ASN B 471 15.51 -6.26 -12.85
C ASN B 471 15.79 -6.85 -11.48
N PRO B 472 15.15 -6.37 -10.41
CA PRO B 472 15.27 -6.90 -9.08
C PRO B 472 14.68 -8.30 -9.02
N VAL B 473 15.45 -9.24 -8.51
CA VAL B 473 15.05 -10.63 -8.40
C VAL B 473 15.29 -11.19 -7.01
N PHE B 474 14.29 -11.84 -6.43
CA PHE B 474 14.49 -12.45 -5.12
C PHE B 474 15.16 -13.77 -5.34
N THR B 475 16.33 -13.94 -4.76
CA THR B 475 17.14 -15.12 -5.01
C THR B 475 17.55 -15.84 -3.74
N VAL B 476 17.44 -17.16 -3.76
CA VAL B 476 17.91 -18.00 -2.67
C VAL B 476 19.12 -18.78 -3.18
N PHE B 477 20.23 -18.68 -2.46
CA PHE B 477 21.49 -19.22 -2.98
C PHE B 477 22.48 -19.76 -1.96
N LYS B 478 23.40 -20.57 -2.50
CA LYS B 478 24.56 -21.13 -1.82
C LYS B 478 25.81 -20.44 -2.38
N ASP B 479 26.93 -20.59 -1.71
CA ASP B 479 28.17 -19.98 -2.19
C ASP B 479 28.41 -20.17 -3.68
N ASN B 480 28.26 -21.39 -4.16
CA ASN B 480 28.60 -21.67 -5.55
C ASN B 480 27.41 -22.07 -6.40
N GLU B 481 26.20 -21.74 -5.98
CA GLU B 481 25.02 -22.16 -6.71
C GLU B 481 23.80 -21.31 -6.43
N ILE B 482 23.02 -21.00 -7.45
CA ILE B 482 21.75 -20.32 -7.21
C ILE B 482 20.66 -21.35 -7.30
N LEU B 483 19.87 -21.47 -6.25
CA LEU B 483 18.91 -22.55 -6.17
C LEU B 483 17.61 -22.18 -6.86
N TYR B 484 17.09 -21.02 -6.54
CA TYR B 484 15.85 -20.59 -7.18
C TYR B 484 15.61 -19.12 -7.03
N ARG B 485 14.78 -18.58 -7.92
CA ARG B 485 14.57 -17.14 -7.90
C ARG B 485 13.22 -16.74 -8.48
N ALA B 486 12.80 -15.51 -8.18
CA ALA B 486 11.60 -14.94 -8.79
C ALA B 486 11.74 -13.46 -9.01
N GLN B 487 11.22 -12.98 -10.12
CA GLN B 487 11.28 -11.56 -10.43
C GLN B 487 10.25 -10.78 -9.62
N LEU B 488 10.65 -9.61 -9.14
CA LEU B 488 9.76 -8.74 -8.39
C LEU B 488 9.21 -7.62 -9.24
N ALA B 489 9.71 -7.53 -10.47
CA ALA B 489 9.37 -6.48 -11.41
C ALA B 489 9.72 -6.93 -12.82
N SER B 490 9.30 -6.18 -13.82
CA SER B 490 9.62 -6.55 -15.19
C SER B 490 11.12 -6.47 -15.45
N GLU B 491 11.53 -7.09 -16.53
CA GLU B 491 12.93 -7.22 -16.93
C GLU B 491 13.67 -5.89 -16.97
N ASP B 492 12.99 -4.84 -17.44
CA ASP B 492 13.61 -3.54 -17.62
C ASP B 492 13.26 -2.52 -16.54
N THR B 493 12.74 -2.97 -15.42
CA THR B 493 12.41 -2.04 -14.35
C THR B 493 13.65 -1.62 -13.58
N ASN B 494 13.81 -0.32 -13.39
CA ASN B 494 14.96 0.20 -12.66
C ASN B 494 14.81 -0.03 -11.18
N ALA B 495 15.92 -0.35 -10.52
CA ALA B 495 15.89 -0.49 -9.07
C ALA B 495 17.28 -0.26 -8.49
N GLN B 496 17.32 0.23 -7.26
CA GLN B 496 18.60 0.48 -6.58
C GLN B 496 18.81 -0.36 -5.32
N LYS B 497 18.57 0.26 -4.17
CA LYS B 497 18.85 -0.36 -2.88
C LYS B 497 17.83 -1.40 -2.52
N THR B 498 18.29 -2.48 -1.88
CA THR B 498 17.33 -3.44 -1.37
C THR B 498 17.75 -3.81 0.04
N ILE B 499 16.78 -4.06 0.90
CA ILE B 499 17.08 -4.50 2.26
C ILE B 499 16.29 -5.74 2.61
N THR B 500 16.96 -6.85 2.91
CA THR B 500 16.22 -8.08 3.22
C THR B 500 16.31 -8.46 4.70
N ASN B 501 15.15 -8.65 5.33
CA ASN B 501 15.09 -9.08 6.71
C ASN B 501 14.17 -10.28 6.86
N CYS B 502 14.71 -11.44 7.30
CA CYS B 502 13.93 -12.68 7.44
C CYS B 502 13.64 -12.95 8.91
N PHE B 503 12.49 -13.57 9.14
CA PHE B 503 11.96 -13.86 10.45
C PHE B 503 10.95 -15.00 10.41
N LEU B 504 10.54 -15.48 11.57
CA LEU B 504 9.56 -16.55 11.62
C LEU B 504 8.16 -16.14 12.01
N LEU B 505 7.22 -16.42 11.11
CA LEU B 505 5.81 -16.17 11.35
C LEU B 505 5.11 -17.50 11.47
N LYS B 506 4.59 -17.80 12.64
CA LYS B 506 3.98 -19.12 12.88
C LYS B 506 4.96 -20.23 12.50
N ASN B 507 6.23 -20.03 12.85
CA ASN B 507 7.32 -20.96 12.60
C ASN B 507 7.67 -21.18 11.13
N LYS B 508 7.22 -20.31 10.24
CA LYS B 508 7.60 -20.42 8.84
C LYS B 508 8.49 -19.26 8.45
N ILE B 509 9.44 -19.48 7.53
CA ILE B 509 10.33 -18.39 7.20
C ILE B 509 9.79 -17.45 6.15
N TRP B 510 9.68 -16.20 6.53
CA TRP B 510 9.27 -15.13 5.66
C TRP B 510 10.37 -14.11 5.59
N CYS B 511 10.56 -13.48 4.43
CA CYS B 511 11.53 -12.42 4.25
C CYS B 511 10.84 -11.19 3.70
N ILE B 512 11.06 -10.06 4.35
CA ILE B 512 10.51 -8.83 3.84
C ILE B 512 11.61 -8.04 3.20
N SER B 513 11.41 -7.75 1.93
CA SER B 513 12.42 -7.09 1.14
C SER B 513 11.95 -5.73 0.70
N LEU B 514 12.66 -4.70 1.13
CA LEU B 514 12.35 -3.36 0.71
C LEU B 514 13.15 -3.12 -0.54
N VAL B 515 12.50 -2.76 -1.63
CA VAL B 515 13.22 -2.57 -2.89
C VAL B 515 12.95 -1.20 -3.48
N GLU B 516 14.00 -0.42 -3.72
CA GLU B 516 13.81 0.91 -4.31
C GLU B 516 13.56 0.86 -5.80
N ILE B 517 12.31 0.62 -6.16
CA ILE B 517 11.94 0.56 -7.57
C ILE B 517 11.59 1.93 -8.10
N TYR B 518 12.21 2.28 -9.23
CA TYR B 518 12.06 3.56 -9.88
C TYR B 518 11.22 3.47 -11.14
N ASP B 519 9.93 3.19 -11.00
CA ASP B 519 9.05 3.08 -12.14
C ASP B 519 8.53 4.44 -12.52
N THR B 520 9.34 5.12 -13.31
CA THR B 520 9.14 6.49 -13.71
C THR B 520 7.74 6.77 -14.24
N GLY B 521 7.18 5.80 -14.96
CA GLY B 521 5.91 5.98 -15.65
C GLY B 521 4.90 6.86 -14.91
N ASP B 522 4.50 6.51 -13.70
CA ASP B 522 3.47 7.30 -13.05
C ASP B 522 3.52 7.36 -11.52
N ASN B 523 2.50 8.02 -10.96
CA ASN B 523 2.25 8.20 -9.54
C ASN B 523 3.42 8.85 -8.78
N VAL B 524 3.79 8.24 -7.65
CA VAL B 524 4.82 8.75 -6.77
C VAL B 524 5.85 7.68 -6.55
N ILE B 525 7.12 8.03 -6.72
CA ILE B 525 8.15 7.03 -6.57
C ILE B 525 8.35 6.70 -5.10
N ARG B 526 8.22 5.42 -4.79
CA ARG B 526 8.39 4.92 -3.43
C ARG B 526 9.08 3.57 -3.50
N PRO B 527 9.74 3.14 -2.45
CA PRO B 527 10.16 1.78 -2.26
C PRO B 527 8.95 0.88 -2.19
N LYS B 528 9.09 -0.35 -2.64
CA LYS B 528 8.03 -1.31 -2.53
C LYS B 528 8.42 -2.37 -1.54
N LEU B 529 7.47 -2.83 -0.75
CA LEU B 529 7.74 -3.84 0.27
C LEU B 529 7.23 -5.19 -0.13
N PHE B 530 8.12 -6.13 -0.34
CA PHE B 530 7.70 -7.45 -0.75
C PHE B 530 7.80 -8.43 0.40
N ALA B 531 6.81 -9.28 0.53
CA ALA B 531 6.85 -10.33 1.54
C ALA B 531 6.97 -11.66 0.84
N VAL B 532 8.09 -12.32 1.01
CA VAL B 532 8.35 -13.55 0.30
C VAL B 532 8.44 -14.72 1.25
N LYS B 533 7.65 -15.74 1.01
CA LYS B 533 7.70 -16.92 1.85
C LYS B 533 8.70 -17.88 1.27
N ILE B 534 9.56 -18.43 2.12
CA ILE B 534 10.54 -19.38 1.64
C ILE B 534 9.87 -20.75 1.60
N PRO B 535 9.84 -21.41 0.44
CA PRO B 535 9.17 -22.66 0.20
C PRO B 535 9.85 -23.81 0.91
N GLU B 536 9.06 -24.79 1.32
CA GLU B 536 9.55 -25.99 1.98
C GLU B 536 9.78 -27.16 1.02
N GLN B 537 8.97 -27.21 -0.02
CA GLN B 537 9.04 -28.33 -0.96
C GLN B 537 9.46 -27.85 -2.33
N CYS B 538 10.38 -28.58 -2.95
CA CYS B 538 10.95 -28.28 -4.27
C CYS B 538 10.08 -28.84 -5.38
N TYR B 539 9.12 -29.68 -5.00
CA TYR B 539 8.23 -30.33 -5.94
C TYR B 539 8.97 -30.68 -7.21
N GLU C 1 -38.65 7.40 -19.59
CA GLU C 1 -38.37 7.95 -20.91
C GLU C 1 -37.88 9.39 -20.78
N VAL C 2 -36.69 9.68 -21.35
CA VAL C 2 -36.06 10.99 -21.36
C VAL C 2 -36.46 11.76 -22.61
N LYS C 3 -36.97 12.97 -22.42
CA LYS C 3 -37.37 13.79 -23.54
C LYS C 3 -36.88 15.22 -23.40
N LEU C 4 -36.42 15.77 -24.51
CA LEU C 4 -36.06 17.19 -24.58
C LEU C 4 -36.84 17.80 -25.74
N GLU C 5 -37.65 18.81 -25.45
CA GLU C 5 -38.48 19.40 -26.49
C GLU C 5 -38.22 20.88 -26.71
N GLU C 6 -37.67 21.20 -27.87
CA GLU C 6 -37.32 22.57 -28.21
C GLU C 6 -38.50 23.34 -28.80
N SER C 7 -38.56 24.62 -28.47
CA SER C 7 -39.52 25.52 -29.08
C SER C 7 -38.91 26.91 -29.21
N GLY C 8 -39.71 27.87 -29.68
CA GLY C 8 -39.26 29.24 -29.86
C GLY C 8 -38.59 29.49 -31.21
N GLY C 9 -38.66 28.51 -32.11
CA GLY C 9 -38.04 28.66 -33.43
C GLY C 9 -38.93 29.48 -34.34
N GLY C 10 -38.52 29.61 -35.60
CA GLY C 10 -39.27 30.43 -36.54
C GLY C 10 -38.36 31.26 -37.44
N LEU C 11 -38.95 32.24 -38.12
CA LEU C 11 -38.23 33.11 -39.05
C LEU C 11 -38.01 34.50 -38.48
N VAL C 12 -36.74 34.88 -38.36
CA VAL C 12 -36.35 36.20 -37.86
C VAL C 12 -35.33 36.84 -38.79
N GLN C 13 -35.57 38.08 -39.16
CA GLN C 13 -34.66 38.76 -40.08
C GLN C 13 -33.35 39.12 -39.36
N PRO C 14 -32.23 39.23 -40.09
CA PRO C 14 -30.93 39.58 -39.57
C PRO C 14 -31.00 40.86 -38.74
N GLY C 15 -30.32 40.82 -37.61
CA GLY C 15 -30.28 41.93 -36.67
C GLY C 15 -31.33 41.76 -35.58
N GLY C 16 -32.25 40.83 -35.77
CA GLY C 16 -33.31 40.60 -34.81
C GLY C 16 -32.87 39.62 -33.72
N SER C 17 -33.83 39.06 -33.02
CA SER C 17 -33.52 38.15 -31.94
C SER C 17 -34.56 37.07 -31.80
N MET C 18 -34.17 35.99 -31.16
CA MET C 18 -35.05 34.85 -30.90
C MET C 18 -34.69 34.23 -29.57
N LYS C 19 -35.68 33.65 -28.88
CA LYS C 19 -35.39 32.95 -27.64
C LYS C 19 -35.88 31.51 -27.72
N LEU C 20 -34.95 30.57 -27.63
CA LEU C 20 -35.31 29.18 -27.72
C LEU C 20 -35.54 28.64 -26.33
N SER C 21 -36.44 27.68 -26.23
CA SER C 21 -36.77 27.08 -24.96
C SER C 21 -36.86 25.57 -25.04
N CYS C 22 -36.09 24.88 -24.18
CA CYS C 22 -36.04 23.43 -24.09
C CYS C 22 -36.75 22.96 -22.83
N VAL C 23 -37.79 22.17 -22.99
CA VAL C 23 -38.49 21.62 -21.86
C VAL C 23 -37.97 20.23 -21.60
N ALA C 24 -37.50 20.01 -20.39
CA ALA C 24 -36.90 18.75 -20.03
C ALA C 24 -37.81 17.92 -19.16
N SER C 25 -37.89 16.62 -19.46
CA SER C 25 -38.66 15.72 -18.62
C SER C 25 -38.07 14.33 -18.62
N GLY C 26 -38.41 13.54 -17.59
CA GLY C 26 -37.97 12.15 -17.50
C GLY C 26 -36.66 12.00 -16.75
N PHE C 27 -36.11 13.10 -16.23
CA PHE C 27 -34.86 13.02 -15.52
C PHE C 27 -34.68 14.14 -14.53
N SER C 28 -33.70 13.99 -13.66
CA SER C 28 -33.43 14.99 -12.64
C SER C 28 -32.60 16.13 -13.19
N PHE C 29 -33.28 17.01 -13.89
CA PHE C 29 -32.70 18.12 -14.61
C PHE C 29 -31.64 18.88 -13.82
N SER C 30 -31.87 19.11 -12.54
CA SER C 30 -30.98 19.92 -11.72
C SER C 30 -29.59 19.32 -11.50
N TYR C 31 -29.37 18.06 -11.89
CA TYR C 31 -28.07 17.44 -11.72
C TYR C 31 -27.27 17.30 -13.01
N TYR C 32 -27.82 17.71 -14.14
CA TYR C 32 -27.13 17.50 -15.41
C TYR C 32 -26.78 18.78 -16.12
N TRP C 33 -25.69 18.75 -16.87
CA TRP C 33 -25.27 19.85 -17.70
C TRP C 33 -26.10 19.86 -18.96
N MET C 34 -26.43 21.05 -19.45
CA MET C 34 -27.20 21.14 -20.68
C MET C 34 -26.45 21.93 -21.73
N ASN C 35 -26.61 21.53 -22.97
CA ASN C 35 -25.91 22.16 -24.08
C ASN C 35 -26.81 22.44 -25.26
N TRP C 36 -26.39 23.38 -26.08
CA TRP C 36 -27.03 23.59 -27.37
C TRP C 36 -26.05 23.31 -28.49
N VAL C 37 -26.52 22.62 -29.50
CA VAL C 37 -25.76 22.30 -30.69
C VAL C 37 -26.56 22.70 -31.89
N ARG C 38 -25.95 23.33 -32.87
CA ARG C 38 -26.70 23.72 -34.05
C ARG C 38 -26.28 22.91 -35.26
N GLN C 39 -27.20 22.68 -36.16
CA GLN C 39 -26.87 21.94 -37.36
C GLN C 39 -27.22 22.66 -38.65
N SER C 40 -26.30 22.61 -39.60
CA SER C 40 -26.52 23.23 -40.89
C SER C 40 -25.80 22.44 -41.98
N PRO C 41 -26.28 22.47 -43.23
CA PRO C 41 -25.63 21.89 -44.39
C PRO C 41 -24.17 22.34 -44.55
N GLU C 42 -23.89 23.59 -44.19
CA GLU C 42 -22.56 24.16 -44.31
C GLU C 42 -21.56 23.68 -43.25
N LYS C 43 -22.01 23.58 -42.01
CA LYS C 43 -21.11 23.26 -40.90
C LYS C 43 -21.31 21.89 -40.28
N GLY C 44 -22.35 21.17 -40.65
CA GLY C 44 -22.66 19.92 -39.98
C GLY C 44 -23.05 20.24 -38.56
N LEU C 45 -22.47 19.57 -37.58
CA LEU C 45 -22.81 19.85 -36.19
C LEU C 45 -21.82 20.81 -35.59
N GLU C 46 -22.33 21.88 -35.01
CA GLU C 46 -21.50 22.89 -34.40
C GLU C 46 -21.97 23.15 -32.98
N TRP C 47 -21.06 23.03 -32.03
CA TRP C 47 -21.45 23.29 -30.65
C TRP C 47 -21.66 24.78 -30.44
N VAL C 48 -22.72 25.14 -29.71
CA VAL C 48 -23.03 26.55 -29.49
C VAL C 48 -22.74 27.01 -28.07
N ALA C 49 -23.33 26.34 -27.08
CA ALA C 49 -23.15 26.82 -25.71
C ALA C 49 -23.40 25.73 -24.68
N GLU C 50 -22.81 25.92 -23.50
CA GLU C 50 -22.99 25.01 -22.37
C GLU C 50 -23.32 25.75 -21.10
N ILE C 51 -24.24 25.19 -20.34
CA ILE C 51 -24.62 25.71 -19.03
C ILE C 51 -24.45 24.64 -17.95
N ARG C 52 -23.64 24.96 -16.96
CA ARG C 52 -23.31 24.07 -15.87
C ARG C 52 -24.35 24.14 -14.75
N LEU C 53 -24.10 23.45 -13.65
CA LEU C 53 -25.08 23.34 -12.57
C LEU C 53 -25.04 24.52 -11.62
N LYS C 54 -26.05 24.63 -10.76
CA LYS C 54 -26.05 25.65 -9.71
C LYS C 54 -24.77 25.57 -8.88
N SER C 55 -24.30 24.35 -8.62
CA SER C 55 -23.10 24.12 -7.83
C SER C 55 -21.84 24.60 -8.53
N ASN C 56 -21.96 24.88 -9.82
CA ASN C 56 -20.87 25.37 -10.64
C ASN C 56 -21.08 26.86 -10.88
N ASN C 57 -22.02 27.44 -10.12
CA ASN C 57 -22.46 28.83 -10.25
C ASN C 57 -23.01 29.12 -11.64
N TYR C 58 -23.69 28.12 -12.23
CA TYR C 58 -24.27 28.28 -13.55
C TYR C 58 -23.26 28.82 -14.53
N GLY C 59 -22.05 28.28 -14.48
CA GLY C 59 -21.00 28.75 -15.37
C GLY C 59 -21.38 28.48 -16.81
N THR C 60 -20.95 29.35 -17.69
CA THR C 60 -21.29 29.19 -19.10
C THR C 60 -20.07 29.17 -19.98
N HIS C 61 -20.21 28.50 -21.11
CA HIS C 61 -19.19 28.48 -22.14
C HIS C 61 -19.84 28.66 -23.49
N TYR C 62 -19.20 29.41 -24.37
CA TYR C 62 -19.77 29.64 -25.69
C TYR C 62 -18.77 29.44 -26.79
N ALA C 63 -19.26 29.03 -27.95
CA ALA C 63 -18.44 29.01 -29.14
C ALA C 63 -18.10 30.45 -29.48
N GLU C 64 -16.91 30.70 -29.98
CA GLU C 64 -16.50 32.07 -30.27
C GLU C 64 -17.44 32.76 -31.25
N SER C 65 -18.02 32.01 -32.18
CA SER C 65 -18.89 32.58 -33.19
C SER C 65 -20.20 33.13 -32.64
N VAL C 66 -20.58 32.73 -31.42
CA VAL C 66 -21.81 33.21 -30.80
C VAL C 66 -21.52 33.92 -29.49
N LYS C 67 -20.30 33.80 -29.02
CA LYS C 67 -19.93 34.39 -27.75
C LYS C 67 -20.12 35.89 -27.82
N GLY C 68 -20.85 36.43 -26.85
CA GLY C 68 -21.14 37.85 -26.78
C GLY C 68 -22.49 38.19 -27.39
N ARG C 69 -23.09 37.26 -28.12
CA ARG C 69 -24.39 37.50 -28.74
C ARG C 69 -25.44 36.62 -28.09
N PHE C 70 -25.06 35.41 -27.74
CA PHE C 70 -26.00 34.47 -27.15
C PHE C 70 -25.85 34.40 -25.64
N THR C 71 -26.96 34.19 -24.95
CA THR C 71 -26.94 33.97 -23.51
C THR C 71 -27.66 32.68 -23.16
N ILE C 72 -27.02 31.82 -22.36
CA ILE C 72 -27.63 30.55 -22.01
C ILE C 72 -27.98 30.58 -20.53
N SER C 73 -29.18 30.15 -20.21
CA SER C 73 -29.62 30.16 -18.81
C SER C 73 -30.57 29.03 -18.50
N ARG C 74 -30.79 28.82 -17.21
CA ARG C 74 -31.66 27.73 -16.75
C ARG C 74 -32.66 28.14 -15.69
N ASP C 75 -33.73 27.37 -15.64
CA ASP C 75 -34.70 27.44 -14.58
C ASP C 75 -34.97 26.02 -14.13
N ASP C 76 -34.36 25.64 -13.01
CA ASP C 76 -34.42 24.25 -12.57
C ASP C 76 -35.80 23.88 -12.06
N SER C 77 -36.50 24.83 -11.48
CA SER C 77 -37.83 24.56 -10.94
C SER C 77 -38.78 24.23 -12.07
N LYS C 78 -38.56 24.87 -13.22
CA LYS C 78 -39.38 24.64 -14.40
C LYS C 78 -38.80 23.57 -15.31
N SER C 79 -37.69 22.96 -14.90
CA SER C 79 -37.01 21.95 -15.70
C SER C 79 -36.79 22.42 -17.13
N SER C 80 -36.13 23.56 -17.29
CA SER C 80 -35.95 24.10 -18.64
C SER C 80 -34.64 24.83 -18.88
N VAL C 81 -34.25 24.86 -20.15
CA VAL C 81 -33.04 25.55 -20.61
C VAL C 81 -33.43 26.58 -21.66
N TYR C 82 -32.88 27.78 -21.55
CA TYR C 82 -33.20 28.80 -22.52
C TYR C 82 -31.96 29.30 -23.23
N LEU C 83 -32.11 29.64 -24.50
CA LEU C 83 -31.02 30.27 -25.24
C LEU C 83 -31.51 31.56 -25.86
N GLN C 84 -30.95 32.66 -25.41
CA GLN C 84 -31.33 33.97 -25.91
C GLN C 84 -30.37 34.36 -27.00
N MET C 85 -30.87 34.45 -28.22
CA MET C 85 -30.00 34.74 -29.35
C MET C 85 -30.22 36.15 -29.87
N ASN C 86 -29.29 37.04 -29.59
CA ASN C 86 -29.43 38.43 -30.01
C ASN C 86 -28.57 38.70 -31.23
N ASN C 87 -28.89 39.75 -31.97
CA ASN C 87 -28.06 40.14 -33.10
C ASN C 87 -27.84 38.96 -34.04
N LEU C 88 -28.93 38.31 -34.41
CA LEU C 88 -28.90 37.17 -35.31
C LEU C 88 -28.37 37.51 -36.68
N ARG C 89 -27.60 36.61 -37.25
CA ARG C 89 -27.04 36.80 -38.59
C ARG C 89 -27.45 35.61 -39.46
N PRO C 90 -27.41 35.69 -40.80
CA PRO C 90 -27.69 34.61 -41.71
C PRO C 90 -26.90 33.35 -41.37
N GLU C 91 -25.74 33.56 -40.77
CA GLU C 91 -24.83 32.50 -40.34
C GLU C 91 -25.47 31.55 -39.33
N ASP C 92 -26.48 32.04 -38.60
CA ASP C 92 -27.12 31.29 -37.53
C ASP C 92 -28.24 30.39 -38.04
N THR C 93 -28.53 30.43 -39.34
CA THR C 93 -29.60 29.60 -39.88
C THR C 93 -29.27 28.13 -39.72
N GLY C 94 -30.21 27.37 -39.19
CA GLY C 94 -30.00 25.93 -38.98
C GLY C 94 -30.94 25.37 -37.91
N ILE C 95 -30.68 24.14 -37.50
CA ILE C 95 -31.50 23.48 -36.51
C ILE C 95 -30.81 23.46 -35.16
N TYR C 96 -31.47 23.98 -34.16
CA TYR C 96 -30.90 24.05 -32.83
C TYR C 96 -31.40 22.93 -31.95
N TYR C 97 -30.47 22.11 -31.50
CA TYR C 97 -30.77 20.97 -30.67
C TYR C 97 -30.43 21.23 -29.22
N CYS C 98 -31.30 20.78 -28.33
CA CYS C 98 -31.11 20.77 -26.89
C CYS C 98 -30.54 19.41 -26.54
N THR C 99 -29.43 19.40 -25.82
CA THR C 99 -28.86 18.13 -25.45
C THR C 99 -28.57 18.05 -23.97
N ARG C 100 -28.55 16.83 -23.46
CA ARG C 100 -28.17 16.58 -22.09
C ARG C 100 -26.87 15.82 -22.02
N VAL C 101 -25.98 16.33 -21.20
CA VAL C 101 -24.68 15.73 -21.07
C VAL C 101 -24.50 14.93 -19.80
N ILE C 102 -24.14 13.67 -20.00
CA ILE C 102 -23.88 12.72 -18.94
C ILE C 102 -22.41 12.42 -18.94
N THR C 103 -21.74 12.71 -17.84
CA THR C 103 -20.30 12.51 -17.78
C THR C 103 -19.63 12.82 -19.12
N THR C 104 -19.69 14.10 -19.50
CA THR C 104 -19.07 14.72 -20.68
C THR C 104 -19.62 14.30 -22.05
N VAL C 105 -20.54 13.35 -22.09
CA VAL C 105 -21.04 12.84 -23.36
C VAL C 105 -22.46 13.31 -23.68
N PHE C 106 -22.67 13.76 -24.91
CA PHE C 106 -23.98 14.24 -25.35
C PHE C 106 -24.90 13.06 -25.65
N ALA C 107 -25.32 12.40 -24.59
CA ALA C 107 -26.12 11.19 -24.67
C ALA C 107 -27.54 11.43 -25.17
N TYR C 108 -28.16 12.54 -24.78
CA TYR C 108 -29.55 12.74 -25.21
C TYR C 108 -29.74 14.00 -25.99
N TRP C 109 -30.47 13.87 -27.10
CA TRP C 109 -30.75 14.99 -27.98
C TRP C 109 -32.25 15.15 -28.15
N GLY C 110 -32.71 16.39 -28.27
CA GLY C 110 -34.09 16.65 -28.57
C GLY C 110 -34.30 16.56 -30.07
N GLN C 111 -35.49 16.92 -30.54
CA GLN C 111 -35.79 16.82 -31.97
C GLN C 111 -35.19 17.98 -32.74
N GLY C 112 -35.05 19.11 -32.08
CA GLY C 112 -34.46 20.29 -32.67
C GLY C 112 -35.51 21.25 -33.18
N THR C 113 -35.20 22.53 -33.14
CA THR C 113 -36.09 23.56 -33.63
C THR C 113 -35.39 24.37 -34.72
N LEU C 114 -36.11 24.66 -35.79
CA LEU C 114 -35.50 25.37 -36.90
C LEU C 114 -35.48 26.87 -36.71
N VAL C 115 -34.32 27.45 -36.92
CA VAL C 115 -34.10 28.87 -36.86
C VAL C 115 -33.67 29.39 -38.22
N THR C 116 -34.47 30.27 -38.81
CA THR C 116 -34.13 30.80 -40.11
C THR C 116 -33.84 32.29 -40.03
N VAL C 117 -32.68 32.71 -40.56
CA VAL C 117 -32.24 34.12 -40.54
C VAL C 117 -31.65 34.46 -41.90
N ILE D 2 -9.52 22.01 -30.85
CA ILE D 2 -9.01 20.78 -31.45
C ILE D 2 -9.77 20.53 -32.76
N VAL D 3 -9.05 20.44 -33.88
CA VAL D 3 -9.62 20.22 -35.21
C VAL D 3 -9.72 18.75 -35.54
N LEU D 4 -10.90 18.31 -36.01
CA LEU D 4 -11.09 16.92 -36.39
C LEU D 4 -11.33 16.78 -37.88
N THR D 5 -10.60 15.87 -38.50
CA THR D 5 -10.78 15.58 -39.92
C THR D 5 -11.19 14.12 -40.12
N GLN D 6 -12.29 13.91 -40.84
CA GLN D 6 -12.76 12.56 -41.07
C GLN D 6 -12.49 12.11 -42.50
N SER D 7 -12.36 10.81 -42.68
CA SER D 7 -12.18 10.26 -44.01
C SER D 7 -12.61 8.80 -44.10
N PRO D 8 -13.05 8.36 -45.28
CA PRO D 8 -13.42 9.11 -46.47
C PRO D 8 -14.59 10.02 -46.18
N ALA D 9 -14.71 11.14 -46.88
CA ALA D 9 -15.82 12.06 -46.68
C ALA D 9 -17.14 11.37 -47.01
N SER D 10 -17.10 10.46 -47.96
CA SER D 10 -18.27 9.71 -48.38
C SER D 10 -17.87 8.30 -48.73
N LEU D 11 -18.62 7.34 -48.19
CA LEU D 11 -18.35 5.94 -48.43
C LEU D 11 -19.50 5.28 -49.15
N ALA D 12 -19.19 4.30 -49.96
CA ALA D 12 -20.19 3.46 -50.61
C ALA D 12 -19.85 2.03 -50.24
N VAL D 13 -20.72 1.41 -49.48
CA VAL D 13 -20.41 0.11 -48.94
C VAL D 13 -21.43 -0.94 -49.34
N SER D 14 -20.96 -2.06 -49.86
CA SER D 14 -21.86 -3.15 -50.20
C SER D 14 -22.39 -3.78 -48.92
N LEU D 15 -23.60 -4.31 -48.96
CA LEU D 15 -24.15 -4.91 -47.75
C LEU D 15 -23.38 -6.16 -47.39
N GLY D 16 -23.19 -6.35 -46.09
CA GLY D 16 -22.48 -7.51 -45.59
C GLY D 16 -20.98 -7.25 -45.47
N GLN D 17 -20.53 -6.11 -45.97
CA GLN D 17 -19.12 -5.77 -45.95
C GLN D 17 -18.76 -4.84 -44.81
N ARG D 18 -17.47 -4.79 -44.50
CA ARG D 18 -16.93 -3.89 -43.49
C ARG D 18 -16.70 -2.50 -44.03
N ALA D 19 -16.93 -1.50 -43.19
CA ALA D 19 -16.59 -0.13 -43.52
C ALA D 19 -15.91 0.55 -42.36
N THR D 20 -14.93 1.38 -42.67
CA THR D 20 -14.25 2.11 -41.61
C THR D 20 -14.24 3.59 -41.88
N ILE D 21 -14.62 4.35 -40.87
CA ILE D 21 -14.59 5.79 -40.91
C ILE D 21 -13.49 6.27 -39.98
N SER D 22 -12.46 6.89 -40.53
CA SER D 22 -11.32 7.31 -39.74
C SER D 22 -11.51 8.75 -39.28
N CYS D 23 -10.86 9.12 -38.16
CA CYS D 23 -10.88 10.48 -37.63
C CYS D 23 -9.51 10.88 -37.08
N ARG D 24 -8.99 11.96 -37.65
CA ARG D 24 -7.69 12.54 -37.34
C ARG D 24 -7.82 13.74 -36.43
N ALA D 25 -7.27 13.67 -35.23
CA ALA D 25 -7.33 14.84 -34.36
C ALA D 25 -6.04 15.62 -34.49
N SER D 26 -6.14 16.95 -34.50
CA SER D 26 -4.97 17.81 -34.56
C SER D 26 -4.20 17.81 -33.23
N GLU D 27 -4.88 17.40 -32.19
CA GLU D 27 -4.32 17.36 -30.85
C GLU D 27 -4.93 16.19 -30.08
N SER D 28 -4.14 15.61 -29.20
CA SER D 28 -4.60 14.48 -28.41
C SER D 28 -5.84 14.82 -27.62
N VAL D 29 -6.76 13.87 -27.57
CA VAL D 29 -8.01 14.05 -26.83
C VAL D 29 -7.97 13.18 -25.59
N HIS D 30 -6.80 12.68 -25.27
CA HIS D 30 -6.63 11.80 -24.14
C HIS D 30 -6.31 12.53 -22.83
N ASP D 31 -6.99 12.11 -21.76
CA ASP D 31 -6.72 12.56 -20.40
C ASP D 31 -7.42 11.65 -19.40
N TYR D 32 -6.91 11.59 -18.18
CA TYR D 32 -7.50 10.77 -17.11
C TYR D 32 -7.57 9.31 -17.49
N GLY D 33 -6.67 8.86 -18.37
CA GLY D 33 -6.66 7.47 -18.81
C GLY D 33 -7.76 7.19 -19.85
N ILE D 34 -8.46 8.22 -20.27
CA ILE D 34 -9.59 8.14 -21.18
C ILE D 34 -9.39 8.94 -22.44
N SER D 35 -9.71 8.35 -23.59
CA SER D 35 -9.68 9.11 -24.83
C SER D 35 -11.06 9.67 -25.08
N PHE D 36 -11.19 10.98 -25.07
CA PHE D 36 -12.50 11.62 -25.16
C PHE D 36 -13.01 11.78 -26.57
N MET D 37 -13.25 10.66 -27.21
CA MET D 37 -13.73 10.65 -28.58
C MET D 37 -15.10 10.00 -28.71
N ASN D 38 -16.08 10.75 -29.18
CA ASN D 38 -17.42 10.20 -29.32
C ASN D 38 -17.81 10.11 -30.78
N TRP D 39 -18.75 9.24 -31.10
CA TRP D 39 -19.29 9.14 -32.45
C TRP D 39 -20.79 9.25 -32.42
N PHE D 40 -21.36 9.95 -33.40
CA PHE D 40 -22.80 10.08 -33.49
C PHE D 40 -23.34 9.63 -34.84
N GLN D 41 -24.51 9.02 -34.83
CA GLN D 41 -25.17 8.59 -36.05
C GLN D 41 -26.43 9.38 -36.30
N GLN D 42 -26.53 10.01 -37.45
CA GLN D 42 -27.74 10.75 -37.76
C GLN D 42 -28.42 10.29 -39.01
N LYS D 43 -29.69 9.96 -38.90
CA LYS D 43 -30.45 9.53 -40.05
C LYS D 43 -31.36 10.67 -40.46
N PRO D 44 -31.76 10.77 -41.73
CA PRO D 44 -32.67 11.77 -42.22
C PRO D 44 -33.93 11.76 -41.38
N GLY D 45 -34.38 12.94 -40.98
CA GLY D 45 -35.59 13.07 -40.17
C GLY D 45 -35.35 12.87 -38.68
N GLN D 46 -34.10 12.65 -38.29
CA GLN D 46 -33.78 12.41 -36.89
C GLN D 46 -32.63 13.28 -36.39
N PRO D 47 -32.55 13.55 -35.08
CA PRO D 47 -31.44 14.16 -34.38
C PRO D 47 -30.31 13.15 -34.30
N PRO D 48 -29.07 13.56 -34.05
CA PRO D 48 -27.93 12.71 -33.81
C PRO D 48 -28.14 11.76 -32.64
N LYS D 49 -27.73 10.51 -32.84
CA LYS D 49 -27.80 9.46 -31.83
C LYS D 49 -26.41 9.10 -31.36
N LEU D 50 -26.20 9.06 -30.05
CA LEU D 50 -24.89 8.67 -29.59
C LEU D 50 -24.64 7.25 -30.04
N LEU D 51 -23.54 7.03 -30.72
CA LEU D 51 -23.25 5.72 -31.25
C LEU D 51 -22.17 5.04 -30.41
N ILE D 52 -21.07 5.76 -30.21
CA ILE D 52 -19.95 5.32 -29.37
C ILE D 52 -19.48 6.47 -28.51
N TYR D 53 -18.94 6.15 -27.36
CA TYR D 53 -18.38 7.22 -26.55
C TYR D 53 -17.07 6.78 -25.92
N SER D 54 -16.24 7.75 -25.60
CA SER D 54 -14.95 7.45 -25.01
C SER D 54 -14.17 6.44 -25.85
N ALA D 55 -14.18 6.64 -27.16
CA ALA D 55 -13.50 5.86 -28.19
C ALA D 55 -14.05 4.45 -28.36
N SER D 56 -14.11 3.68 -27.28
CA SER D 56 -14.53 2.29 -27.39
C SER D 56 -15.82 1.90 -26.68
N ASN D 57 -16.41 2.76 -25.85
CA ASN D 57 -17.61 2.32 -25.14
C ASN D 57 -18.75 2.16 -26.13
N GLN D 58 -19.41 1.03 -26.05
CA GLN D 58 -20.40 0.59 -27.01
C GLN D 58 -21.55 1.55 -27.30
N GLY D 59 -22.08 2.24 -26.31
CA GLY D 59 -23.18 3.15 -26.56
C GLY D 59 -24.52 2.56 -26.13
N SER D 60 -25.47 3.43 -25.80
CA SER D 60 -26.75 2.98 -25.28
C SER D 60 -27.69 2.51 -26.37
N GLY D 61 -27.96 1.21 -26.38
CA GLY D 61 -28.83 0.63 -27.38
C GLY D 61 -28.13 0.47 -28.72
N VAL D 62 -26.81 0.45 -28.70
CA VAL D 62 -26.06 0.33 -29.94
C VAL D 62 -25.54 -1.09 -30.11
N PRO D 63 -25.92 -1.78 -31.18
CA PRO D 63 -25.62 -3.18 -31.45
C PRO D 63 -24.14 -3.38 -31.70
N ALA D 64 -23.69 -4.62 -31.53
CA ALA D 64 -22.28 -5.02 -31.70
C ALA D 64 -21.77 -4.78 -33.12
N ARG D 65 -22.70 -4.52 -34.02
CA ARG D 65 -22.40 -4.21 -35.40
C ARG D 65 -21.47 -3.00 -35.45
N PHE D 66 -21.60 -2.13 -34.45
CA PHE D 66 -20.77 -0.95 -34.38
C PHE D 66 -19.72 -1.12 -33.30
N SER D 67 -18.50 -0.70 -33.61
CA SER D 67 -17.46 -0.69 -32.61
C SER D 67 -16.53 0.46 -32.88
N GLY D 68 -15.79 0.87 -31.86
CA GLY D 68 -14.85 1.96 -32.05
C GLY D 68 -13.51 1.60 -31.44
N SER D 69 -12.49 2.30 -31.89
CA SER D 69 -11.15 2.09 -31.36
C SER D 69 -10.30 3.33 -31.58
N GLY D 70 -9.15 3.35 -30.92
CA GLY D 70 -8.23 4.46 -31.10
C GLY D 70 -7.80 5.05 -29.78
N SER D 71 -6.83 5.93 -29.87
CA SER D 71 -6.26 6.63 -28.74
C SER D 71 -5.51 7.86 -29.23
N GLY D 72 -5.16 8.76 -28.32
CA GLY D 72 -4.34 9.86 -28.75
C GLY D 72 -5.05 10.72 -29.77
N THR D 73 -4.54 10.69 -31.01
CA THR D 73 -5.06 11.44 -32.13
C THR D 73 -5.61 10.57 -33.27
N ASP D 74 -5.53 9.26 -33.09
CA ASP D 74 -5.93 8.33 -34.14
C ASP D 74 -7.14 7.49 -33.77
N PHE D 75 -8.29 7.80 -34.37
CA PHE D 75 -9.53 7.12 -34.03
C PHE D 75 -10.26 6.57 -35.24
N SER D 76 -11.05 5.53 -35.03
CA SER D 76 -11.87 5.02 -36.11
C SER D 76 -13.16 4.36 -35.63
N LEU D 77 -14.16 4.45 -36.49
CA LEU D 77 -15.45 3.79 -36.34
C LEU D 77 -15.54 2.62 -37.29
N ASN D 78 -15.80 1.45 -36.75
CA ASN D 78 -15.85 0.24 -37.56
C ASN D 78 -17.23 -0.36 -37.61
N ILE D 79 -17.78 -0.46 -38.80
CA ILE D 79 -19.12 -1.02 -38.97
C ILE D 79 -19.03 -2.35 -39.72
N HIS D 80 -19.50 -3.43 -39.10
CA HIS D 80 -19.46 -4.72 -39.75
C HIS D 80 -20.40 -5.74 -39.15
N PRO D 81 -21.20 -6.42 -39.97
CA PRO D 81 -21.45 -6.24 -41.39
C PRO D 81 -22.26 -5.00 -41.63
N MET D 82 -22.15 -4.40 -42.80
CA MET D 82 -22.98 -3.26 -43.12
C MET D 82 -24.42 -3.66 -43.40
N GLU D 83 -25.37 -2.90 -42.85
CA GLU D 83 -26.79 -3.11 -43.12
C GLU D 83 -27.42 -1.90 -43.80
N GLU D 84 -28.61 -2.09 -44.37
CA GLU D 84 -29.32 -1.00 -45.04
C GLU D 84 -29.71 0.11 -44.07
N ASP D 85 -29.86 -0.24 -42.80
CA ASP D 85 -30.28 0.71 -41.80
C ASP D 85 -29.12 1.52 -41.27
N ASP D 86 -27.95 1.33 -41.87
CA ASP D 86 -26.78 2.09 -41.48
C ASP D 86 -26.51 3.23 -42.44
N ILE D 87 -27.49 3.53 -43.31
CA ILE D 87 -27.28 4.71 -44.15
C ILE D 87 -27.49 5.91 -43.27
N ALA D 88 -26.44 6.66 -43.05
CA ALA D 88 -26.48 7.74 -42.09
C ALA D 88 -25.29 8.63 -42.21
N MET D 89 -25.38 9.79 -41.60
CA MET D 89 -24.24 10.68 -41.47
C MET D 89 -23.57 10.36 -40.15
N TYR D 90 -22.26 10.20 -40.16
CA TYR D 90 -21.54 9.87 -38.92
C TYR D 90 -20.60 10.98 -38.51
N PHE D 91 -20.72 11.42 -37.27
CA PHE D 91 -19.90 12.53 -36.80
C PHE D 91 -18.90 12.10 -35.74
N CYS D 92 -17.70 12.67 -35.83
CA CYS D 92 -16.60 12.46 -34.88
C CYS D 92 -16.59 13.64 -33.91
N GLN D 93 -16.66 13.38 -32.61
CA GLN D 93 -16.68 14.47 -31.63
C GLN D 93 -15.58 14.44 -30.58
N GLN D 94 -14.98 15.60 -30.38
CA GLN D 94 -13.98 15.81 -29.35
C GLN D 94 -14.65 16.38 -28.12
N SER D 95 -14.52 15.71 -26.97
CA SER D 95 -15.14 16.19 -25.74
C SER D 95 -14.17 16.40 -24.59
N LYS D 96 -12.87 16.44 -24.88
CA LYS D 96 -11.85 16.62 -23.85
C LYS D 96 -11.96 17.97 -23.18
N GLU D 97 -12.19 19.00 -23.98
CA GLU D 97 -12.20 20.36 -23.48
C GLU D 97 -13.21 21.19 -24.23
N VAL D 98 -13.62 22.28 -23.63
CA VAL D 98 -14.55 23.19 -24.26
C VAL D 98 -13.75 24.31 -24.92
N PRO D 99 -14.07 24.68 -26.17
CA PRO D 99 -15.17 24.29 -27.04
C PRO D 99 -15.10 22.84 -27.48
N TYR D 100 -16.27 22.24 -27.57
CA TYR D 100 -16.40 20.88 -28.02
C TYR D 100 -16.50 20.96 -29.51
N THR D 101 -15.97 19.99 -30.22
CA THR D 101 -15.97 20.09 -31.66
C THR D 101 -16.44 18.83 -32.35
N PHE D 102 -16.99 19.00 -33.53
CA PHE D 102 -17.40 17.87 -34.34
C PHE D 102 -16.61 17.85 -35.63
N GLY D 103 -16.47 16.68 -36.22
CA GLY D 103 -15.80 16.56 -37.50
C GLY D 103 -16.76 16.99 -38.59
N GLY D 104 -16.31 16.96 -39.83
CA GLY D 104 -17.12 17.43 -40.94
C GLY D 104 -18.39 16.62 -41.15
N GLY D 105 -18.34 15.34 -40.81
CA GLY D 105 -19.47 14.45 -41.01
C GLY D 105 -19.22 13.56 -42.20
N THR D 106 -19.31 12.26 -41.98
CA THR D 106 -19.07 11.30 -43.03
C THR D 106 -20.37 10.68 -43.48
N LYS D 107 -20.63 10.74 -44.77
CA LYS D 107 -21.88 10.16 -45.23
C LYS D 107 -21.64 8.76 -45.74
N LEU D 108 -22.37 7.81 -45.19
CA LEU D 108 -22.20 6.45 -45.64
C LEU D 108 -23.47 5.93 -46.31
N GLU D 109 -23.31 5.52 -47.56
CA GLU D 109 -24.40 4.97 -48.36
C GLU D 109 -24.12 3.52 -48.77
N ILE D 110 -25.09 2.89 -49.40
CA ILE D 110 -24.97 1.50 -49.80
C ILE D 110 -24.91 1.32 -51.31
N LYS D 111 -23.99 0.45 -51.78
CA LYS D 111 -23.83 0.12 -53.20
C LYS D 111 -24.01 -1.38 -53.43
N GLU E 1 36.08 -24.06 7.25
CA GLU E 1 36.91 -25.13 7.80
C GLU E 1 36.70 -25.20 9.33
N VAL E 2 35.87 -26.16 9.78
CA VAL E 2 35.54 -26.36 11.19
C VAL E 2 36.26 -27.56 11.74
N LYS E 3 37.07 -27.34 12.75
CA LYS E 3 37.84 -28.44 13.32
C LYS E 3 37.64 -28.59 14.81
N LEU E 4 37.28 -29.80 15.22
CA LEU E 4 37.13 -30.14 16.62
C LEU E 4 38.10 -31.27 16.93
N GLU E 5 39.02 -31.03 17.86
CA GLU E 5 40.02 -32.04 18.16
C GLU E 5 40.02 -32.45 19.62
N GLU E 6 39.66 -33.72 19.87
CA GLU E 6 39.60 -34.25 21.22
C GLU E 6 40.96 -34.76 21.68
N SER E 7 41.19 -34.67 22.98
CA SER E 7 42.40 -35.21 23.60
C SER E 7 42.12 -35.61 25.03
N GLY E 8 43.06 -36.33 25.65
CA GLY E 8 42.92 -36.71 27.05
C GLY E 8 42.37 -38.13 27.24
N GLY E 9 42.30 -38.89 26.15
CA GLY E 9 41.80 -40.25 26.22
C GLY E 9 42.90 -41.17 26.75
N GLY E 10 42.66 -42.48 26.70
CA GLY E 10 43.62 -43.43 27.23
C GLY E 10 42.95 -44.44 28.16
N LEU E 11 43.77 -45.23 28.85
CA LEU E 11 43.27 -46.26 29.75
C LEU E 11 43.33 -45.83 31.21
N VAL E 12 42.16 -45.80 31.86
CA VAL E 12 42.04 -45.45 33.27
C VAL E 12 41.29 -46.52 34.02
N GLN E 13 41.84 -46.95 35.14
CA GLN E 13 41.24 -48.04 35.88
C GLN E 13 39.89 -47.63 36.49
N PRO E 14 38.95 -48.56 36.66
CA PRO E 14 37.65 -48.35 37.27
C PRO E 14 37.81 -47.69 38.62
N GLY E 15 36.96 -46.72 38.89
CA GLY E 15 36.98 -45.97 40.13
C GLY E 15 37.86 -44.73 40.01
N GLY E 16 38.60 -44.64 38.90
CA GLY E 16 39.50 -43.52 38.67
C GLY E 16 38.77 -42.40 37.97
N SER E 17 39.53 -41.49 37.37
CA SER E 17 38.93 -40.35 36.71
C SER E 17 39.74 -39.93 35.50
N MET E 18 39.06 -39.23 34.61
CA MET E 18 39.67 -38.72 33.39
C MET E 18 39.09 -37.37 33.02
N LYS E 19 39.87 -36.55 32.36
CA LYS E 19 39.35 -35.29 31.85
C LYS E 19 39.64 -35.16 30.37
N LEU E 20 38.57 -35.07 29.57
CA LEU E 20 38.75 -34.93 28.14
C LEU E 20 38.68 -33.47 27.79
N SER E 21 39.38 -33.11 26.73
CA SER E 21 39.38 -31.73 26.29
C SER E 21 39.28 -31.63 24.77
N CYS E 22 38.34 -30.82 24.30
CA CYS E 22 38.08 -30.56 22.89
C CYS E 22 38.50 -29.15 22.54
N VAL E 23 39.44 -29.03 21.62
CA VAL E 23 39.87 -27.73 21.18
C VAL E 23 39.22 -27.43 19.86
N ALA E 24 38.53 -26.30 19.80
CA ALA E 24 37.79 -25.94 18.62
C ALA E 24 38.43 -24.79 17.88
N SER E 25 38.36 -24.83 16.56
CA SER E 25 38.84 -23.73 15.74
C SER E 25 38.07 -23.57 14.45
N GLY E 26 38.17 -22.38 13.86
CA GLY E 26 37.54 -22.10 12.57
C GLY E 26 36.14 -21.54 12.69
N PHE E 27 35.67 -21.36 13.92
CA PHE E 27 34.33 -20.84 14.11
C PHE E 27 34.19 -20.07 15.41
N SER E 28 33.07 -19.38 15.53
CA SER E 28 32.81 -18.55 16.69
C SER E 28 32.29 -19.37 17.84
N PHE E 29 33.20 -20.07 18.46
CA PHE E 29 32.92 -21.02 19.54
C PHE E 29 31.93 -20.50 20.58
N SER E 30 32.06 -19.25 20.97
CA SER E 30 31.25 -18.71 22.06
C SER E 30 29.75 -18.65 21.75
N TYR E 31 29.36 -18.82 20.49
CA TYR E 31 27.94 -18.74 20.10
C TYR E 31 27.29 -20.08 19.85
N TYR E 32 28.02 -21.17 20.04
CA TYR E 32 27.44 -22.47 19.74
C TYR E 32 27.37 -23.38 20.93
N TRP E 33 26.36 -24.23 20.96
CA TRP E 33 26.23 -25.24 21.99
C TRP E 33 27.20 -26.36 21.68
N MET E 34 27.79 -26.92 22.71
CA MET E 34 28.71 -28.03 22.49
C MET E 34 28.22 -29.26 23.22
N ASN E 35 28.41 -30.40 22.59
CA ASN E 35 27.94 -31.66 23.15
C ASN E 35 28.97 -32.76 23.09
N TRP E 36 28.87 -33.68 24.01
CA TRP E 36 29.65 -34.90 23.94
C TRP E 36 28.74 -36.07 23.69
N VAL E 37 29.15 -36.92 22.78
CA VAL E 37 28.46 -38.14 22.42
C VAL E 37 29.45 -39.25 22.49
N ARG E 38 29.07 -40.40 23.00
CA ARG E 38 30.04 -41.49 23.05
C ARG E 38 29.56 -42.70 22.29
N GLN E 39 30.51 -43.42 21.72
CA GLN E 39 30.18 -44.60 20.96
C GLN E 39 30.78 -45.87 21.49
N SER E 40 29.95 -46.89 21.55
CA SER E 40 30.38 -48.20 21.98
C SER E 40 29.61 -49.22 21.15
N PRO E 41 30.26 -50.19 20.50
CA PRO E 41 29.66 -51.19 19.62
C PRO E 41 28.45 -51.88 20.26
N GLU E 42 28.45 -51.99 21.58
CA GLU E 42 27.36 -52.62 22.30
C GLU E 42 26.06 -51.79 22.27
N LYS E 43 26.19 -50.46 22.23
CA LYS E 43 25.03 -49.57 22.31
C LYS E 43 24.83 -48.71 21.06
N GLY E 44 25.86 -48.54 20.26
CA GLY E 44 25.82 -47.58 19.16
C GLY E 44 26.16 -46.23 19.74
N LEU E 45 25.54 -45.18 19.21
CA LEU E 45 25.83 -43.83 19.69
C LEU E 45 24.90 -43.49 20.83
N GLU E 46 25.40 -42.78 21.83
CA GLU E 46 24.52 -42.24 22.85
C GLU E 46 25.02 -40.90 23.33
N TRP E 47 24.09 -40.02 23.63
CA TRP E 47 24.41 -38.69 24.10
C TRP E 47 24.92 -38.73 25.53
N VAL E 48 25.94 -37.92 25.82
CA VAL E 48 26.50 -37.86 27.16
C VAL E 48 26.19 -36.57 27.88
N ALA E 49 26.56 -35.44 27.30
CA ALA E 49 26.35 -34.18 28.00
C ALA E 49 26.30 -32.99 27.06
N GLU E 50 25.57 -31.96 27.48
CA GLU E 50 25.44 -30.71 26.74
C GLU E 50 25.78 -29.52 27.59
N ILE E 51 26.49 -28.57 26.99
CA ILE E 51 26.78 -27.30 27.64
C ILE E 51 26.32 -26.14 26.77
N ARG E 52 25.45 -25.32 27.34
CA ARG E 52 24.86 -24.18 26.66
C ARG E 52 25.77 -22.95 26.71
N LEU E 53 25.27 -21.82 26.23
CA LEU E 53 26.09 -20.62 26.10
C LEU E 53 26.17 -19.85 27.40
N LYS E 54 27.11 -18.92 27.49
CA LYS E 54 27.20 -18.04 28.65
C LYS E 54 25.87 -17.32 28.88
N SER E 55 25.21 -16.94 27.79
CA SER E 55 23.93 -16.23 27.85
C SER E 55 22.80 -17.12 28.35
N ASN E 56 23.05 -18.42 28.44
CA ASN E 56 22.10 -19.40 28.93
C ASN E 56 22.52 -19.78 30.34
N ASN E 57 23.46 -19.01 30.89
CA ASN E 57 24.09 -19.26 32.19
C ASN E 57 24.78 -20.61 32.22
N TYR E 58 25.39 -21.00 31.10
CA TYR E 58 26.13 -22.26 31.03
C TYR E 58 25.31 -23.41 31.55
N GLY E 59 24.05 -23.47 31.17
CA GLY E 59 23.21 -24.55 31.61
C GLY E 59 23.74 -25.86 31.06
N THR E 60 23.57 -26.92 31.84
CA THR E 60 24.04 -28.23 31.42
C THR E 60 22.98 -29.27 31.48
N HIS E 61 23.14 -30.28 30.66
CA HIS E 61 22.27 -31.43 30.68
C HIS E 61 23.10 -32.68 30.57
N TYR E 62 22.68 -33.73 31.25
CA TYR E 62 23.42 -34.99 31.19
C TYR E 62 22.51 -36.16 30.94
N ALA E 63 23.06 -37.18 30.29
CA ALA E 63 22.34 -38.42 30.17
C ALA E 63 22.15 -39.00 31.56
N GLU E 64 21.04 -39.66 31.78
CA GLU E 64 20.76 -40.21 33.11
C GLU E 64 21.88 -41.11 33.61
N SER E 65 22.50 -41.86 32.70
CA SER E 65 23.54 -42.82 33.04
C SER E 65 24.86 -42.20 33.49
N VAL E 66 25.07 -40.91 33.23
CA VAL E 66 26.31 -40.25 33.63
C VAL E 66 26.04 -39.10 34.59
N LYS E 67 24.79 -38.74 34.75
CA LYS E 67 24.44 -37.66 35.63
C LYS E 67 24.94 -37.95 37.04
N GLY E 68 25.63 -36.97 37.61
CA GLY E 68 26.15 -37.08 38.97
C GLY E 68 27.60 -37.55 38.98
N ARG E 69 28.09 -38.07 37.85
CA ARG E 69 29.47 -38.53 37.79
C ARG E 69 30.27 -37.65 36.86
N PHE E 70 29.62 -37.15 35.82
CA PHE E 70 30.31 -36.32 34.84
C PHE E 70 30.00 -34.84 35.03
N THR E 71 30.97 -33.99 34.75
CA THR E 71 30.77 -32.55 34.73
C THR E 71 31.25 -31.97 33.40
N ILE E 72 30.43 -31.13 32.77
CA ILE E 72 30.81 -30.55 31.50
C ILE E 72 31.00 -29.06 31.68
N SER E 73 32.07 -28.53 31.12
CA SER E 73 32.36 -27.11 31.29
C SER E 73 33.03 -26.50 30.07
N ARG E 74 33.10 -25.18 30.04
CA ARG E 74 33.70 -24.46 28.94
C ARG E 74 34.70 -23.41 29.36
N ASP E 75 35.62 -23.12 28.47
CA ASP E 75 36.56 -22.03 28.63
C ASP E 75 36.67 -21.34 27.28
N ASP E 76 35.81 -20.34 27.08
CA ASP E 76 35.66 -19.71 25.78
C ASP E 76 36.92 -19.03 25.28
N SER E 77 37.74 -18.53 26.19
CA SER E 77 38.94 -17.81 25.78
C SER E 77 39.99 -18.74 25.19
N LYS E 78 39.79 -20.04 25.35
CA LYS E 78 40.69 -21.05 24.79
C LYS E 78 39.97 -21.85 23.72
N SER E 79 38.74 -21.45 23.41
CA SER E 79 37.89 -22.16 22.46
C SER E 79 37.83 -23.63 22.80
N SER E 80 37.53 -23.97 24.05
CA SER E 80 37.54 -25.39 24.40
C SER E 80 36.38 -25.84 25.29
N VAL E 81 36.13 -27.14 25.20
CA VAL E 81 35.10 -27.83 25.97
C VAL E 81 35.74 -28.94 26.78
N TYR E 82 35.37 -29.08 28.03
CA TYR E 82 35.94 -30.13 28.84
C TYR E 82 34.88 -31.07 29.35
N LEU E 83 35.24 -32.35 29.48
CA LEU E 83 34.36 -33.31 30.11
C LEU E 83 35.12 -34.01 31.24
N GLN E 84 34.68 -33.77 32.46
CA GLN E 84 35.31 -34.32 33.65
C GLN E 84 34.56 -35.55 34.08
N MET E 85 35.21 -36.70 34.00
CA MET E 85 34.53 -37.94 34.30
C MET E 85 35.06 -38.56 35.57
N ASN E 86 34.27 -38.51 36.64
CA ASN E 86 34.71 -39.03 37.92
C ASN E 86 34.10 -40.39 38.17
N ASN E 87 34.74 -41.20 39.00
CA ASN E 87 34.18 -42.49 39.36
C ASN E 87 33.81 -43.27 38.10
N LEU E 88 34.80 -43.44 37.23
CA LEU E 88 34.62 -44.14 35.97
C LEU E 88 34.26 -45.60 36.16
N ARG E 89 33.45 -46.11 35.25
CA ARG E 89 33.03 -47.50 35.25
C ARG E 89 33.41 -48.12 33.90
N PRO E 90 33.58 -49.44 33.79
CA PRO E 90 33.83 -50.16 32.55
C PRO E 90 32.80 -49.85 31.48
N GLU E 91 31.61 -49.44 31.93
CA GLU E 91 30.49 -49.09 31.08
C GLU E 91 30.76 -47.85 30.25
N ASP E 92 31.77 -47.08 30.65
CA ASP E 92 32.09 -45.83 30.00
C ASP E 92 33.08 -46.02 28.85
N THR E 93 33.50 -47.26 28.60
CA THR E 93 34.43 -47.51 27.51
C THR E 93 33.81 -47.18 26.16
N GLY E 94 34.55 -46.45 25.33
CA GLY E 94 34.07 -46.11 24.00
C GLY E 94 34.84 -44.95 23.39
N ILE E 95 34.30 -44.42 22.31
CA ILE E 95 34.92 -43.30 21.64
C ILE E 95 34.13 -42.04 21.94
N TYR E 96 34.78 -41.07 22.53
CA TYR E 96 34.11 -39.84 22.90
C TYR E 96 34.29 -38.77 21.85
N TYR E 97 33.18 -38.31 21.31
CA TYR E 97 33.19 -37.31 20.26
C TYR E 97 32.74 -35.96 20.79
N CYS E 98 33.43 -34.92 20.35
CA CYS E 98 33.10 -33.53 20.57
C CYS E 98 32.26 -33.07 19.40
N THR E 99 31.12 -32.47 19.67
CA THR E 99 30.27 -32.03 18.59
C THR E 99 29.86 -30.59 18.73
N ARG E 100 29.58 -29.97 17.60
CA ARG E 100 29.04 -28.63 17.56
C ARG E 100 27.61 -28.67 17.10
N VAL E 101 26.74 -28.00 17.83
CA VAL E 101 25.34 -27.99 17.48
C VAL E 101 24.87 -26.67 16.91
N ILE E 102 24.34 -26.75 15.71
CA ILE E 102 23.82 -25.63 14.95
C ILE E 102 22.33 -25.80 14.85
N THR E 103 21.56 -24.82 15.31
CA THR E 103 20.12 -24.94 15.27
C THR E 103 19.67 -26.37 15.58
N THR E 104 20.02 -26.83 16.79
CA THR E 104 19.65 -28.12 17.40
C THR E 104 20.25 -29.37 16.72
N VAL E 105 20.99 -29.20 15.63
CA VAL E 105 21.54 -30.32 14.88
C VAL E 105 23.05 -30.49 15.08
N PHE E 106 23.46 -31.73 15.35
CA PHE E 106 24.87 -32.06 15.57
C PHE E 106 25.60 -32.10 14.23
N ALA E 107 25.79 -30.93 13.64
CA ALA E 107 26.37 -30.80 12.32
C ALA E 107 27.84 -31.19 12.27
N TYR E 108 28.60 -30.88 13.32
CA TYR E 108 30.03 -31.20 13.24
C TYR E 108 30.48 -32.10 14.37
N TRP E 109 31.31 -33.06 14.01
CA TRP E 109 31.86 -34.01 14.94
C TRP E 109 33.38 -34.00 14.84
N GLY E 110 34.06 -34.19 15.96
CA GLY E 110 35.50 -34.30 15.93
C GLY E 110 35.86 -35.71 15.55
N GLN E 111 37.14 -36.05 15.60
CA GLN E 111 37.56 -37.39 15.21
C GLN E 111 37.26 -38.40 16.29
N GLY E 112 37.24 -37.96 17.53
CA GLY E 112 36.91 -38.80 18.66
C GLY E 112 38.15 -39.31 19.36
N THR E 113 38.04 -39.48 20.67
CA THR E 113 39.16 -39.99 21.45
C THR E 113 38.76 -41.24 22.20
N LEU E 114 39.62 -42.25 22.18
CA LEU E 114 39.28 -43.50 22.84
C LEU E 114 39.47 -43.42 24.34
N VAL E 115 38.46 -43.86 25.05
CA VAL E 115 38.48 -43.96 26.50
C VAL E 115 38.23 -45.40 26.90
N THR E 116 39.16 -45.99 27.62
CA THR E 116 39.00 -47.37 28.04
C THR E 116 39.05 -47.45 29.55
N VAL E 117 38.10 -48.21 30.15
CA VAL E 117 38.01 -48.37 31.60
C VAL E 117 37.83 -49.84 31.93
N ASP F 1 11.65 -40.24 28.27
CA ASP F 1 12.63 -40.24 27.20
C ASP F 1 12.05 -40.87 25.94
N ILE F 2 12.35 -40.27 24.77
CA ILE F 2 11.89 -40.76 23.47
C ILE F 2 12.88 -41.80 22.98
N VAL F 3 12.40 -42.96 22.57
CA VAL F 3 13.32 -43.97 22.07
C VAL F 3 13.01 -44.29 20.63
N LEU F 4 14.04 -44.63 19.87
CA LEU F 4 13.85 -44.93 18.47
C LEU F 4 14.14 -46.36 18.13
N THR F 5 13.36 -46.88 17.19
CA THR F 5 13.61 -48.18 16.63
C THR F 5 13.91 -48.05 15.15
N GLN F 6 15.00 -48.65 14.72
CA GLN F 6 15.35 -48.63 13.31
C GLN F 6 15.16 -50.01 12.73
N SER F 7 14.80 -50.06 11.46
CA SER F 7 14.63 -51.35 10.82
C SER F 7 14.79 -51.25 9.30
N PRO F 8 15.26 -52.33 8.68
CA PRO F 8 15.74 -53.59 9.21
C PRO F 8 17.09 -53.39 9.86
N ALA F 9 17.55 -54.36 10.64
CA ALA F 9 18.85 -54.24 11.29
C ALA F 9 19.98 -54.05 10.29
N SER F 10 19.84 -54.69 9.13
CA SER F 10 20.85 -54.59 8.08
C SER F 10 20.22 -54.72 6.72
N LEU F 11 20.85 -54.11 5.73
CA LEU F 11 20.40 -54.17 4.35
C LEU F 11 21.47 -54.71 3.43
N ALA F 12 21.03 -55.34 2.36
CA ALA F 12 21.93 -55.73 1.29
C ALA F 12 21.27 -55.32 -0.01
N VAL F 13 21.88 -54.36 -0.69
CA VAL F 13 21.30 -53.77 -1.89
C VAL F 13 22.30 -53.81 -3.03
N SER F 14 21.85 -54.21 -4.21
CA SER F 14 22.77 -54.27 -5.34
C SER F 14 23.06 -52.86 -5.78
N LEU F 15 24.23 -52.63 -6.35
CA LEU F 15 24.54 -51.29 -6.79
C LEU F 15 23.55 -50.91 -7.88
N GLY F 16 23.00 -49.70 -7.79
CA GLY F 16 22.02 -49.24 -8.76
C GLY F 16 20.59 -49.40 -8.24
N GLN F 17 20.42 -50.15 -7.17
CA GLN F 17 19.10 -50.36 -6.57
C GLN F 17 18.82 -49.40 -5.43
N ARG F 18 17.54 -49.27 -5.09
CA ARG F 18 17.10 -48.45 -3.98
C ARG F 18 17.34 -49.11 -2.63
N ALA F 19 17.81 -48.33 -1.66
CA ALA F 19 17.97 -48.79 -0.30
C ALA F 19 17.14 -47.93 0.66
N THR F 20 16.22 -48.55 1.40
CA THR F 20 15.41 -47.78 2.33
C THR F 20 15.58 -48.22 3.77
N ILE F 21 15.77 -47.25 4.65
CA ILE F 21 15.92 -47.48 6.07
C ILE F 21 14.83 -46.73 6.85
N SER F 22 14.12 -47.41 7.73
CA SER F 22 13.01 -46.76 8.43
C SER F 22 13.28 -46.55 9.92
N CYS F 23 12.63 -45.52 10.50
CA CYS F 23 12.66 -45.19 11.93
C CYS F 23 11.26 -45.04 12.50
N ARG F 24 11.06 -45.51 13.70
CA ARG F 24 9.83 -45.25 14.40
C ARG F 24 10.11 -44.74 15.79
N ALA F 25 9.41 -43.68 16.16
CA ALA F 25 9.61 -43.08 17.47
C ALA F 25 8.50 -43.50 18.41
N SER F 26 8.86 -43.66 19.68
CA SER F 26 7.87 -43.98 20.71
C SER F 26 6.96 -42.80 20.99
N GLU F 27 7.40 -41.62 20.59
CA GLU F 27 6.66 -40.39 20.78
C GLU F 27 6.99 -39.43 19.66
N SER F 28 6.03 -38.62 19.25
CA SER F 28 6.24 -37.68 18.17
C SER F 28 7.40 -36.75 18.44
N VAL F 29 8.19 -36.52 17.39
CA VAL F 29 9.35 -35.62 17.50
C VAL F 29 9.04 -34.32 16.82
N HIS F 30 7.79 -34.18 16.43
CA HIS F 30 7.27 -32.99 15.79
C HIS F 30 7.00 -31.88 16.80
N ASP F 31 7.43 -30.66 16.44
CA ASP F 31 7.14 -29.44 17.19
C ASP F 31 7.48 -28.23 16.34
N TYR F 32 6.83 -27.12 16.60
CA TYR F 32 7.08 -25.89 15.86
C TYR F 32 6.91 -26.06 14.36
N GLY F 33 6.11 -27.03 13.95
CA GLY F 33 5.89 -27.29 12.52
C GLY F 33 7.05 -28.06 11.89
N ILE F 34 8.00 -28.45 12.72
CA ILE F 34 9.23 -29.13 12.31
C ILE F 34 9.36 -30.52 12.88
N SER F 35 9.76 -31.49 12.07
CA SER F 35 10.00 -32.82 12.60
C SER F 35 11.47 -32.94 12.93
N PHE F 36 11.80 -33.06 14.21
CA PHE F 36 13.20 -33.04 14.64
C PHE F 36 13.86 -34.40 14.50
N MET F 37 14.00 -34.84 13.27
CA MET F 37 14.56 -36.15 13.00
C MET F 37 15.81 -36.03 12.15
N ASN F 38 16.94 -36.48 12.65
CA ASN F 38 18.17 -36.37 11.89
C ASN F 38 18.74 -37.73 11.50
N TRP F 39 19.56 -37.77 10.46
CA TRP F 39 20.24 -38.99 10.07
C TRP F 39 21.73 -38.77 9.96
N PHE F 40 22.51 -39.75 10.38
CA PHE F 40 23.96 -39.66 10.28
C PHE F 40 24.56 -40.88 9.59
N GLN F 41 25.56 -40.64 8.77
CA GLN F 41 26.25 -41.72 8.08
C GLN F 41 27.62 -41.93 8.67
N GLN F 42 27.85 -43.11 9.24
CA GLN F 42 29.17 -43.34 9.82
C GLN F 42 29.94 -44.43 9.11
N LYS F 43 31.01 -44.04 8.45
CA LYS F 43 31.85 -45.01 7.77
C LYS F 43 32.88 -45.50 8.78
N PRO F 44 33.37 -46.73 8.69
CA PRO F 44 34.36 -47.30 9.59
C PRO F 44 35.58 -46.40 9.70
N GLY F 45 36.02 -46.15 10.93
CA GLY F 45 37.20 -45.34 11.20
C GLY F 45 36.92 -43.84 11.16
N GLN F 46 35.67 -43.45 10.96
CA GLN F 46 35.30 -42.05 10.87
C GLN F 46 34.17 -41.69 11.83
N PRO F 47 34.04 -40.41 12.22
CA PRO F 47 32.94 -39.89 13.00
C PRO F 47 31.69 -39.86 12.12
N PRO F 48 30.50 -39.86 12.70
CA PRO F 48 29.25 -39.72 12.00
C PRO F 48 29.19 -38.40 11.24
N LYS F 49 28.67 -38.44 10.02
CA LYS F 49 28.50 -37.25 9.22
C LYS F 49 27.03 -36.91 9.11
N LEU F 50 26.66 -35.66 9.31
CA LEU F 50 25.26 -35.33 9.16
C LEU F 50 24.84 -35.59 7.74
N LEU F 51 23.81 -36.38 7.57
CA LEU F 51 23.36 -36.78 6.26
C LEU F 51 22.07 -36.10 5.88
N ILE F 52 21.12 -36.10 6.79
CA ILE F 52 19.80 -35.49 6.61
C ILE F 52 19.43 -34.83 7.93
N TYR F 53 18.76 -33.69 7.90
CA TYR F 53 18.30 -33.15 9.16
C TYR F 53 16.90 -32.61 9.04
N SER F 54 16.23 -32.49 10.17
CA SER F 54 14.86 -32.01 10.16
C SER F 54 14.00 -32.80 9.17
N ALA F 55 14.11 -34.11 9.24
CA ALA F 55 13.38 -35.10 8.45
C ALA F 55 13.78 -35.12 6.99
N SER F 56 13.71 -33.98 6.30
CA SER F 56 13.97 -33.95 4.88
C SER F 56 15.11 -33.05 4.39
N ASN F 57 15.67 -32.19 5.24
CA ASN F 57 16.69 -31.27 4.71
C ASN F 57 17.94 -32.06 4.38
N GLN F 58 18.38 -31.93 3.14
CA GLN F 58 19.48 -32.73 2.63
C GLN F 58 20.80 -32.65 3.38
N GLY F 59 21.11 -31.54 4.00
CA GLY F 59 22.39 -31.48 4.72
C GLY F 59 23.51 -30.97 3.83
N SER F 60 24.65 -30.69 4.43
CA SER F 60 25.77 -30.10 3.71
C SER F 60 26.75 -31.15 3.22
N GLY F 61 27.08 -31.10 1.93
CA GLY F 61 28.02 -32.04 1.35
C GLY F 61 27.36 -33.40 1.09
N VAL F 62 26.05 -33.37 0.89
CA VAL F 62 25.28 -34.58 0.66
C VAL F 62 24.68 -34.55 -0.75
N PRO F 63 24.94 -35.58 -1.56
CA PRO F 63 24.50 -35.70 -2.94
C PRO F 63 23.01 -36.00 -3.04
N ALA F 64 22.46 -35.77 -4.24
CA ALA F 64 21.04 -35.98 -4.57
C ALA F 64 20.60 -37.40 -4.34
N ARG F 65 21.58 -38.28 -4.25
CA ARG F 65 21.40 -39.69 -4.02
C ARG F 65 20.64 -39.92 -2.71
N PHE F 66 20.80 -39.00 -1.75
CA PHE F 66 20.15 -39.14 -0.46
C PHE F 66 18.99 -38.19 -0.29
N SER F 67 17.88 -38.73 0.18
CA SER F 67 16.71 -37.94 0.51
C SER F 67 15.99 -38.58 1.68
N GLY F 68 15.15 -37.82 2.36
CA GLY F 68 14.40 -38.41 3.46
C GLY F 68 13.02 -37.82 3.55
N SER F 69 12.18 -38.43 4.36
CA SER F 69 10.82 -37.97 4.53
C SER F 69 10.22 -38.48 5.83
N GLY F 70 9.07 -37.95 6.19
CA GLY F 70 8.36 -38.42 7.37
C GLY F 70 7.87 -37.30 8.25
N SER F 71 7.09 -37.68 9.24
CA SER F 71 6.52 -36.76 10.22
C SER F 71 6.07 -37.52 11.46
N GLY F 72 5.85 -36.81 12.56
CA GLY F 72 5.31 -37.48 13.73
C GLY F 72 6.27 -38.53 14.26
N THR F 73 5.85 -39.79 14.15
CA THR F 73 6.62 -40.93 14.63
C THR F 73 7.09 -41.87 13.52
N ASP F 74 6.91 -41.49 12.26
CA ASP F 74 7.26 -42.39 11.16
C ASP F 74 8.14 -41.70 10.10
N PHE F 75 9.41 -42.11 10.07
CA PHE F 75 10.42 -41.50 9.20
C PHE F 75 11.22 -42.51 8.40
N SER F 76 11.78 -42.07 7.29
CA SER F 76 12.64 -42.95 6.51
C SER F 76 13.72 -42.21 5.72
N LEU F 77 14.79 -42.94 5.46
CA LEU F 77 15.89 -42.51 4.61
C LEU F 77 15.86 -43.29 3.31
N ASN F 78 15.88 -42.56 2.20
CA ASN F 78 15.79 -43.17 0.90
C ASN F 78 17.04 -42.91 0.08
N ILE F 79 17.77 -43.97 -0.21
CA ILE F 79 19.01 -43.84 -0.96
C ILE F 79 18.81 -44.43 -2.35
N HIS F 80 18.95 -43.60 -3.38
CA HIS F 80 18.70 -44.14 -4.71
C HIS F 80 19.36 -43.35 -5.83
N PRO F 81 20.09 -44.04 -6.71
CA PRO F 81 20.54 -45.42 -6.68
C PRO F 81 21.61 -45.54 -5.62
N MET F 82 21.76 -46.70 -4.99
CA MET F 82 22.86 -46.87 -4.06
C MET F 82 24.18 -47.01 -4.80
N GLU F 83 25.23 -46.41 -4.22
CA GLU F 83 26.58 -46.56 -4.77
C GLU F 83 27.48 -47.37 -3.82
N GLU F 84 28.68 -47.69 -4.28
CA GLU F 84 29.62 -48.49 -3.50
C GLU F 84 30.21 -47.71 -2.34
N ASP F 85 29.98 -46.41 -2.31
CA ASP F 85 30.50 -45.56 -1.25
C ASP F 85 29.41 -45.25 -0.22
N ASP F 86 28.31 -46.00 -0.28
CA ASP F 86 27.21 -45.84 0.67
C ASP F 86 27.18 -46.98 1.65
N ILE F 87 28.32 -47.61 1.86
CA ILE F 87 28.41 -48.71 2.80
C ILE F 87 28.79 -48.12 4.14
N ALA F 88 27.82 -48.08 5.03
CA ALA F 88 27.99 -47.37 6.27
C ALA F 88 26.93 -47.75 7.27
N MET F 89 27.15 -47.40 8.52
CA MET F 89 26.12 -47.56 9.51
C MET F 89 25.30 -46.27 9.53
N TYR F 90 24.00 -46.38 9.35
CA TYR F 90 23.15 -45.20 9.32
C TYR F 90 22.38 -45.04 10.61
N PHE F 91 22.66 -43.96 11.32
CA PHE F 91 22.05 -43.71 12.62
C PHE F 91 20.92 -42.71 12.52
N CYS F 92 19.84 -43.01 13.22
CA CYS F 92 18.64 -42.18 13.27
C CYS F 92 18.59 -41.42 14.60
N GLN F 93 18.48 -40.10 14.54
CA GLN F 93 18.51 -39.29 15.77
C GLN F 93 17.26 -38.45 16.05
N GLN F 94 16.86 -38.48 17.32
CA GLN F 94 15.79 -37.67 17.86
C GLN F 94 16.38 -36.43 18.54
N SER F 95 15.96 -35.23 18.10
CA SER F 95 16.50 -34.01 18.70
C SER F 95 15.47 -33.02 19.25
N LYS F 96 14.29 -33.51 19.59
CA LYS F 96 13.24 -32.64 20.14
C LYS F 96 13.41 -32.41 21.63
N GLU F 97 13.85 -33.43 22.34
CA GLU F 97 13.91 -33.40 23.79
C GLU F 97 15.25 -33.81 24.34
N VAL F 98 15.50 -33.39 25.57
CA VAL F 98 16.65 -33.85 26.33
C VAL F 98 16.20 -34.99 27.22
N PRO F 99 16.88 -36.14 27.18
CA PRO F 99 18.08 -36.49 26.47
C PRO F 99 17.88 -36.67 24.99
N TYR F 100 18.95 -36.46 24.25
CA TYR F 100 18.99 -36.70 22.83
C TYR F 100 19.23 -38.18 22.65
N THR F 101 18.59 -38.77 21.67
CA THR F 101 18.76 -40.21 21.50
C THR F 101 19.03 -40.61 20.07
N PHE F 102 19.63 -41.77 19.92
CA PHE F 102 19.90 -42.35 18.62
C PHE F 102 19.30 -43.73 18.55
N GLY F 103 19.00 -44.19 17.35
CA GLY F 103 18.58 -45.57 17.17
C GLY F 103 19.83 -46.42 17.23
N GLY F 104 19.70 -47.73 17.11
CA GLY F 104 20.87 -48.61 17.23
C GLY F 104 21.74 -48.58 15.98
N GLY F 105 21.20 -48.04 14.91
CA GLY F 105 21.90 -47.97 13.64
C GLY F 105 21.52 -49.10 12.72
N THR F 106 21.48 -48.80 11.43
CA THR F 106 21.19 -49.80 10.42
C THR F 106 22.42 -49.88 9.52
N LYS F 107 22.99 -51.06 9.41
CA LYS F 107 24.19 -51.18 8.60
C LYS F 107 23.82 -51.54 7.19
N LEU F 108 24.21 -50.71 6.25
CA LEU F 108 23.86 -50.93 4.86
C LEU F 108 25.07 -51.41 4.07
N GLU F 109 24.93 -52.58 3.46
CA GLU F 109 25.97 -53.21 2.66
C GLU F 109 25.47 -53.48 1.24
N ILE F 110 26.33 -54.03 0.39
CA ILE F 110 25.91 -54.29 -0.98
C ILE F 110 25.99 -55.76 -1.36
N LYS F 111 25.25 -56.12 -2.42
CA LYS F 111 25.23 -57.46 -3.00
C LYS F 111 25.22 -57.38 -4.52
N SER G 69 12.57 71.79 -7.84
CA SER G 69 11.49 71.01 -8.45
C SER G 69 12.01 69.97 -9.42
N GLN G 70 13.15 70.26 -10.03
CA GLN G 70 13.75 69.31 -10.95
C GLN G 70 14.27 68.10 -10.18
N SER G 71 14.78 68.37 -8.98
CA SER G 71 15.35 67.33 -8.15
C SER G 71 14.24 66.50 -7.54
N THR G 72 13.16 67.16 -7.16
CA THR G 72 12.04 66.44 -6.58
C THR G 72 11.45 65.49 -7.60
N ALA G 73 11.27 65.99 -8.82
CA ALA G 73 10.76 65.17 -9.88
C ALA G 73 11.69 64.01 -10.16
N SER G 74 13.00 64.28 -10.14
CA SER G 74 13.97 63.24 -10.44
C SER G 74 13.86 62.07 -9.48
N ILE G 75 13.72 62.38 -8.19
CA ILE G 75 13.63 61.31 -7.21
C ILE G 75 12.34 60.53 -7.38
N ASN G 76 11.22 61.20 -7.56
CA ASN G 76 9.97 60.48 -7.71
C ASN G 76 9.98 59.62 -8.96
N GLU G 77 10.61 60.11 -10.02
CA GLU G 77 10.70 59.31 -11.24
C GLU G 77 11.56 58.09 -11.02
N ASN G 78 12.68 58.26 -10.33
CA ASN G 78 13.59 57.15 -10.08
C ASN G 78 12.93 56.08 -9.21
N VAL G 79 12.16 56.52 -8.21
CA VAL G 79 11.45 55.58 -7.35
C VAL G 79 10.37 54.87 -8.12
N ASN G 80 9.58 55.62 -8.88
CA ASN G 80 8.50 55.01 -9.64
C ASN G 80 9.01 54.01 -10.67
N GLU G 81 10.18 54.28 -11.23
CA GLU G 81 10.77 53.41 -12.23
C GLU G 81 11.47 52.18 -11.63
N LYS G 82 12.23 52.36 -10.57
CA LYS G 82 13.05 51.25 -10.07
C LYS G 82 12.44 50.43 -8.92
N CYS G 83 11.60 51.04 -8.06
CA CYS G 83 11.05 50.37 -6.89
C CYS G 83 9.82 49.54 -7.26
N LYS G 84 10.07 48.50 -8.03
CA LYS G 84 9.03 47.59 -8.46
C LYS G 84 9.09 46.33 -7.64
N PHE G 85 7.95 45.69 -7.47
CA PHE G 85 7.94 44.44 -6.75
C PHE G 85 7.56 43.28 -7.65
N THR G 86 8.52 42.40 -7.81
CA THR G 86 8.34 41.19 -8.58
C THR G 86 8.86 40.07 -7.70
N LEU G 87 8.58 38.84 -8.06
CA LEU G 87 9.11 37.72 -7.30
C LEU G 87 10.26 37.05 -8.06
N PRO G 88 11.52 37.19 -7.61
CA PRO G 88 12.68 36.58 -8.21
C PRO G 88 12.56 35.09 -8.00
N PRO G 89 13.23 34.26 -8.80
CA PRO G 89 13.27 32.83 -8.66
C PRO G 89 13.94 32.48 -7.35
N LEU G 90 13.46 31.42 -6.72
CA LEU G 90 14.00 30.95 -5.46
C LEU G 90 14.97 29.81 -5.68
N LYS G 91 16.20 29.98 -5.25
CA LYS G 91 17.17 28.91 -5.39
C LYS G 91 17.37 28.18 -4.08
N ILE G 92 17.21 26.86 -4.10
CA ILE G 92 17.50 26.07 -2.92
C ILE G 92 18.60 25.07 -3.21
N HIS G 93 19.81 25.35 -2.71
CA HIS G 93 20.99 24.51 -2.94
C HIS G 93 21.33 24.40 -4.43
N GLU G 94 20.53 23.65 -5.16
CA GLU G 94 20.71 23.50 -6.61
C GLU G 94 19.40 23.38 -7.44
N CYS G 95 18.23 23.57 -6.81
CA CYS G 95 16.92 23.53 -7.46
C CYS G 95 16.38 24.94 -7.69
N ASN G 96 15.84 25.15 -8.87
CA ASN G 96 15.27 26.43 -9.27
C ASN G 96 13.75 26.42 -9.13
N ILE G 97 13.21 27.20 -8.17
CA ILE G 97 11.77 27.28 -7.95
C ILE G 97 11.25 28.62 -8.47
N SER G 98 10.42 28.54 -9.51
CA SER G 98 9.89 29.72 -10.17
C SER G 98 8.39 29.79 -9.99
N CYS G 99 7.94 30.75 -9.17
CA CYS G 99 6.54 30.91 -8.79
C CYS G 99 6.04 32.20 -9.41
N PRO G 100 4.73 32.33 -9.65
CA PRO G 100 4.08 33.51 -10.16
C PRO G 100 4.10 34.61 -9.12
N ASN G 101 4.03 35.85 -9.58
CA ASN G 101 3.99 36.97 -8.67
C ASN G 101 2.73 36.87 -7.79
N PRO G 102 2.78 37.13 -6.44
CA PRO G 102 1.65 37.12 -5.50
C PRO G 102 0.46 37.93 -6.03
N SER H 69 18.94 70.81 6.03
CA SER H 69 19.72 69.71 5.44
C SER H 69 19.30 68.33 5.97
N GLN H 70 18.78 68.30 7.21
CA GLN H 70 18.37 67.06 7.89
C GLN H 70 17.15 66.45 7.23
N SER H 71 16.33 67.30 6.63
CA SER H 71 15.14 66.84 5.93
C SER H 71 15.55 66.01 4.72
N THR H 72 16.61 66.45 4.06
CA THR H 72 17.10 65.74 2.89
C THR H 72 17.75 64.44 3.30
N ALA H 73 18.56 64.50 4.34
CA ALA H 73 19.23 63.32 4.85
C ALA H 73 18.20 62.29 5.26
N SER H 74 17.09 62.76 5.81
CA SER H 74 16.00 61.91 6.24
C SER H 74 15.43 61.13 5.07
N ILE H 75 15.29 61.77 3.90
CA ILE H 75 14.74 61.04 2.76
C ILE H 75 15.62 59.87 2.44
N ASN H 76 16.92 60.11 2.40
CA ASN H 76 17.85 59.05 2.07
C ASN H 76 17.70 57.88 3.04
N GLU H 77 17.66 58.20 4.33
CA GLU H 77 17.54 57.17 5.35
C GLU H 77 16.21 56.44 5.26
N ASN H 78 15.15 57.19 4.98
CA ASN H 78 13.82 56.62 4.93
C ASN H 78 13.72 55.55 3.87
N VAL H 79 14.41 55.73 2.76
CA VAL H 79 14.31 54.73 1.73
C VAL H 79 14.93 53.42 2.17
N ASN H 80 16.14 53.46 2.68
CA ASN H 80 16.77 52.18 3.00
C ASN H 80 16.24 51.52 4.27
N GLU H 81 15.74 52.31 5.22
CA GLU H 81 15.24 51.70 6.44
C GLU H 81 13.80 51.22 6.31
N LYS H 82 13.00 51.89 5.48
CA LYS H 82 11.60 51.52 5.34
C LYS H 82 11.27 50.58 4.17
N CYS H 83 12.04 50.67 3.06
CA CYS H 83 11.74 49.92 1.84
C CYS H 83 12.80 48.81 1.66
N LYS H 84 12.46 47.60 2.10
CA LYS H 84 13.41 46.51 2.07
C LYS H 84 12.71 45.17 1.91
N PHE H 85 13.38 44.25 1.21
CA PHE H 85 12.80 42.93 1.01
C PHE H 85 13.52 41.84 1.75
N THR H 86 12.74 40.95 2.34
CA THR H 86 13.23 39.73 2.94
C THR H 86 12.41 38.60 2.37
N LEU H 87 12.97 37.41 2.34
CA LEU H 87 12.19 36.30 1.81
C LEU H 87 11.01 36.03 2.73
N PRO H 88 9.88 35.56 2.19
CA PRO H 88 8.65 35.19 2.87
C PRO H 88 8.79 33.86 3.59
N PRO H 89 7.86 33.52 4.47
CA PRO H 89 7.71 32.20 5.03
C PRO H 89 7.34 31.31 3.87
N LEU H 90 7.73 30.04 3.91
CA LEU H 90 7.44 29.19 2.78
C LEU H 90 6.69 27.94 3.18
N LYS H 91 5.95 27.35 2.25
CA LYS H 91 5.28 26.09 2.53
C LYS H 91 5.49 25.05 1.44
N ILE H 92 5.59 23.79 1.86
CA ILE H 92 5.60 22.66 0.94
C ILE H 92 4.43 21.76 1.26
N HIS H 93 3.42 21.80 0.43
CA HIS H 93 2.19 21.11 0.71
C HIS H 93 1.75 21.54 2.10
N GLU H 94 1.23 20.63 2.90
CA GLU H 94 0.83 21.04 4.24
C GLU H 94 1.97 20.89 5.23
N CYS H 95 2.99 21.77 5.11
CA CYS H 95 4.22 21.73 5.92
C CYS H 95 4.94 23.09 5.88
N ASN H 96 5.28 23.62 7.05
CA ASN H 96 5.82 24.97 7.13
C ASN H 96 7.35 25.03 7.20
N ILE H 97 7.95 25.99 6.48
CA ILE H 97 9.38 26.27 6.49
C ILE H 97 9.65 27.56 7.28
N SER H 98 10.47 27.44 8.32
CA SER H 98 10.77 28.53 9.24
C SER H 98 12.28 28.75 9.43
N CYS H 99 12.78 29.88 8.87
CA CYS H 99 14.21 30.18 8.81
C CYS H 99 14.60 31.26 9.82
N PRO H 100 15.89 31.33 10.22
CA PRO H 100 16.49 32.37 11.04
C PRO H 100 16.44 33.70 10.33
N ASN H 101 16.42 34.78 11.09
CA ASN H 101 16.45 36.10 10.48
C ASN H 101 17.85 36.36 9.90
N PRO H 102 18.01 37.09 8.75
CA PRO H 102 19.28 37.48 8.13
C PRO H 102 20.27 38.07 9.13
#